data_1HC9
# 
_entry.id   1HC9 
# 
_audit_conform.dict_name       mmcif_pdbx.dic 
_audit_conform.dict_version    5.397 
_audit_conform.dict_location   http://mmcif.pdb.org/dictionaries/ascii/mmcif_pdbx.dic 
# 
loop_
_database_2.database_id 
_database_2.database_code 
_database_2.pdbx_database_accession 
_database_2.pdbx_DOI 
PDB   1HC9         pdb_00001hc9 10.2210/pdb1hc9/pdb 
PDBE  EBI-6056     ?            ?                   
WWPDB D_1290006056 ?            ?                   
# 
loop_
_pdbx_audit_revision_history.ordinal 
_pdbx_audit_revision_history.data_content_type 
_pdbx_audit_revision_history.major_revision 
_pdbx_audit_revision_history.minor_revision 
_pdbx_audit_revision_history.revision_date 
1 'Structure model' 1 0 2001-11-10 
2 'Structure model' 1 1 2012-06-20 
3 'Structure model' 1 2 2012-12-19 
4 'Structure model' 1 3 2017-03-22 
5 'Structure model' 1 4 2023-12-13 
6 'Structure model' 1 5 2024-10-16 
# 
_pdbx_audit_revision_details.ordinal             1 
_pdbx_audit_revision_details.revision_ordinal    1 
_pdbx_audit_revision_details.data_content_type   'Structure model' 
_pdbx_audit_revision_details.provider            repository 
_pdbx_audit_revision_details.type                'Initial release' 
_pdbx_audit_revision_details.description         ? 
_pdbx_audit_revision_details.details             ? 
# 
loop_
_pdbx_audit_revision_group.ordinal 
_pdbx_audit_revision_group.revision_ordinal 
_pdbx_audit_revision_group.data_content_type 
_pdbx_audit_revision_group.group 
1  2 'Structure model' 'Database references'       
2  2 'Structure model' 'Derived calculations'      
3  2 'Structure model' 'Non-polymer description'   
4  2 'Structure model' Other                       
5  2 'Structure model' 'Refinement description'    
6  2 'Structure model' 'Source and taxonomy'       
7  2 'Structure model' 'Structure summary'         
8  2 'Structure model' 'Version format compliance' 
9  3 'Structure model' 'Database references'       
10 4 'Structure model' 'Source and taxonomy'       
11 5 'Structure model' 'Data collection'           
12 5 'Structure model' 'Database references'       
13 5 'Structure model' 'Derived calculations'      
14 5 'Structure model' Other                       
15 5 'Structure model' 'Refinement description'    
16 6 'Structure model' 'Structure summary'         
# 
loop_
_pdbx_audit_revision_category.ordinal 
_pdbx_audit_revision_category.revision_ordinal 
_pdbx_audit_revision_category.data_content_type 
_pdbx_audit_revision_category.category 
1 5 'Structure model' chem_comp_atom                
2 5 'Structure model' chem_comp_bond                
3 5 'Structure model' database_2                    
4 5 'Structure model' pdbx_database_status          
5 5 'Structure model' pdbx_initial_refinement_model 
6 5 'Structure model' struct_sheet                  
7 5 'Structure model' struct_site                   
8 6 'Structure model' pdbx_entry_details            
9 6 'Structure model' pdbx_modification_feature     
# 
loop_
_pdbx_audit_revision_item.ordinal 
_pdbx_audit_revision_item.revision_ordinal 
_pdbx_audit_revision_item.data_content_type 
_pdbx_audit_revision_item.item 
1 5 'Structure model' '_database_2.pdbx_DOI'                         
2 5 'Structure model' '_database_2.pdbx_database_accession'          
3 5 'Structure model' '_pdbx_database_status.status_code_sf'         
4 5 'Structure model' '_struct_sheet.number_strands'                 
5 5 'Structure model' '_struct_site.pdbx_auth_asym_id'               
6 5 'Structure model' '_struct_site.pdbx_auth_comp_id'               
7 5 'Structure model' '_struct_site.pdbx_auth_seq_id'                
8 6 'Structure model' '_pdbx_entry_details.has_protein_modification' 
# 
_pdbx_database_status.status_code                     REL 
_pdbx_database_status.entry_id                        1HC9 
_pdbx_database_status.deposit_site                    PDBE 
_pdbx_database_status.process_site                    PDBE 
_pdbx_database_status.SG_entry                        . 
_pdbx_database_status.recvd_initial_deposition_date   2001-05-02 
_pdbx_database_status.pdb_format_compatible           Y 
_pdbx_database_status.status_code_sf                  REL 
_pdbx_database_status.status_code_mr                  ? 
_pdbx_database_status.status_code_cs                  ? 
_pdbx_database_status.methods_development_category    ? 
_pdbx_database_status.status_code_nmr_data            ? 
# 
loop_
_pdbx_database_related.db_name 
_pdbx_database_related.db_id 
_pdbx_database_related.content_type 
_pdbx_database_related.details 
PDB 1ABT unspecified 
;ALPHA-BUNGAROTOXIN COMPLEXED WITH THE 185 - 196 FRAGMENT OF THE ALPHA-SUBUNIT OF THE TORPEDO NICOTINIC ACETYLCHOLINE RECEPTOR (NMR, 4 STRUCTURES)
;
PDB 1BXP unspecified 'SOLUTION NMR STRUCTURE OF THE COMPLEX OF ALPHA-BUNGAROTOXIN WITH A LIBRARY DERIVED PEPTIDE, 20 STRUCTURES' 
PDB 1HAA unspecified 
'A BETA-HAIRPIN STRUCTURE IN A 13-MER PEPTIDE THAT BINDS A-BUNGAROTOXIN WITH HIGH AFFINITY AND NEUTRALIZES ITS TOXICITY' 
PDB 1HAJ unspecified 
'A BETA-HAIRPIN STRUCTURE IN A 13-MER PEPTIDE THAT BINDS A-BUNGAROTOXIN WITH HIGH AFFINITY AND NEUTRALIZES ITS TOXICITY' 
PDB 1HN7 unspecified 'NMR STRUCTURE OF THE COMPLEX BETWEEN A-BUNGAROTOXIN AND AMIMOTOPE OF THE NICOTINIC ACETILCHOLINE RECEPTOR' 
PDB 1HOY unspecified 'NMR STRUCTURE OF THE COMPLEX BETWEEN A-BUNGAROTOXIN AND AMIMOTOPE OF THE NICOTINIC ACETILCHOLINE RECEPTOR' 
PDB 1IDG unspecified 'THE NMR SOLUTION STRUCTURE OF THE COMPLEX FORMED BETWEEN ALPHA-BUNGAROTOXIN AND AN 18MER COGNATE PEPTIDE' 
PDB 1IDH unspecified 'THE NMR SOLUTION STRUCTURE OF THE COMPLEX FORMED BETWEEN ALPHA-BUNGAROTOXIN AND AN 18MER COGNATE PEPTIDE' 
PDB 1IDI unspecified 'THE NMR SOLUTION STRUCTURE OF ALPHA-BUNGAROTOXIN' 
PDB 1IDL unspecified 'THE NMR SOLUTION STRUCTURE OF ALPHA-BUNGAROTOXIN' 
PDB 2BTX unspecified 
'SOLUTION NMR STRUCTURE OF THE COMPLEX OF ALPHA-BUNGAROTOXIN WITH A LIBRARY DERIVED PEPTIDE, NMR, MINIMIZED AVERAGE STRUCTURE' 
# 
loop_
_audit_author.name 
_audit_author.pdbx_ordinal 
'Harel, M.'     1 
'Kasher, R.'    2 
'Sussman, J.L.' 3 
# 
_citation.id                        primary 
_citation.title                     
;The Binding Site of Acetylcholine Receptor as Visualized in the X-Ray Structure of a Complex between Alpha-Bungarotoxin and a Mimotope Peptide.
;
_citation.journal_abbrev            Neuron 
_citation.journal_volume            32 
_citation.page_first                265 
_citation.page_last                 ? 
_citation.year                      2001 
_citation.journal_id_ASTM           NERNET 
_citation.country                   US 
_citation.journal_id_ISSN           0896-6273 
_citation.journal_id_CSD            2038 
_citation.book_publisher            ? 
_citation.pdbx_database_id_PubMed   11683996 
_citation.pdbx_database_id_DOI      '10.1016/S0896-6273(01)00461-5' 
# 
loop_
_citation_author.citation_id 
_citation_author.name 
_citation_author.ordinal 
_citation_author.identifier_ORCID 
primary 'Harel, M.'             1  ? 
primary 'Kasher, R.'            2  ? 
primary 'Nicolas, A.'           3  ? 
primary 'Guss, J.M.'            4  ? 
primary 'Balass, M.'            5  ? 
primary 'Fridkin, M.'           6  ? 
primary 'Smit, A.B.'            7  ? 
primary 'Brejc, K.'             8  ? 
primary 'Sixma, T.K.'           9  ? 
primary 'Katchalski-Katzir, E.' 10 ? 
primary 'Sussman, J.L.'         11 ? 
primary 'Fuchs, S.'             12 ? 
# 
loop_
_entity.id 
_entity.type 
_entity.src_method 
_entity.pdbx_description 
_entity.formula_weight 
_entity.pdbx_number_of_molecules 
_entity.pdbx_ec 
_entity.pdbx_mutation 
_entity.pdbx_fragment 
_entity.details 
1 polymer     nat 'ALPHA-BUNGAROTOXIN ISOFORM V31' 8033.334 1   ? ? ? ALPHA-NEUROTOXIN 
2 polymer     nat 'ALPHA-BUNGAROTOXIN ISOFORM A31' 8005.281 1   ? ? ? ? 
3 polymer     syn 'PEPTIDE INHIBITOR'              1689.843 2   ? ? ? 
'A SYNTHESIZED PEPTIDE MIMICKING ACHR LOOP THAT INHIBITS A-BTX BINDING TO ACHR' 
4 non-polymer syn 'IODIDE ION'                     126.904  2   ? ? ? ? 
5 water       nat water                            18.015   217 ? ? ? ? 
# 
loop_
_entity_name_com.entity_id 
_entity_name_com.name 
1 'ALPHA-BTX V31, ALPHA-BGT(V31), BGTX V31, LONG NEUROTOXIN 1' 
2 'ALPHA-BTX A31, ALPHA-BGT(A31), BGTX A31, LONG NEUROTOXIN 1' 
3 'HIGH AFFINITY PEPTIDE'                                      
# 
loop_
_entity_poly.entity_id 
_entity_poly.type 
_entity_poly.nstd_linkage 
_entity_poly.nstd_monomer 
_entity_poly.pdbx_seq_one_letter_code 
_entity_poly.pdbx_seq_one_letter_code_can 
_entity_poly.pdbx_strand_id 
_entity_poly.pdbx_target_identifier 
1 'polypeptide(L)' no no IVCHTTATSPISAVTCPPGENLCYRKMWCDVFCSSRGKVVELGCAATCPSKKPYEEVTCCSTDKCNPHPKQRPG 
IVCHTTATSPISAVTCPPGENLCYRKMWCDVFCSSRGKVVELGCAATCPSKKPYEEVTCCSTDKCNPHPKQRPG A   ? 
2 'polypeptide(L)' no no IVCHTTATSPISAVTCPPGENLCYRKMWCDAFCSSRGKVVELGCAATCPSKKPYEEVTCCSTDKCNPHPKQRPG 
IVCHTTATSPISAVTCPPGENLCYRKMWCDAFCSSRGKVVELGCAATCPSKKPYEEVTCCSTDKCNPHPKQRPG B   ? 
3 'polypeptide(L)' no no WRYYESSLLPYPD                                                              WRYYESSLLPYPD C,D ? 
# 
loop_
_pdbx_entity_nonpoly.entity_id 
_pdbx_entity_nonpoly.name 
_pdbx_entity_nonpoly.comp_id 
4 'IODIDE ION' IOD 
5 water        HOH 
# 
loop_
_entity_poly_seq.entity_id 
_entity_poly_seq.num 
_entity_poly_seq.mon_id 
_entity_poly_seq.hetero 
1 1  ILE n 
1 2  VAL n 
1 3  CYS n 
1 4  HIS n 
1 5  THR n 
1 6  THR n 
1 7  ALA n 
1 8  THR n 
1 9  SER n 
1 10 PRO n 
1 11 ILE n 
1 12 SER n 
1 13 ALA n 
1 14 VAL n 
1 15 THR n 
1 16 CYS n 
1 17 PRO n 
1 18 PRO n 
1 19 GLY n 
1 20 GLU n 
1 21 ASN n 
1 22 LEU n 
1 23 CYS n 
1 24 TYR n 
1 25 ARG n 
1 26 LYS n 
1 27 MET n 
1 28 TRP n 
1 29 CYS n 
1 30 ASP n 
1 31 VAL n 
1 32 PHE n 
1 33 CYS n 
1 34 SER n 
1 35 SER n 
1 36 ARG n 
1 37 GLY n 
1 38 LYS n 
1 39 VAL n 
1 40 VAL n 
1 41 GLU n 
1 42 LEU n 
1 43 GLY n 
1 44 CYS n 
1 45 ALA n 
1 46 ALA n 
1 47 THR n 
1 48 CYS n 
1 49 PRO n 
1 50 SER n 
1 51 LYS n 
1 52 LYS n 
1 53 PRO n 
1 54 TYR n 
1 55 GLU n 
1 56 GLU n 
1 57 VAL n 
1 58 THR n 
1 59 CYS n 
1 60 CYS n 
1 61 SER n 
1 62 THR n 
1 63 ASP n 
1 64 LYS n 
1 65 CYS n 
1 66 ASN n 
1 67 PRO n 
1 68 HIS n 
1 69 PRO n 
1 70 LYS n 
1 71 GLN n 
1 72 ARG n 
1 73 PRO n 
1 74 GLY n 
2 1  ILE n 
2 2  VAL n 
2 3  CYS n 
2 4  HIS n 
2 5  THR n 
2 6  THR n 
2 7  ALA n 
2 8  THR n 
2 9  SER n 
2 10 PRO n 
2 11 ILE n 
2 12 SER n 
2 13 ALA n 
2 14 VAL n 
2 15 THR n 
2 16 CYS n 
2 17 PRO n 
2 18 PRO n 
2 19 GLY n 
2 20 GLU n 
2 21 ASN n 
2 22 LEU n 
2 23 CYS n 
2 24 TYR n 
2 25 ARG n 
2 26 LYS n 
2 27 MET n 
2 28 TRP n 
2 29 CYS n 
2 30 ASP n 
2 31 ALA n 
2 32 PHE n 
2 33 CYS n 
2 34 SER n 
2 35 SER n 
2 36 ARG n 
2 37 GLY n 
2 38 LYS n 
2 39 VAL n 
2 40 VAL n 
2 41 GLU n 
2 42 LEU n 
2 43 GLY n 
2 44 CYS n 
2 45 ALA n 
2 46 ALA n 
2 47 THR n 
2 48 CYS n 
2 49 PRO n 
2 50 SER n 
2 51 LYS n 
2 52 LYS n 
2 53 PRO n 
2 54 TYR n 
2 55 GLU n 
2 56 GLU n 
2 57 VAL n 
2 58 THR n 
2 59 CYS n 
2 60 CYS n 
2 61 SER n 
2 62 THR n 
2 63 ASP n 
2 64 LYS n 
2 65 CYS n 
2 66 ASN n 
2 67 PRO n 
2 68 HIS n 
2 69 PRO n 
2 70 LYS n 
2 71 GLN n 
2 72 ARG n 
2 73 PRO n 
2 74 GLY n 
3 1  TRP n 
3 2  ARG n 
3 3  TYR n 
3 4  TYR n 
3 5  GLU n 
3 6  SER n 
3 7  SER n 
3 8  LEU n 
3 9  LEU n 
3 10 PRO n 
3 11 TYR n 
3 12 PRO n 
3 13 ASP n 
# 
loop_
_entity_src_nat.entity_id 
_entity_src_nat.pdbx_src_id 
_entity_src_nat.pdbx_alt_source_flag 
_entity_src_nat.pdbx_beg_seq_num 
_entity_src_nat.pdbx_end_seq_num 
_entity_src_nat.common_name 
_entity_src_nat.pdbx_organism_scientific 
_entity_src_nat.pdbx_ncbi_taxonomy_id 
_entity_src_nat.genus 
_entity_src_nat.species 
_entity_src_nat.strain 
_entity_src_nat.tissue 
_entity_src_nat.tissue_fraction 
_entity_src_nat.pdbx_secretion 
_entity_src_nat.pdbx_fragment 
_entity_src_nat.pdbx_variant 
_entity_src_nat.pdbx_cell_line 
_entity_src_nat.pdbx_atcc 
_entity_src_nat.pdbx_cellular_location 
_entity_src_nat.pdbx_organ 
_entity_src_nat.pdbx_organelle 
_entity_src_nat.pdbx_cell 
_entity_src_nat.pdbx_plasmid_name 
_entity_src_nat.pdbx_plasmid_details 
_entity_src_nat.details 
1 1 sample ? ? 'MANY-BANDED KRAIT' 'BUNGARUS MULTICINCTUS' 8616 ? ? ? ? ? VENOM ? ? ? ? ? ? ? ? ? ? ? 
2 1 sample ? ? 'MANY-BANDED KRAIT' 'BUNGARUS MULTICINCTUS' 8616 ? ? ? ? ? VENOM ? ? ? ? ? ? ? ? ? ? ? 
# 
_pdbx_entity_src_syn.entity_id              3 
_pdbx_entity_src_syn.pdbx_src_id            1 
_pdbx_entity_src_syn.pdbx_alt_source_flag   sample 
_pdbx_entity_src_syn.pdbx_beg_seq_num       ? 
_pdbx_entity_src_syn.pdbx_end_seq_num       ? 
_pdbx_entity_src_syn.organism_scientific    'SYNTHETIC CONSTRUCT' 
_pdbx_entity_src_syn.organism_common_name   ? 
_pdbx_entity_src_syn.ncbi_taxonomy_id       32630 
_pdbx_entity_src_syn.details                'MIMOTOPE OF THE NICOTINIC ACETYLCHOLINE RECEPTOR' 
# 
loop_
_chem_comp.id 
_chem_comp.type 
_chem_comp.mon_nstd_flag 
_chem_comp.name 
_chem_comp.pdbx_synonyms 
_chem_comp.formula 
_chem_comp.formula_weight 
ALA 'L-peptide linking' y ALANINE         ? 'C3 H7 N O2'     89.093  
ARG 'L-peptide linking' y ARGININE        ? 'C6 H15 N4 O2 1' 175.209 
ASN 'L-peptide linking' y ASPARAGINE      ? 'C4 H8 N2 O3'    132.118 
ASP 'L-peptide linking' y 'ASPARTIC ACID' ? 'C4 H7 N O4'     133.103 
CYS 'L-peptide linking' y CYSTEINE        ? 'C3 H7 N O2 S'   121.158 
GLN 'L-peptide linking' y GLUTAMINE       ? 'C5 H10 N2 O3'   146.144 
GLU 'L-peptide linking' y 'GLUTAMIC ACID' ? 'C5 H9 N O4'     147.129 
GLY 'peptide linking'   y GLYCINE         ? 'C2 H5 N O2'     75.067  
HIS 'L-peptide linking' y HISTIDINE       ? 'C6 H10 N3 O2 1' 156.162 
HOH non-polymer         . WATER           ? 'H2 O'           18.015  
ILE 'L-peptide linking' y ISOLEUCINE      ? 'C6 H13 N O2'    131.173 
IOD non-polymer         . 'IODIDE ION'    ? 'I -1'           126.904 
LEU 'L-peptide linking' y LEUCINE         ? 'C6 H13 N O2'    131.173 
LYS 'L-peptide linking' y LYSINE          ? 'C6 H15 N2 O2 1' 147.195 
MET 'L-peptide linking' y METHIONINE      ? 'C5 H11 N O2 S'  149.211 
PHE 'L-peptide linking' y PHENYLALANINE   ? 'C9 H11 N O2'    165.189 
PRO 'L-peptide linking' y PROLINE         ? 'C5 H9 N O2'     115.130 
SER 'L-peptide linking' y SERINE          ? 'C3 H7 N O3'     105.093 
THR 'L-peptide linking' y THREONINE       ? 'C4 H9 N O3'     119.119 
TRP 'L-peptide linking' y TRYPTOPHAN      ? 'C11 H12 N2 O2'  204.225 
TYR 'L-peptide linking' y TYROSINE        ? 'C9 H11 N O3'    181.189 
VAL 'L-peptide linking' y VALINE          ? 'C5 H11 N O2'    117.146 
# 
loop_
_pdbx_poly_seq_scheme.asym_id 
_pdbx_poly_seq_scheme.entity_id 
_pdbx_poly_seq_scheme.seq_id 
_pdbx_poly_seq_scheme.mon_id 
_pdbx_poly_seq_scheme.ndb_seq_num 
_pdbx_poly_seq_scheme.pdb_seq_num 
_pdbx_poly_seq_scheme.auth_seq_num 
_pdbx_poly_seq_scheme.pdb_mon_id 
_pdbx_poly_seq_scheme.auth_mon_id 
_pdbx_poly_seq_scheme.pdb_strand_id 
_pdbx_poly_seq_scheme.pdb_ins_code 
_pdbx_poly_seq_scheme.hetero 
A 1 1  ILE 1  1  1  ILE ILE A . n 
A 1 2  VAL 2  2  2  VAL VAL A . n 
A 1 3  CYS 3  3  3  CYS CYS A . n 
A 1 4  HIS 4  4  4  HIS HIS A . n 
A 1 5  THR 5  5  5  THR THR A . n 
A 1 6  THR 6  6  6  THR THR A . n 
A 1 7  ALA 7  7  7  ALA ALA A . n 
A 1 8  THR 8  8  8  THR THR A . n 
A 1 9  SER 9  9  9  SER SER A . n 
A 1 10 PRO 10 10 10 PRO PRO A . n 
A 1 11 ILE 11 11 11 ILE ILE A . n 
A 1 12 SER 12 12 12 SER SER A . n 
A 1 13 ALA 13 13 13 ALA ALA A . n 
A 1 14 VAL 14 14 14 VAL VAL A . n 
A 1 15 THR 15 15 15 THR THR A . n 
A 1 16 CYS 16 16 16 CYS CYS A . n 
A 1 17 PRO 17 17 17 PRO PRO A . n 
A 1 18 PRO 18 18 18 PRO PRO A . n 
A 1 19 GLY 19 19 19 GLY GLY A . n 
A 1 20 GLU 20 20 20 GLU GLU A . n 
A 1 21 ASN 21 21 21 ASN ASN A . n 
A 1 22 LEU 22 22 22 LEU LEU A . n 
A 1 23 CYS 23 23 23 CYS CYS A . n 
A 1 24 TYR 24 24 24 TYR TYR A . n 
A 1 25 ARG 25 25 25 ARG ARG A . n 
A 1 26 LYS 26 26 26 LYS LYS A . n 
A 1 27 MET 27 27 27 MET MET A . n 
A 1 28 TRP 28 28 28 TRP TRP A . n 
A 1 29 CYS 29 29 29 CYS CYS A . n 
A 1 30 ASP 30 30 30 ASP ASP A . n 
A 1 31 VAL 31 31 31 VAL VAL A . n 
A 1 32 PHE 32 32 32 PHE PHE A . n 
A 1 33 CYS 33 33 33 CYS CYS A . n 
A 1 34 SER 34 34 34 SER SER A . n 
A 1 35 SER 35 35 35 SER SER A . n 
A 1 36 ARG 36 36 36 ARG ARG A . n 
A 1 37 GLY 37 37 37 GLY GLY A . n 
A 1 38 LYS 38 38 38 LYS LYS A . n 
A 1 39 VAL 39 39 39 VAL VAL A . n 
A 1 40 VAL 40 40 40 VAL VAL A . n 
A 1 41 GLU 41 41 41 GLU GLU A . n 
A 1 42 LEU 42 42 42 LEU LEU A . n 
A 1 43 GLY 43 43 43 GLY GLY A . n 
A 1 44 CYS 44 44 44 CYS CYS A . n 
A 1 45 ALA 45 45 45 ALA ALA A . n 
A 1 46 ALA 46 46 46 ALA ALA A . n 
A 1 47 THR 47 47 47 THR THR A . n 
A 1 48 CYS 48 48 48 CYS CYS A . n 
A 1 49 PRO 49 49 49 PRO PRO A . n 
A 1 50 SER 50 50 50 SER SER A . n 
A 1 51 LYS 51 51 51 LYS LYS A . n 
A 1 52 LYS 52 52 52 LYS LYS A . n 
A 1 53 PRO 53 53 53 PRO PRO A . n 
A 1 54 TYR 54 54 54 TYR TYR A . n 
A 1 55 GLU 55 55 55 GLU GLU A . n 
A 1 56 GLU 56 56 56 GLU GLU A . n 
A 1 57 VAL 57 57 57 VAL VAL A . n 
A 1 58 THR 58 58 58 THR THR A . n 
A 1 59 CYS 59 59 59 CYS CYS A . n 
A 1 60 CYS 60 60 60 CYS CYS A . n 
A 1 61 SER 61 61 61 SER SER A . n 
A 1 62 THR 62 62 62 THR THR A . n 
A 1 63 ASP 63 63 63 ASP ASP A . n 
A 1 64 LYS 64 64 64 LYS LYS A . n 
A 1 65 CYS 65 65 65 CYS CYS A . n 
A 1 66 ASN 66 66 66 ASN ASN A . n 
A 1 67 PRO 67 67 67 PRO PRO A . n 
A 1 68 HIS 68 68 68 HIS HIS A . n 
A 1 69 PRO 69 69 69 PRO PRO A . n 
A 1 70 LYS 70 70 70 LYS LYS A . n 
A 1 71 GLN 71 71 71 GLN GLN A . n 
A 1 72 ARG 72 72 72 ARG ARG A . n 
A 1 73 PRO 73 73 73 PRO PRO A . n 
A 1 74 GLY 74 74 74 GLY GLY A . n 
B 2 1  ILE 1  1  1  ILE ILE B . n 
B 2 2  VAL 2  2  2  VAL VAL B . n 
B 2 3  CYS 3  3  3  CYS CYS B . n 
B 2 4  HIS 4  4  4  HIS HIS B . n 
B 2 5  THR 5  5  5  THR THR B . n 
B 2 6  THR 6  6  6  THR THR B . n 
B 2 7  ALA 7  7  7  ALA ALA B . n 
B 2 8  THR 8  8  8  THR THR B . n 
B 2 9  SER 9  9  9  SER SER B . n 
B 2 10 PRO 10 10 10 PRO PRO B . n 
B 2 11 ILE 11 11 11 ILE ILE B . n 
B 2 12 SER 12 12 12 SER SER B . n 
B 2 13 ALA 13 13 13 ALA ALA B . n 
B 2 14 VAL 14 14 14 VAL VAL B . n 
B 2 15 THR 15 15 15 THR THR B . n 
B 2 16 CYS 16 16 16 CYS CYS B . n 
B 2 17 PRO 17 17 17 PRO PRO B . n 
B 2 18 PRO 18 18 18 PRO PRO B . n 
B 2 19 GLY 19 19 19 GLY GLY B . n 
B 2 20 GLU 20 20 20 GLU GLU B . n 
B 2 21 ASN 21 21 21 ASN ASN B . n 
B 2 22 LEU 22 22 22 LEU LEU B . n 
B 2 23 CYS 23 23 23 CYS CYS B . n 
B 2 24 TYR 24 24 24 TYR TYR B . n 
B 2 25 ARG 25 25 25 ARG ARG B . n 
B 2 26 LYS 26 26 26 LYS LYS B . n 
B 2 27 MET 27 27 27 MET MET B . n 
B 2 28 TRP 28 28 28 TRP TRP B . n 
B 2 29 CYS 29 29 29 CYS CYS B . n 
B 2 30 ASP 30 30 30 ASP ASP B . n 
B 2 31 ALA 31 31 31 ALA ALA B . n 
B 2 32 PHE 32 32 32 PHE PHE B . n 
B 2 33 CYS 33 33 33 CYS CYS B . n 
B 2 34 SER 34 34 34 SER SER B . n 
B 2 35 SER 35 35 35 SER SER B . n 
B 2 36 ARG 36 36 36 ARG ARG B . n 
B 2 37 GLY 37 37 37 GLY GLY B . n 
B 2 38 LYS 38 38 38 LYS LYS B . n 
B 2 39 VAL 39 39 39 VAL VAL B . n 
B 2 40 VAL 40 40 40 VAL VAL B . n 
B 2 41 GLU 41 41 41 GLU GLU B . n 
B 2 42 LEU 42 42 42 LEU LEU B . n 
B 2 43 GLY 43 43 43 GLY GLY B . n 
B 2 44 CYS 44 44 44 CYS CYS B . n 
B 2 45 ALA 45 45 45 ALA ALA B . n 
B 2 46 ALA 46 46 46 ALA ALA B . n 
B 2 47 THR 47 47 47 THR THR B . n 
B 2 48 CYS 48 48 48 CYS CYS B . n 
B 2 49 PRO 49 49 49 PRO PRO B . n 
B 2 50 SER 50 50 50 SER SER B . n 
B 2 51 LYS 51 51 51 LYS LYS B . n 
B 2 52 LYS 52 52 52 LYS LYS B . n 
B 2 53 PRO 53 53 53 PRO PRO B . n 
B 2 54 TYR 54 54 54 TYR TYR B . n 
B 2 55 GLU 55 55 55 GLU GLU B . n 
B 2 56 GLU 56 56 56 GLU GLU B . n 
B 2 57 VAL 57 57 57 VAL VAL B . n 
B 2 58 THR 58 58 58 THR THR B . n 
B 2 59 CYS 59 59 59 CYS CYS B . n 
B 2 60 CYS 60 60 60 CYS CYS B . n 
B 2 61 SER 61 61 61 SER SER B . n 
B 2 62 THR 62 62 62 THR THR B . n 
B 2 63 ASP 63 63 63 ASP ASP B . n 
B 2 64 LYS 64 64 64 LYS LYS B . n 
B 2 65 CYS 65 65 65 CYS CYS B . n 
B 2 66 ASN 66 66 66 ASN ASN B . n 
B 2 67 PRO 67 67 67 PRO PRO B . n 
B 2 68 HIS 68 68 68 HIS HIS B . n 
B 2 69 PRO 69 69 69 PRO PRO B . n 
B 2 70 LYS 70 70 70 LYS LYS B . n 
B 2 71 GLN 71 71 71 GLN GLN B . n 
B 2 72 ARG 72 72 72 ARG ARG B . n 
B 2 73 PRO 73 73 73 PRO PRO B . n 
B 2 74 GLY 74 74 74 GLY GLY B . n 
C 3 1  TRP 1  1  1  TRP TRP C . n 
C 3 2  ARG 2  2  2  ARG ARG C . n 
C 3 3  TYR 3  3  3  TYR TYR C . n 
C 3 4  TYR 4  4  4  TYR TYR C . n 
C 3 5  GLU 5  5  5  GLU GLU C . n 
C 3 6  SER 6  6  6  SER SER C . n 
C 3 7  SER 7  7  7  SER SER C . n 
C 3 8  LEU 8  8  8  LEU LEU C . n 
C 3 9  LEU 9  9  9  LEU LEU C . n 
C 3 10 PRO 10 10 10 PRO PRO C . n 
C 3 11 TYR 11 11 11 TYR TYR C . n 
C 3 12 PRO 12 12 12 PRO PRO C . n 
C 3 13 ASP 13 13 13 ASP ASP C . n 
D 3 1  TRP 1  1  1  TRP TRP D . n 
D 3 2  ARG 2  2  2  ARG ARG D . n 
D 3 3  TYR 3  3  3  TYR TYR D . n 
D 3 4  TYR 4  4  4  TYR TYR D . n 
D 3 5  GLU 5  5  5  GLU GLU D . n 
D 3 6  SER 6  6  6  SER SER D . n 
D 3 7  SER 7  7  7  SER SER D . n 
D 3 8  LEU 8  8  8  LEU LEU D . n 
D 3 9  LEU 9  9  9  LEU LEU D . n 
D 3 10 PRO 10 10 10 PRO PRO D . n 
D 3 11 TYR 11 11 11 TYR TYR D . n 
D 3 12 PRO 12 12 12 PRO PRO D . n 
D 3 13 ASP 13 13 ?  ?   ?   D . n 
# 
loop_
_pdbx_nonpoly_scheme.asym_id 
_pdbx_nonpoly_scheme.entity_id 
_pdbx_nonpoly_scheme.mon_id 
_pdbx_nonpoly_scheme.ndb_seq_num 
_pdbx_nonpoly_scheme.pdb_seq_num 
_pdbx_nonpoly_scheme.auth_seq_num 
_pdbx_nonpoly_scheme.pdb_mon_id 
_pdbx_nonpoly_scheme.auth_mon_id 
_pdbx_nonpoly_scheme.pdb_strand_id 
_pdbx_nonpoly_scheme.pdb_ins_code 
E 4 IOD 1  1075 1075 IOD IOD A . 
F 4 IOD 1  1075 1075 IOD IOD B . 
G 5 HOH 1  2001 2001 HOH HOH A . 
G 5 HOH 2  2002 2002 HOH HOH A . 
G 5 HOH 3  2003 2003 HOH HOH A . 
G 5 HOH 4  2004 2004 HOH HOH A . 
G 5 HOH 5  2005 2005 HOH HOH A . 
G 5 HOH 6  2006 2006 HOH HOH A . 
G 5 HOH 7  2007 2007 HOH HOH A . 
G 5 HOH 8  2008 2008 HOH HOH A . 
G 5 HOH 9  2009 2009 HOH HOH A . 
G 5 HOH 10 2010 2010 HOH HOH A . 
G 5 HOH 11 2011 2011 HOH HOH A . 
G 5 HOH 12 2012 2012 HOH HOH A . 
G 5 HOH 13 2013 2013 HOH HOH A . 
G 5 HOH 14 2014 2014 HOH HOH A . 
G 5 HOH 15 2015 2015 HOH HOH A . 
G 5 HOH 16 2016 2016 HOH HOH A . 
G 5 HOH 17 2017 2017 HOH HOH A . 
G 5 HOH 18 2018 2018 HOH HOH A . 
G 5 HOH 19 2019 2019 HOH HOH A . 
G 5 HOH 20 2020 2020 HOH HOH A . 
G 5 HOH 21 2021 2021 HOH HOH A . 
G 5 HOH 22 2022 2022 HOH HOH A . 
G 5 HOH 23 2023 2023 HOH HOH A . 
G 5 HOH 24 2024 2024 HOH HOH A . 
G 5 HOH 25 2025 2025 HOH HOH A . 
G 5 HOH 26 2026 2026 HOH HOH A . 
G 5 HOH 27 2027 2027 HOH HOH A . 
G 5 HOH 28 2028 2028 HOH HOH A . 
G 5 HOH 29 2029 2029 HOH HOH A . 
G 5 HOH 30 2030 2030 HOH HOH A . 
G 5 HOH 31 2031 2031 HOH HOH A . 
G 5 HOH 32 2032 2032 HOH HOH A . 
G 5 HOH 33 2033 2033 HOH HOH A . 
G 5 HOH 34 2034 2034 HOH HOH A . 
G 5 HOH 35 2035 2035 HOH HOH A . 
G 5 HOH 36 2036 2036 HOH HOH A . 
G 5 HOH 37 2037 2037 HOH HOH A . 
G 5 HOH 38 2038 2038 HOH HOH A . 
G 5 HOH 39 2039 2039 HOH HOH A . 
G 5 HOH 40 2040 2040 HOH HOH A . 
G 5 HOH 41 2041 2041 HOH HOH A . 
G 5 HOH 42 2042 2042 HOH HOH A . 
G 5 HOH 43 2043 2043 HOH HOH A . 
G 5 HOH 44 2044 2044 HOH HOH A . 
G 5 HOH 45 2045 2045 HOH HOH A . 
G 5 HOH 46 2046 2046 HOH HOH A . 
G 5 HOH 47 2047 2047 HOH HOH A . 
G 5 HOH 48 2048 2048 HOH HOH A . 
G 5 HOH 49 2049 2049 HOH HOH A . 
G 5 HOH 50 2050 2050 HOH HOH A . 
G 5 HOH 51 2051 2051 HOH HOH A . 
G 5 HOH 52 2052 2052 HOH HOH A . 
G 5 HOH 53 2053 2053 HOH HOH A . 
G 5 HOH 54 2054 2054 HOH HOH A . 
G 5 HOH 55 2055 2055 HOH HOH A . 
G 5 HOH 56 2056 2056 HOH HOH A . 
G 5 HOH 57 2057 2057 HOH HOH A . 
G 5 HOH 58 2058 2058 HOH HOH A . 
G 5 HOH 59 2059 2059 HOH HOH A . 
G 5 HOH 60 2060 2060 HOH HOH A . 
G 5 HOH 61 2061 2061 HOH HOH A . 
G 5 HOH 62 2062 2062 HOH HOH A . 
G 5 HOH 63 2063 2063 HOH HOH A . 
G 5 HOH 64 2064 2064 HOH HOH A . 
G 5 HOH 65 2065 2065 HOH HOH A . 
G 5 HOH 66 2066 2066 HOH HOH A . 
G 5 HOH 67 2067 2067 HOH HOH A . 
G 5 HOH 68 2068 2068 HOH HOH A . 
G 5 HOH 69 2069 2069 HOH HOH A . 
G 5 HOH 70 2070 2070 HOH HOH A . 
G 5 HOH 71 2071 2071 HOH HOH A . 
G 5 HOH 72 2072 2072 HOH HOH A . 
G 5 HOH 73 2073 2073 HOH HOH A . 
G 5 HOH 74 2074 2074 HOH HOH A . 
G 5 HOH 75 2075 2075 HOH HOH A . 
G 5 HOH 76 2076 2076 HOH HOH A . 
G 5 HOH 77 2077 2077 HOH HOH A . 
G 5 HOH 78 2078 2078 HOH HOH A . 
G 5 HOH 79 2079 2079 HOH HOH A . 
G 5 HOH 80 2080 2080 HOH HOH A . 
G 5 HOH 81 2081 2081 HOH HOH A . 
G 5 HOH 82 2082 2082 HOH HOH A . 
G 5 HOH 83 2083 2083 HOH HOH A . 
G 5 HOH 84 2084 2084 HOH HOH A . 
G 5 HOH 85 2085 2085 HOH HOH A . 
G 5 HOH 86 2086 2086 HOH HOH A . 
G 5 HOH 87 2087 2087 HOH HOH A . 
G 5 HOH 88 2088 2088 HOH HOH A . 
G 5 HOH 89 2089 2089 HOH HOH A . 
G 5 HOH 90 2090 2090 HOH HOH A . 
G 5 HOH 91 2091 2091 HOH HOH A . 
G 5 HOH 92 2092 2092 HOH HOH A . 
H 5 HOH 1  2001 2001 HOH HOH B . 
H 5 HOH 2  2002 2002 HOH HOH B . 
H 5 HOH 3  2003 2003 HOH HOH B . 
H 5 HOH 4  2004 2004 HOH HOH B . 
H 5 HOH 5  2005 2005 HOH HOH B . 
H 5 HOH 6  2006 2006 HOH HOH B . 
H 5 HOH 7  2007 2007 HOH HOH B . 
H 5 HOH 8  2008 2008 HOH HOH B . 
H 5 HOH 9  2009 2009 HOH HOH B . 
H 5 HOH 10 2010 2010 HOH HOH B . 
H 5 HOH 11 2011 2011 HOH HOH B . 
H 5 HOH 12 2012 2012 HOH HOH B . 
H 5 HOH 13 2013 2013 HOH HOH B . 
H 5 HOH 14 2014 2014 HOH HOH B . 
H 5 HOH 15 2015 2015 HOH HOH B . 
H 5 HOH 16 2016 2016 HOH HOH B . 
H 5 HOH 17 2017 2017 HOH HOH B . 
H 5 HOH 18 2018 2018 HOH HOH B . 
H 5 HOH 19 2019 2019 HOH HOH B . 
H 5 HOH 20 2020 2020 HOH HOH B . 
H 5 HOH 21 2021 2021 HOH HOH B . 
H 5 HOH 22 2022 2022 HOH HOH B . 
H 5 HOH 23 2023 2023 HOH HOH B . 
H 5 HOH 24 2024 2024 HOH HOH B . 
H 5 HOH 25 2025 2025 HOH HOH B . 
H 5 HOH 26 2026 2026 HOH HOH B . 
H 5 HOH 27 2027 2027 HOH HOH B . 
H 5 HOH 28 2028 2028 HOH HOH B . 
H 5 HOH 29 2029 2029 HOH HOH B . 
H 5 HOH 30 2030 2030 HOH HOH B . 
H 5 HOH 31 2031 2031 HOH HOH B . 
H 5 HOH 32 2032 2032 HOH HOH B . 
H 5 HOH 33 2033 2033 HOH HOH B . 
H 5 HOH 34 2034 2034 HOH HOH B . 
H 5 HOH 35 2035 2035 HOH HOH B . 
H 5 HOH 36 2036 2036 HOH HOH B . 
H 5 HOH 37 2037 2037 HOH HOH B . 
H 5 HOH 38 2038 2038 HOH HOH B . 
H 5 HOH 39 2039 2039 HOH HOH B . 
H 5 HOH 40 2040 2040 HOH HOH B . 
H 5 HOH 41 2041 2041 HOH HOH B . 
H 5 HOH 42 2042 2042 HOH HOH B . 
H 5 HOH 43 2043 2043 HOH HOH B . 
H 5 HOH 44 2044 2044 HOH HOH B . 
H 5 HOH 45 2045 2045 HOH HOH B . 
H 5 HOH 46 2046 2046 HOH HOH B . 
H 5 HOH 47 2047 2047 HOH HOH B . 
H 5 HOH 48 2048 2048 HOH HOH B . 
H 5 HOH 49 2049 2049 HOH HOH B . 
H 5 HOH 50 2050 2050 HOH HOH B . 
H 5 HOH 51 2051 2051 HOH HOH B . 
H 5 HOH 52 2052 2052 HOH HOH B . 
H 5 HOH 53 2053 2053 HOH HOH B . 
H 5 HOH 54 2054 2054 HOH HOH B . 
H 5 HOH 55 2055 2055 HOH HOH B . 
H 5 HOH 56 2056 2056 HOH HOH B . 
H 5 HOH 57 2057 2057 HOH HOH B . 
H 5 HOH 58 2058 2058 HOH HOH B . 
H 5 HOH 59 2059 2059 HOH HOH B . 
H 5 HOH 60 2060 2060 HOH HOH B . 
H 5 HOH 61 2061 2061 HOH HOH B . 
H 5 HOH 62 2062 2062 HOH HOH B . 
H 5 HOH 63 2063 2063 HOH HOH B . 
H 5 HOH 64 2064 2064 HOH HOH B . 
H 5 HOH 65 2065 2065 HOH HOH B . 
H 5 HOH 66 2066 2066 HOH HOH B . 
H 5 HOH 67 2067 2067 HOH HOH B . 
H 5 HOH 68 2068 2068 HOH HOH B . 
H 5 HOH 69 2069 2069 HOH HOH B . 
H 5 HOH 70 2070 2070 HOH HOH B . 
H 5 HOH 71 2071 2071 HOH HOH B . 
H 5 HOH 72 2072 2072 HOH HOH B . 
H 5 HOH 73 2073 2073 HOH HOH B . 
H 5 HOH 74 2074 2074 HOH HOH B . 
H 5 HOH 75 2075 2075 HOH HOH B . 
H 5 HOH 76 2076 2076 HOH HOH B . 
H 5 HOH 77 2077 2077 HOH HOH B . 
H 5 HOH 78 2078 2078 HOH HOH B . 
H 5 HOH 79 2079 2079 HOH HOH B . 
H 5 HOH 80 2080 2080 HOH HOH B . 
H 5 HOH 81 2081 2081 HOH HOH B . 
H 5 HOH 82 2082 2082 HOH HOH B . 
H 5 HOH 83 2083 2083 HOH HOH B . 
H 5 HOH 84 2084 2084 HOH HOH B . 
H 5 HOH 85 2085 2085 HOH HOH B . 
H 5 HOH 86 2086 2086 HOH HOH B . 
H 5 HOH 87 2087 2087 HOH HOH B . 
H 5 HOH 88 2088 2088 HOH HOH B . 
H 5 HOH 89 2089 2089 HOH HOH B . 
I 5 HOH 1  2001 2001 HOH HOH C . 
I 5 HOH 2  2002 2002 HOH HOH C . 
I 5 HOH 3  2003 2003 HOH HOH C . 
I 5 HOH 4  2004 2004 HOH HOH C . 
I 5 HOH 5  2005 2005 HOH HOH C . 
I 5 HOH 6  2006 2006 HOH HOH C . 
I 5 HOH 7  2007 2007 HOH HOH C . 
I 5 HOH 8  2008 2008 HOH HOH C . 
I 5 HOH 9  2009 2009 HOH HOH C . 
I 5 HOH 10 2010 2010 HOH HOH C . 
I 5 HOH 11 2011 2011 HOH HOH C . 
I 5 HOH 12 2012 2012 HOH HOH C . 
I 5 HOH 13 2013 2013 HOH HOH C . 
I 5 HOH 14 2014 2014 HOH HOH C . 
I 5 HOH 15 2015 2015 HOH HOH C . 
I 5 HOH 16 2016 2016 HOH HOH C . 
I 5 HOH 17 2017 2017 HOH HOH C . 
J 5 HOH 1  2001 2001 HOH HOH D . 
J 5 HOH 2  2002 2002 HOH HOH D . 
J 5 HOH 3  2003 2003 HOH HOH D . 
J 5 HOH 4  2004 2004 HOH HOH D . 
J 5 HOH 5  2005 2005 HOH HOH D . 
J 5 HOH 6  2006 2006 HOH HOH D . 
J 5 HOH 7  2007 2007 HOH HOH D . 
J 5 HOH 8  2008 2008 HOH HOH D . 
J 5 HOH 9  2009 2009 HOH HOH D . 
J 5 HOH 10 2010 2010 HOH HOH D . 
J 5 HOH 11 2011 2011 HOH HOH D . 
J 5 HOH 12 2012 2012 HOH HOH D . 
J 5 HOH 13 2013 2013 HOH HOH D . 
J 5 HOH 14 2014 2014 HOH HOH D . 
J 5 HOH 15 2015 2015 HOH HOH D . 
J 5 HOH 16 2016 2016 HOH HOH D . 
J 5 HOH 17 2017 2017 HOH HOH D . 
J 5 HOH 18 2018 2018 HOH HOH D . 
J 5 HOH 19 2019 2019 HOH HOH D . 
# 
loop_
_pdbx_unobs_or_zero_occ_atoms.id 
_pdbx_unobs_or_zero_occ_atoms.PDB_model_num 
_pdbx_unobs_or_zero_occ_atoms.polymer_flag 
_pdbx_unobs_or_zero_occ_atoms.occupancy_flag 
_pdbx_unobs_or_zero_occ_atoms.auth_asym_id 
_pdbx_unobs_or_zero_occ_atoms.auth_comp_id 
_pdbx_unobs_or_zero_occ_atoms.auth_seq_id 
_pdbx_unobs_or_zero_occ_atoms.PDB_ins_code 
_pdbx_unobs_or_zero_occ_atoms.auth_atom_id 
_pdbx_unobs_or_zero_occ_atoms.label_alt_id 
_pdbx_unobs_or_zero_occ_atoms.label_asym_id 
_pdbx_unobs_or_zero_occ_atoms.label_comp_id 
_pdbx_unobs_or_zero_occ_atoms.label_seq_id 
_pdbx_unobs_or_zero_occ_atoms.label_atom_id 
1 1 Y 0 A VAL 31 ? CG1 B A VAL 31 CG1 
2 1 Y 0 A VAL 31 ? CG2 B A VAL 31 CG2 
# 
loop_
_software.name 
_software.classification 
_software.version 
_software.citation_id 
_software.pdbx_ordinal 
CNS       refinement       1.0 ? 1 
DENZO     'data reduction' .   ? 2 
SCALEPACK 'data scaling'   .   ? 3 
MOLREP    phasing          .   ? 4 
# 
_cell.entry_id           1HC9 
_cell.length_a           42.042 
_cell.length_b           153.356 
_cell.length_c           73.263 
_cell.angle_alpha        90.00 
_cell.angle_beta         90.00 
_cell.angle_gamma        90.00 
_cell.Z_PDB              16 
_cell.pdbx_unique_axis   ? 
# 
_symmetry.entry_id                         1HC9 
_symmetry.space_group_name_H-M             'C 2 2 21' 
_symmetry.pdbx_full_space_group_name_H-M   ? 
_symmetry.cell_setting                     ? 
_symmetry.Int_Tables_number                20 
# 
_exptl.entry_id          1HC9 
_exptl.method            'X-RAY DIFFRACTION' 
_exptl.crystals_number   1 
# 
_exptl_crystal.id                    1 
_exptl_crystal.density_meas          ? 
_exptl_crystal.density_Matthews      3.35 
_exptl_crystal.density_percent_sol   63 
_exptl_crystal.description           ? 
# 
_exptl_crystal_grow.crystal_id      1 
_exptl_crystal_grow.method          ? 
_exptl_crystal_grow.temp            ? 
_exptl_crystal_grow.temp_details    ? 
_exptl_crystal_grow.pH              7.50 
_exptl_crystal_grow.pdbx_pH_range   ? 
_exptl_crystal_grow.pdbx_details    '40% PEG 3350, 0.1M PIPES BUFFER PH 7.5' 
# 
_diffrn.id                     1 
_diffrn.ambient_temp           100.0 
_diffrn.ambient_temp_details   ? 
_diffrn.crystal_id             1 
# 
_diffrn_detector.diffrn_id              1 
_diffrn_detector.detector               ? 
_diffrn_detector.type                   RIGAKU 
_diffrn_detector.pdbx_collection_date   2000-07-15 
_diffrn_detector.details                MIRRORS 
# 
_diffrn_radiation.diffrn_id                        1 
_diffrn_radiation.wavelength_id                    1 
_diffrn_radiation.pdbx_monochromatic_or_laue_m_l   M 
_diffrn_radiation.monochromator                    ? 
_diffrn_radiation.pdbx_diffrn_protocol             'SINGLE WAVELENGTH' 
_diffrn_radiation.pdbx_scattering_type             x-ray 
# 
_diffrn_radiation_wavelength.id           1 
_diffrn_radiation_wavelength.wavelength   1.5418 
_diffrn_radiation_wavelength.wt           1.0 
# 
_diffrn_source.diffrn_id                   1 
_diffrn_source.source                      'ROTATING ANODE' 
_diffrn_source.type                        ? 
_diffrn_source.pdbx_synchrotron_site       ? 
_diffrn_source.pdbx_synchrotron_beamline   ? 
_diffrn_source.pdbx_wavelength             1.5418 
_diffrn_source.pdbx_wavelength_list        ? 
# 
_reflns.pdbx_diffrn_id               1 
_reflns.pdbx_ordinal                 1 
_reflns.entry_id                     1HC9 
_reflns.observed_criterion_sigma_I   ? 
_reflns.observed_criterion_sigma_F   ? 
_reflns.d_resolution_low             23.500 
_reflns.d_resolution_high            1.800 
_reflns.number_obs                   19144 
_reflns.number_all                   ? 
_reflns.percent_possible_obs         99.0 
_reflns.pdbx_Rmerge_I_obs            0.05600 
_reflns.pdbx_Rsym_value              0.08100 
_reflns.pdbx_netI_over_sigmaI        14.0000 
_reflns.B_iso_Wilson_estimate        16.7 
_reflns.pdbx_redundancy              6.100 
# 
_reflns_shell.pdbx_diffrn_id         1 
_reflns_shell.pdbx_ordinal           1 
_reflns_shell.d_res_high             1.80 
_reflns_shell.d_res_low              1.86 
_reflns_shell.percent_possible_all   99.1 
_reflns_shell.Rmerge_I_obs           0.55500 
_reflns_shell.pdbx_Rsym_value        0.59400 
_reflns_shell.meanI_over_sigI_obs    2.300 
_reflns_shell.pdbx_redundancy        5.60 
# 
_refine.pdbx_refine_id                           'X-RAY DIFFRACTION' 
_refine.entry_id                                 1HC9 
_refine.pdbx_diffrn_id                           1 
_refine.pdbx_TLS_residual_ADP_flag               ? 
_refine.ls_number_reflns_obs                     22236 
_refine.ls_number_reflns_all                     ? 
_refine.pdbx_ls_sigma_I                          ? 
_refine.pdbx_ls_sigma_F                          0.0 
_refine.pdbx_data_cutoff_high_absF               ? 
_refine.pdbx_data_cutoff_low_absF                ? 
_refine.pdbx_data_cutoff_high_rms_absF           ? 
_refine.ls_d_res_low                             23.47 
_refine.ls_d_res_high                            1.8 
_refine.ls_percent_reflns_obs                    98.9 
_refine.ls_R_factor_obs                          0.202 
_refine.ls_R_factor_all                          ? 
_refine.ls_R_factor_R_work                       0.202 
_refine.ls_R_factor_R_free                       0.235 
_refine.ls_R_factor_R_free_error                 0.005 
_refine.ls_R_factor_R_free_error_details         ? 
_refine.ls_percent_reflns_R_free                 9.9 
_refine.ls_number_reflns_R_free                  2203 
_refine.ls_number_parameters                     ? 
_refine.ls_number_restraints                     ? 
_refine.occupancy_min                            ? 
_refine.occupancy_max                            ? 
_refine.correlation_coeff_Fo_to_Fc               ? 
_refine.correlation_coeff_Fo_to_Fc_free          ? 
_refine.B_iso_mean                               27.2 
_refine.aniso_B[1][1]                            2.13 
_refine.aniso_B[2][2]                            2.34 
_refine.aniso_B[3][3]                            -4.46 
_refine.aniso_B[1][2]                            0. 
_refine.aniso_B[1][3]                            0. 
_refine.aniso_B[2][3]                            0. 
_refine.solvent_model_details                    'FLAT MODEL' 
_refine.solvent_model_param_ksol                 0.4 
_refine.solvent_model_param_bsol                 70.3 
_refine.pdbx_solvent_vdw_probe_radii             ? 
_refine.pdbx_solvent_ion_probe_radii             ? 
_refine.pdbx_solvent_shrinkage_radii             ? 
_refine.pdbx_ls_cross_valid_method               THROUGHOUT 
_refine.details                                  
;RESIDUES WITH ALTERNATE CONFORMATIONS: A12, A48, A50, A52, A56, A59, B34, B56, B71 THE 2 IODIDE IONS I1 A AND I1 B HAVE OCCUPANCY OF 0.4
;
_refine.pdbx_starting_model                      'PDB ENTRY 1NTN 1-66 RESIDUES' 
_refine.pdbx_method_to_determine_struct          'MOLECULAR REPLACEMENT' 
_refine.pdbx_isotropic_thermal_model             RESTRAINED 
_refine.pdbx_stereochemistry_target_values       ? 
_refine.pdbx_stereochem_target_val_spec_case     ? 
_refine.pdbx_R_Free_selection_details            RANDOM 
_refine.pdbx_overall_ESU_R                       ? 
_refine.pdbx_overall_ESU_R_Free                  ? 
_refine.overall_SU_ML                            ? 
_refine.pdbx_overall_phase_error                 ? 
_refine.overall_SU_B                             ? 
_refine.overall_SU_R_Cruickshank_DPI             ? 
_refine.pdbx_overall_SU_R_free_Cruickshank_DPI   ? 
_refine.pdbx_overall_SU_R_Blow_DPI               ? 
_refine.pdbx_overall_SU_R_free_Blow_DPI          ? 
# 
_refine_analyze.pdbx_refine_id                  'X-RAY DIFFRACTION' 
_refine_analyze.entry_id                        1HC9 
_refine_analyze.Luzzati_coordinate_error_obs    0.20 
_refine_analyze.Luzzati_sigma_a_obs             0.22 
_refine_analyze.Luzzati_d_res_low_obs           5.0 
_refine_analyze.Luzzati_coordinate_error_free   0.25 
_refine_analyze.Luzzati_sigma_a_free            0.23 
_refine_analyze.Luzzati_d_res_low_free          ? 
_refine_analyze.number_disordered_residues      ? 
_refine_analyze.occupancy_sum_hydrogen          ? 
_refine_analyze.occupancy_sum_non_hydrogen      ? 
# 
_refine_hist.pdbx_refine_id                   'X-RAY DIFFRACTION' 
_refine_hist.cycle_id                         LAST 
_refine_hist.pdbx_number_atoms_protein        1337 
_refine_hist.pdbx_number_atoms_nucleic_acid   0 
_refine_hist.pdbx_number_atoms_ligand         2 
_refine_hist.number_atoms_solvent             217 
_refine_hist.number_atoms_total               1556 
_refine_hist.d_res_high                       1.8 
_refine_hist.d_res_low                        23.47 
# 
loop_
_refine_ls_restr.type 
_refine_ls_restr.dev_ideal 
_refine_ls_restr.dev_ideal_target 
_refine_ls_restr.weight 
_refine_ls_restr.number 
_refine_ls_restr.pdbx_refine_id 
_refine_ls_restr.pdbx_restraint_function 
c_bond_d                0.005 ?   ? ? 'X-RAY DIFFRACTION' ? 
c_bond_d_na             ?     ?   ? ? 'X-RAY DIFFRACTION' ? 
c_bond_d_prot           ?     ?   ? ? 'X-RAY DIFFRACTION' ? 
c_angle_d               ?     ?   ? ? 'X-RAY DIFFRACTION' ? 
c_angle_d_na            ?     ?   ? ? 'X-RAY DIFFRACTION' ? 
c_angle_d_prot          ?     ?   ? ? 'X-RAY DIFFRACTION' ? 
c_angle_deg             1.5   ?   ? ? 'X-RAY DIFFRACTION' ? 
c_angle_deg_na          ?     ?   ? ? 'X-RAY DIFFRACTION' ? 
c_angle_deg_prot        ?     ?   ? ? 'X-RAY DIFFRACTION' ? 
c_dihedral_angle_d      25.9  ?   ? ? 'X-RAY DIFFRACTION' ? 
c_dihedral_angle_d_na   ?     ?   ? ? 'X-RAY DIFFRACTION' ? 
c_dihedral_angle_d_prot ?     ?   ? ? 'X-RAY DIFFRACTION' ? 
c_improper_angle_d      0.79  ?   ? ? 'X-RAY DIFFRACTION' ? 
c_improper_angle_d_na   ?     ?   ? ? 'X-RAY DIFFRACTION' ? 
c_improper_angle_d_prot ?     ?   ? ? 'X-RAY DIFFRACTION' ? 
c_mcbond_it             1.30  1.5 ? ? 'X-RAY DIFFRACTION' ? 
c_mcangle_it            2.11  2.0 ? ? 'X-RAY DIFFRACTION' ? 
c_scbond_it             1.87  2   ? ? 'X-RAY DIFFRACTION' ? 
c_scangle_it            2.74  2.5 ? ? 'X-RAY DIFFRACTION' ? 
# 
_refine_ls_shell.pdbx_refine_id                   'X-RAY DIFFRACTION' 
_refine_ls_shell.pdbx_total_number_of_bins_used   6 
_refine_ls_shell.d_res_high                       1.8 
_refine_ls_shell.d_res_low                        1.91 
_refine_ls_shell.number_reflns_R_work             3256 
_refine_ls_shell.R_factor_R_work                  0.293 
_refine_ls_shell.percent_reflns_obs               98.5 
_refine_ls_shell.R_factor_R_free                  0.321 
_refine_ls_shell.R_factor_R_free_error            0.017 
_refine_ls_shell.percent_reflns_R_free            10.4 
_refine_ls_shell.number_reflns_R_free             376 
_refine_ls_shell.number_reflns_all                ? 
_refine_ls_shell.R_factor_all                     ? 
# 
loop_
_pdbx_xplor_file.pdbx_refine_id 
_pdbx_xplor_file.serial_no 
_pdbx_xplor_file.param_file 
_pdbx_xplor_file.topol_file 
'X-RAY DIFFRACTION' 1 PROTEIN_REP.PARAM PROTEIN.TOP 
'X-RAY DIFFRACTION' 2 WATER_REP.PARAM   WATER.TOP   
'X-RAY DIFFRACTION' 3 ION.PARAM         ION.TOP     
# 
_struct.entry_id                  1HC9 
_struct.title                     'alpha-bungarotoxin complexed with high affinity peptide' 
_struct.pdbx_model_details        ? 
_struct.pdbx_CASP_flag            ? 
_struct.pdbx_model_type_details   ? 
# 
_struct_keywords.entry_id        1HC9 
_struct_keywords.pdbx_keywords   TOXIN/PEPTIDE 
_struct_keywords.text            
;TOXIN/PEPTIDE, COMPLEX (TOXIN-PEPTIDE), ACETYLCHOLINE RECEPTOR MIMITOPE, ALPHA-BUNGAROTOXIN, 3- FINGER, PROTEIN-PEPTIDE COMPLEX, TOXIN, TOXIN-PEPTIDE complex
;
# 
loop_
_struct_asym.id 
_struct_asym.pdbx_blank_PDB_chainid_flag 
_struct_asym.pdbx_modified 
_struct_asym.entity_id 
_struct_asym.details 
A N N 1 ? 
B N N 2 ? 
C N N 3 ? 
D N N 3 ? 
E N N 4 ? 
F N N 4 ? 
G N N 5 ? 
H N N 5 ? 
I N N 5 ? 
J N N 5 ? 
# 
loop_
_struct_ref.id 
_struct_ref.db_name 
_struct_ref.db_code 
_struct_ref.entity_id 
_struct_ref.pdbx_seq_one_letter_code 
_struct_ref.pdbx_align_begin 
_struct_ref.pdbx_db_accession 
_struct_ref.pdbx_db_isoform 
1 UNP NXL1V_BUNMU 1 ? ? P60616 ? 
2 UNP NXL1A_BUNMU 2 ? ? P60615 ? 
3 PDB 1HC9        3 ? ? 1HC9   ? 
# 
loop_
_struct_ref_seq.align_id 
_struct_ref_seq.ref_id 
_struct_ref_seq.pdbx_PDB_id_code 
_struct_ref_seq.pdbx_strand_id 
_struct_ref_seq.seq_align_beg 
_struct_ref_seq.pdbx_seq_align_beg_ins_code 
_struct_ref_seq.seq_align_end 
_struct_ref_seq.pdbx_seq_align_end_ins_code 
_struct_ref_seq.pdbx_db_accession 
_struct_ref_seq.db_align_beg 
_struct_ref_seq.pdbx_db_align_beg_ins_code 
_struct_ref_seq.db_align_end 
_struct_ref_seq.pdbx_db_align_end_ins_code 
_struct_ref_seq.pdbx_auth_seq_align_beg 
_struct_ref_seq.pdbx_auth_seq_align_end 
1 1 1HC9 A 1 ? 74 ? P60616 22 ? 95 ? 1 74 
2 2 1HC9 B 1 ? 74 ? P60615 22 ? 95 ? 1 74 
3 3 1HC9 C 1 ? 13 ? 1HC9   1  ? 13 ? 1 13 
4 3 1HC9 D 1 ? 13 ? 1HC9   1  ? 13 ? 1 13 
# 
loop_
_pdbx_struct_assembly.id 
_pdbx_struct_assembly.details 
_pdbx_struct_assembly.method_details 
_pdbx_struct_assembly.oligomeric_details 
_pdbx_struct_assembly.oligomeric_count 
1 author_and_software_defined_assembly PISA dimeric 2 
2 author_and_software_defined_assembly PISA dimeric 2 
# 
loop_
_pdbx_struct_assembly_prop.biol_id 
_pdbx_struct_assembly_prop.type 
_pdbx_struct_assembly_prop.value 
_pdbx_struct_assembly_prop.details 
1 'ABSA (A^2)' 1510 ? 
1 MORE         -9.9 ? 
1 'SSA (A^2)'  6220 ? 
2 'ABSA (A^2)' 1480 ? 
2 MORE         -9.4 ? 
2 'SSA (A^2)'  5930 ? 
# 
loop_
_pdbx_struct_assembly_gen.assembly_id 
_pdbx_struct_assembly_gen.oper_expression 
_pdbx_struct_assembly_gen.asym_id_list 
1 1 A,C,E,G,I 
2 1 B,D,F,H,J 
# 
_pdbx_struct_oper_list.id                   1 
_pdbx_struct_oper_list.type                 'identity operation' 
_pdbx_struct_oper_list.name                 1_555 
_pdbx_struct_oper_list.symmetry_operation   x,y,z 
_pdbx_struct_oper_list.matrix[1][1]         1.0000000000 
_pdbx_struct_oper_list.matrix[1][2]         0.0000000000 
_pdbx_struct_oper_list.matrix[1][3]         0.0000000000 
_pdbx_struct_oper_list.vector[1]            0.0000000000 
_pdbx_struct_oper_list.matrix[2][1]         0.0000000000 
_pdbx_struct_oper_list.matrix[2][2]         1.0000000000 
_pdbx_struct_oper_list.matrix[2][3]         0.0000000000 
_pdbx_struct_oper_list.vector[2]            0.0000000000 
_pdbx_struct_oper_list.matrix[3][1]         0.0000000000 
_pdbx_struct_oper_list.matrix[3][2]         0.0000000000 
_pdbx_struct_oper_list.matrix[3][3]         1.0000000000 
_pdbx_struct_oper_list.vector[3]            0.0000000000 
# 
_struct_biol.id        1 
_struct_biol.details   
;COMPLEX OF THE ALPHA-BUNGAROTOXIN AND THE                    
 PEPTIDE INHIBITOR
;
# 
loop_
_struct_conf.conf_type_id 
_struct_conf.id 
_struct_conf.pdbx_PDB_helix_id 
_struct_conf.beg_label_comp_id 
_struct_conf.beg_label_asym_id 
_struct_conf.beg_label_seq_id 
_struct_conf.pdbx_beg_PDB_ins_code 
_struct_conf.end_label_comp_id 
_struct_conf.end_label_asym_id 
_struct_conf.end_label_seq_id 
_struct_conf.pdbx_end_PDB_ins_code 
_struct_conf.beg_auth_comp_id 
_struct_conf.beg_auth_asym_id 
_struct_conf.beg_auth_seq_id 
_struct_conf.end_auth_comp_id 
_struct_conf.end_auth_asym_id 
_struct_conf.end_auth_seq_id 
_struct_conf.pdbx_PDB_helix_class 
_struct_conf.details 
_struct_conf.pdbx_PDB_helix_length 
HELX_P HELX_P1 1 PHE A 32 ? GLY A 37 ? PHE A 32 GLY A 37 1 ? 6 
HELX_P HELX_P2 2 PHE B 32 ? GLY B 37 ? PHE B 32 GLY B 37 1 ? 6 
# 
_struct_conf_type.id          HELX_P 
_struct_conf_type.criteria    ? 
_struct_conf_type.reference   ? 
# 
loop_
_struct_conn.id 
_struct_conn.conn_type_id 
_struct_conn.pdbx_leaving_atom_flag 
_struct_conn.pdbx_PDB_id 
_struct_conn.ptnr1_label_asym_id 
_struct_conn.ptnr1_label_comp_id 
_struct_conn.ptnr1_label_seq_id 
_struct_conn.ptnr1_label_atom_id 
_struct_conn.pdbx_ptnr1_label_alt_id 
_struct_conn.pdbx_ptnr1_PDB_ins_code 
_struct_conn.pdbx_ptnr1_standard_comp_id 
_struct_conn.ptnr1_symmetry 
_struct_conn.ptnr2_label_asym_id 
_struct_conn.ptnr2_label_comp_id 
_struct_conn.ptnr2_label_seq_id 
_struct_conn.ptnr2_label_atom_id 
_struct_conn.pdbx_ptnr2_label_alt_id 
_struct_conn.pdbx_ptnr2_PDB_ins_code 
_struct_conn.ptnr1_auth_asym_id 
_struct_conn.ptnr1_auth_comp_id 
_struct_conn.ptnr1_auth_seq_id 
_struct_conn.ptnr2_auth_asym_id 
_struct_conn.ptnr2_auth_comp_id 
_struct_conn.ptnr2_auth_seq_id 
_struct_conn.ptnr2_symmetry 
_struct_conn.pdbx_ptnr3_label_atom_id 
_struct_conn.pdbx_ptnr3_label_seq_id 
_struct_conn.pdbx_ptnr3_label_comp_id 
_struct_conn.pdbx_ptnr3_label_asym_id 
_struct_conn.pdbx_ptnr3_label_alt_id 
_struct_conn.pdbx_ptnr3_PDB_ins_code 
_struct_conn.details 
_struct_conn.pdbx_dist_value 
_struct_conn.pdbx_value_order 
_struct_conn.pdbx_role 
disulf1  disulf ? ? A CYS 3  SG ? ? ? 1_555 A CYS 23 SG ? ? A CYS 3  A CYS 23 1_555 ? ? ? ? ? ? ? 2.026 ? ? 
disulf2  disulf ? ? A CYS 16 SG ? ? ? 1_555 A CYS 44 SG ? ? A CYS 16 A CYS 44 1_555 ? ? ? ? ? ? ? 2.028 ? ? 
disulf3  disulf ? ? A CYS 29 SG ? ? ? 1_555 A CYS 33 SG ? ? A CYS 29 A CYS 33 1_555 ? ? ? ? ? ? ? 2.032 ? ? 
disulf4  disulf ? ? A CYS 48 SG A ? ? 1_555 A CYS 59 SG A ? A CYS 48 A CYS 59 1_555 ? ? ? ? ? ? ? 2.477 ? ? 
disulf5  disulf ? ? A CYS 48 SG B ? ? 1_555 A CYS 59 SG B ? A CYS 48 A CYS 59 1_555 ? ? ? ? ? ? ? 2.179 ? ? 
disulf6  disulf ? ? A CYS 59 SG A ? ? 1_555 A CYS 59 SG A ? A CYS 59 A CYS 59 3_655 ? ? ? ? ? ? ? 1.900 ? ? 
disulf7  disulf ? ? A CYS 60 SG ? ? ? 1_555 A CYS 65 SG ? ? A CYS 60 A CYS 65 1_555 ? ? ? ? ? ? ? 2.027 ? ? 
disulf8  disulf ? ? B CYS 3  SG ? ? ? 1_555 B CYS 23 SG ? ? B CYS 3  B CYS 23 1_555 ? ? ? ? ? ? ? 2.022 ? ? 
disulf9  disulf ? ? B CYS 16 SG ? ? ? 1_555 B CYS 44 SG ? ? B CYS 16 B CYS 44 1_555 ? ? ? ? ? ? ? 2.031 ? ? 
disulf10 disulf ? ? B CYS 29 SG ? ? ? 1_555 B CYS 33 SG ? ? B CYS 29 B CYS 33 1_555 ? ? ? ? ? ? ? 2.036 ? ? 
disulf11 disulf ? ? B CYS 48 SG ? ? ? 1_555 B CYS 59 SG ? ? B CYS 48 B CYS 59 1_555 ? ? ? ? ? ? ? 2.030 ? ? 
disulf12 disulf ? ? B CYS 60 SG ? ? ? 1_555 B CYS 65 SG ? ? B CYS 60 B CYS 65 1_555 ? ? ? ? ? ? ? 2.024 ? ? 
# 
_struct_conn_type.id          disulf 
_struct_conn_type.criteria    ? 
_struct_conn_type.reference   ? 
# 
loop_
_pdbx_modification_feature.ordinal 
_pdbx_modification_feature.label_comp_id 
_pdbx_modification_feature.label_asym_id 
_pdbx_modification_feature.label_seq_id 
_pdbx_modification_feature.label_alt_id 
_pdbx_modification_feature.modified_residue_label_comp_id 
_pdbx_modification_feature.modified_residue_label_asym_id 
_pdbx_modification_feature.modified_residue_label_seq_id 
_pdbx_modification_feature.modified_residue_label_alt_id 
_pdbx_modification_feature.auth_comp_id 
_pdbx_modification_feature.auth_asym_id 
_pdbx_modification_feature.auth_seq_id 
_pdbx_modification_feature.PDB_ins_code 
_pdbx_modification_feature.symmetry 
_pdbx_modification_feature.modified_residue_auth_comp_id 
_pdbx_modification_feature.modified_residue_auth_asym_id 
_pdbx_modification_feature.modified_residue_auth_seq_id 
_pdbx_modification_feature.modified_residue_PDB_ins_code 
_pdbx_modification_feature.modified_residue_symmetry 
_pdbx_modification_feature.comp_id_linking_atom 
_pdbx_modification_feature.modified_residue_id_linking_atom 
_pdbx_modification_feature.modified_residue_id 
_pdbx_modification_feature.ref_pcm_id 
_pdbx_modification_feature.ref_comp_id 
_pdbx_modification_feature.type 
_pdbx_modification_feature.category 
1  CYS A 3  ? CYS A 23 ? CYS A 3  ? 1_555 CYS A 23 ? 1_555 SG SG . . . None 'Disulfide bridge' 
2  CYS A 16 ? CYS A 44 ? CYS A 16 ? 1_555 CYS A 44 ? 1_555 SG SG . . . None 'Disulfide bridge' 
3  CYS A 29 ? CYS A 33 ? CYS A 29 ? 1_555 CYS A 33 ? 1_555 SG SG . . . None 'Disulfide bridge' 
4  CYS A 48 A CYS A 59 A CYS A 48 ? 1_555 CYS A 59 ? 1_555 SG SG . . . None 'Disulfide bridge' 
5  CYS A 48 B CYS A 59 B CYS A 48 ? 1_555 CYS A 59 ? 1_555 SG SG . . . None 'Disulfide bridge' 
6  CYS A 59 A CYS A 59 A CYS A 59 ? 1_555 CYS A 59 ? 3_655 SG SG . . . None 'Disulfide bridge' 
7  CYS A 60 ? CYS A 65 ? CYS A 60 ? 1_555 CYS A 65 ? 1_555 SG SG . . . None 'Disulfide bridge' 
8  CYS B 3  ? CYS B 23 ? CYS B 3  ? 1_555 CYS B 23 ? 1_555 SG SG . . . None 'Disulfide bridge' 
9  CYS B 16 ? CYS B 44 ? CYS B 16 ? 1_555 CYS B 44 ? 1_555 SG SG . . . None 'Disulfide bridge' 
10 CYS B 29 ? CYS B 33 ? CYS B 29 ? 1_555 CYS B 33 ? 1_555 SG SG . . . None 'Disulfide bridge' 
11 CYS B 48 ? CYS B 59 ? CYS B 48 ? 1_555 CYS B 59 ? 1_555 SG SG . . . None 'Disulfide bridge' 
12 CYS B 60 ? CYS B 65 ? CYS B 60 ? 1_555 CYS B 65 ? 1_555 SG SG . . . None 'Disulfide bridge' 
# 
loop_
_struct_mon_prot_cis.pdbx_id 
_struct_mon_prot_cis.label_comp_id 
_struct_mon_prot_cis.label_seq_id 
_struct_mon_prot_cis.label_asym_id 
_struct_mon_prot_cis.label_alt_id 
_struct_mon_prot_cis.pdbx_PDB_ins_code 
_struct_mon_prot_cis.auth_comp_id 
_struct_mon_prot_cis.auth_seq_id 
_struct_mon_prot_cis.auth_asym_id 
_struct_mon_prot_cis.pdbx_label_comp_id_2 
_struct_mon_prot_cis.pdbx_label_seq_id_2 
_struct_mon_prot_cis.pdbx_label_asym_id_2 
_struct_mon_prot_cis.pdbx_PDB_ins_code_2 
_struct_mon_prot_cis.pdbx_auth_comp_id_2 
_struct_mon_prot_cis.pdbx_auth_seq_id_2 
_struct_mon_prot_cis.pdbx_auth_asym_id_2 
_struct_mon_prot_cis.pdbx_PDB_model_num 
_struct_mon_prot_cis.pdbx_omega_angle 
1 SER 9 A . ? SER 9 A PRO 10 A ? PRO 10 A 1 0.06  
2 SER 9 B . ? SER 9 B PRO 10 B ? PRO 10 B 1 -0.07 
# 
loop_
_struct_sheet.id 
_struct_sheet.type 
_struct_sheet.number_strands 
_struct_sheet.details 
AA ? 2 ? 
AB ? 3 ? 
CB ? 2 ? 
BA ? 2 ? 
BB ? 3 ? 
DB ? 1 ? 
# 
loop_
_struct_sheet_order.sheet_id 
_struct_sheet_order.range_id_1 
_struct_sheet_order.range_id_2 
_struct_sheet_order.offset 
_struct_sheet_order.sense 
AA 1 2 ? anti-parallel 
AB 1 2 ? anti-parallel 
AB 2 3 ? anti-parallel 
CB 1 2 ? anti-parallel 
BA 1 2 ? anti-parallel 
BB 1 2 ? anti-parallel 
BB 2 3 ? anti-parallel 
# 
loop_
_struct_sheet_range.sheet_id 
_struct_sheet_range.id 
_struct_sheet_range.beg_label_comp_id 
_struct_sheet_range.beg_label_asym_id 
_struct_sheet_range.beg_label_seq_id 
_struct_sheet_range.pdbx_beg_PDB_ins_code 
_struct_sheet_range.end_label_comp_id 
_struct_sheet_range.end_label_asym_id 
_struct_sheet_range.end_label_seq_id 
_struct_sheet_range.pdbx_end_PDB_ins_code 
_struct_sheet_range.beg_auth_comp_id 
_struct_sheet_range.beg_auth_asym_id 
_struct_sheet_range.beg_auth_seq_id 
_struct_sheet_range.end_auth_comp_id 
_struct_sheet_range.end_auth_asym_id 
_struct_sheet_range.end_auth_seq_id 
AA 1 VAL A 2  ? THR A 5  ? VAL A 2  THR A 5  
AA 2 SER A 12 ? THR A 15 ? SER A 12 THR A 15 
AB 1 GLU A 56 ? CYS A 60 ? GLU A 56 CYS A 60 
AB 2 LEU A 22 ? TRP A 28 ? LEU A 22 TRP A 28 
AB 3 VAL A 39 ? ALA A 45 ? VAL A 39 ALA A 45 
CB 1 ARG C 2  ? TYR C 4  ? ARG C 2  TYR C 4  
CB 2 SER C 7  ? TYR C 11 ? SER C 7  TYR C 11 
BA 1 VAL B 2  ? THR B 5  ? VAL B 2  THR B 5  
BA 2 SER B 12 ? THR B 15 ? SER B 12 THR B 15 
BB 1 GLU B 56 ? CYS B 60 ? GLU B 56 CYS B 60 
BB 2 LEU B 22 ? TRP B 28 ? LEU B 22 TRP B 28 
BB 3 VAL B 39 ? ALA B 45 ? VAL B 39 ALA B 45 
DB 1 TYR D 3  ? TYR D 4  ? TYR D 3  TYR D 4  
# 
loop_
_pdbx_struct_sheet_hbond.sheet_id 
_pdbx_struct_sheet_hbond.range_id_1 
_pdbx_struct_sheet_hbond.range_id_2 
_pdbx_struct_sheet_hbond.range_1_label_atom_id 
_pdbx_struct_sheet_hbond.range_1_label_comp_id 
_pdbx_struct_sheet_hbond.range_1_label_asym_id 
_pdbx_struct_sheet_hbond.range_1_label_seq_id 
_pdbx_struct_sheet_hbond.range_1_PDB_ins_code 
_pdbx_struct_sheet_hbond.range_1_auth_atom_id 
_pdbx_struct_sheet_hbond.range_1_auth_comp_id 
_pdbx_struct_sheet_hbond.range_1_auth_asym_id 
_pdbx_struct_sheet_hbond.range_1_auth_seq_id 
_pdbx_struct_sheet_hbond.range_2_label_atom_id 
_pdbx_struct_sheet_hbond.range_2_label_comp_id 
_pdbx_struct_sheet_hbond.range_2_label_asym_id 
_pdbx_struct_sheet_hbond.range_2_label_seq_id 
_pdbx_struct_sheet_hbond.range_2_PDB_ins_code 
_pdbx_struct_sheet_hbond.range_2_auth_atom_id 
_pdbx_struct_sheet_hbond.range_2_auth_comp_id 
_pdbx_struct_sheet_hbond.range_2_auth_asym_id 
_pdbx_struct_sheet_hbond.range_2_auth_seq_id 
AA 1 2 N THR A 5  ? N THR A 5  O SER A 12 ? O SER A 12 
AB 1 2 N CYS A 60 ? N CYS A 60 O CYS A 23 ? O CYS A 23 
AB 2 3 N TRP A 28 ? N TRP A 28 O VAL A 39 ? O VAL A 39 
CB 1 2 N TYR C 4  ? N TYR C 4  O SER C 7  ? O SER C 7  
BA 1 2 N THR B 5  ? N THR B 5  O SER B 12 ? O SER B 12 
BB 1 2 N CYS B 60 ? N CYS B 60 O CYS B 23 ? O CYS B 23 
BB 2 3 N TRP B 28 ? N TRP B 28 O VAL B 39 ? O VAL B 39 
# 
loop_
_struct_site.id 
_struct_site.pdbx_evidence_code 
_struct_site.pdbx_auth_asym_id 
_struct_site.pdbx_auth_comp_id 
_struct_site.pdbx_auth_seq_id 
_struct_site.pdbx_auth_ins_code 
_struct_site.pdbx_num_residues 
_struct_site.details 
AC1 Software A IOD 1075 ? 3 'BINDING SITE FOR RESIDUE IOD A 1075' 
AC2 Software B IOD 1075 ? 4 'BINDING SITE FOR RESIDUE IOD B 1075' 
# 
loop_
_struct_site_gen.id 
_struct_site_gen.site_id 
_struct_site_gen.pdbx_num_res 
_struct_site_gen.label_comp_id 
_struct_site_gen.label_asym_id 
_struct_site_gen.label_seq_id 
_struct_site_gen.pdbx_auth_ins_code 
_struct_site_gen.auth_comp_id 
_struct_site_gen.auth_asym_id 
_struct_site_gen.auth_seq_id 
_struct_site_gen.label_atom_id 
_struct_site_gen.label_alt_id 
_struct_site_gen.symmetry 
_struct_site_gen.details 
1 AC1 3 ARG A 25 ? ARG A 25   . ? 1_555 ? 
2 AC1 3 THR A 58 ? THR A 58   . ? 1_555 ? 
3 AC1 3 HOH G .  ? HOH A 2081 . ? 1_555 ? 
4 AC2 4 ARG B 25 ? ARG B 25   . ? 1_555 ? 
5 AC2 4 MET B 27 ? MET B 27   . ? 1_555 ? 
6 AC2 4 GLU B 56 ? GLU B 56   . ? 1_555 ? 
7 AC2 4 THR B 58 ? THR B 58   . ? 1_555 ? 
# 
_pdbx_entry_details.entry_id                   1HC9 
_pdbx_entry_details.compound_details           
;THE PEPTIDE BINDS ALPHA-BUNGAROTOXIN AND MIMICKS BINDING
 OF THE TOXIN TO THE NICOTINIC ACETYLCHOLINE RECEPTOR.
 RESIDUES A31 IS SEEN AS VAL WITH OCCUPANCY 0.3 AND ALA
 WITH OCCUPANCY 0.7, ACCORDING TO A WELL KNOWN MUTATION OF
 ALPHA-BUNGAROTOXIN
;
_pdbx_entry_details.source_details             ? 
_pdbx_entry_details.nonpolymer_details         ? 
_pdbx_entry_details.sequence_details           ? 
_pdbx_entry_details.has_ligand_of_interest     ? 
_pdbx_entry_details.has_protein_modification   Y 
# 
loop_
_pdbx_validate_torsion.id 
_pdbx_validate_torsion.PDB_model_num 
_pdbx_validate_torsion.auth_comp_id 
_pdbx_validate_torsion.auth_asym_id 
_pdbx_validate_torsion.auth_seq_id 
_pdbx_validate_torsion.PDB_ins_code 
_pdbx_validate_torsion.label_alt_id 
_pdbx_validate_torsion.phi 
_pdbx_validate_torsion.psi 
1 1 ASP A 30 ? ? -120.12 -164.36 
2 1 ASP A 30 ? ? -120.12 -164.62 
3 1 TYR A 54 ? ? -105.79 42.79   
4 1 ASN A 66 ? ? -114.65 56.49   
5 1 ASN B 66 ? ? -118.41 57.22   
# 
loop_
_pdbx_distant_solvent_atoms.id 
_pdbx_distant_solvent_atoms.PDB_model_num 
_pdbx_distant_solvent_atoms.auth_atom_id 
_pdbx_distant_solvent_atoms.label_alt_id 
_pdbx_distant_solvent_atoms.auth_asym_id 
_pdbx_distant_solvent_atoms.auth_comp_id 
_pdbx_distant_solvent_atoms.auth_seq_id 
_pdbx_distant_solvent_atoms.PDB_ins_code 
_pdbx_distant_solvent_atoms.neighbor_macromolecule_distance 
_pdbx_distant_solvent_atoms.neighbor_ligand_distance 
1  1 O ? A HOH 2002 ? 6.64 . 
2  1 O ? A HOH 2015 ? 6.81 . 
3  1 O ? A HOH 2021 ? 6.61 . 
4  1 O ? B HOH 2005 ? 5.94 . 
5  1 O ? B HOH 2006 ? 7.65 . 
6  1 O ? B HOH 2008 ? 6.68 . 
7  1 O ? B HOH 2009 ? 6.40 . 
8  1 O ? D HOH 2002 ? 6.55 . 
9  1 O ? D HOH 2003 ? 6.94 . 
10 1 O ? D HOH 2012 ? 6.21 . 
# 
_pdbx_unobs_or_zero_occ_residues.id               1 
_pdbx_unobs_or_zero_occ_residues.PDB_model_num    1 
_pdbx_unobs_or_zero_occ_residues.polymer_flag     Y 
_pdbx_unobs_or_zero_occ_residues.occupancy_flag   1 
_pdbx_unobs_or_zero_occ_residues.auth_asym_id     D 
_pdbx_unobs_or_zero_occ_residues.auth_comp_id     ASP 
_pdbx_unobs_or_zero_occ_residues.auth_seq_id      13 
_pdbx_unobs_or_zero_occ_residues.PDB_ins_code     ? 
_pdbx_unobs_or_zero_occ_residues.label_asym_id    D 
_pdbx_unobs_or_zero_occ_residues.label_comp_id    ASP 
_pdbx_unobs_or_zero_occ_residues.label_seq_id     13 
# 
loop_
_chem_comp_atom.comp_id 
_chem_comp_atom.atom_id 
_chem_comp_atom.type_symbol 
_chem_comp_atom.pdbx_aromatic_flag 
_chem_comp_atom.pdbx_stereo_config 
_chem_comp_atom.pdbx_ordinal 
ALA N    N N N 1   
ALA CA   C N S 2   
ALA C    C N N 3   
ALA O    O N N 4   
ALA CB   C N N 5   
ALA OXT  O N N 6   
ALA H    H N N 7   
ALA H2   H N N 8   
ALA HA   H N N 9   
ALA HB1  H N N 10  
ALA HB2  H N N 11  
ALA HB3  H N N 12  
ALA HXT  H N N 13  
ARG N    N N N 14  
ARG CA   C N S 15  
ARG C    C N N 16  
ARG O    O N N 17  
ARG CB   C N N 18  
ARG CG   C N N 19  
ARG CD   C N N 20  
ARG NE   N N N 21  
ARG CZ   C N N 22  
ARG NH1  N N N 23  
ARG NH2  N N N 24  
ARG OXT  O N N 25  
ARG H    H N N 26  
ARG H2   H N N 27  
ARG HA   H N N 28  
ARG HB2  H N N 29  
ARG HB3  H N N 30  
ARG HG2  H N N 31  
ARG HG3  H N N 32  
ARG HD2  H N N 33  
ARG HD3  H N N 34  
ARG HE   H N N 35  
ARG HH11 H N N 36  
ARG HH12 H N N 37  
ARG HH21 H N N 38  
ARG HH22 H N N 39  
ARG HXT  H N N 40  
ASN N    N N N 41  
ASN CA   C N S 42  
ASN C    C N N 43  
ASN O    O N N 44  
ASN CB   C N N 45  
ASN CG   C N N 46  
ASN OD1  O N N 47  
ASN ND2  N N N 48  
ASN OXT  O N N 49  
ASN H    H N N 50  
ASN H2   H N N 51  
ASN HA   H N N 52  
ASN HB2  H N N 53  
ASN HB3  H N N 54  
ASN HD21 H N N 55  
ASN HD22 H N N 56  
ASN HXT  H N N 57  
ASP N    N N N 58  
ASP CA   C N S 59  
ASP C    C N N 60  
ASP O    O N N 61  
ASP CB   C N N 62  
ASP CG   C N N 63  
ASP OD1  O N N 64  
ASP OD2  O N N 65  
ASP OXT  O N N 66  
ASP H    H N N 67  
ASP H2   H N N 68  
ASP HA   H N N 69  
ASP HB2  H N N 70  
ASP HB3  H N N 71  
ASP HD2  H N N 72  
ASP HXT  H N N 73  
CYS N    N N N 74  
CYS CA   C N R 75  
CYS C    C N N 76  
CYS O    O N N 77  
CYS CB   C N N 78  
CYS SG   S N N 79  
CYS OXT  O N N 80  
CYS H    H N N 81  
CYS H2   H N N 82  
CYS HA   H N N 83  
CYS HB2  H N N 84  
CYS HB3  H N N 85  
CYS HG   H N N 86  
CYS HXT  H N N 87  
GLN N    N N N 88  
GLN CA   C N S 89  
GLN C    C N N 90  
GLN O    O N N 91  
GLN CB   C N N 92  
GLN CG   C N N 93  
GLN CD   C N N 94  
GLN OE1  O N N 95  
GLN NE2  N N N 96  
GLN OXT  O N N 97  
GLN H    H N N 98  
GLN H2   H N N 99  
GLN HA   H N N 100 
GLN HB2  H N N 101 
GLN HB3  H N N 102 
GLN HG2  H N N 103 
GLN HG3  H N N 104 
GLN HE21 H N N 105 
GLN HE22 H N N 106 
GLN HXT  H N N 107 
GLU N    N N N 108 
GLU CA   C N S 109 
GLU C    C N N 110 
GLU O    O N N 111 
GLU CB   C N N 112 
GLU CG   C N N 113 
GLU CD   C N N 114 
GLU OE1  O N N 115 
GLU OE2  O N N 116 
GLU OXT  O N N 117 
GLU H    H N N 118 
GLU H2   H N N 119 
GLU HA   H N N 120 
GLU HB2  H N N 121 
GLU HB3  H N N 122 
GLU HG2  H N N 123 
GLU HG3  H N N 124 
GLU HE2  H N N 125 
GLU HXT  H N N 126 
GLY N    N N N 127 
GLY CA   C N N 128 
GLY C    C N N 129 
GLY O    O N N 130 
GLY OXT  O N N 131 
GLY H    H N N 132 
GLY H2   H N N 133 
GLY HA2  H N N 134 
GLY HA3  H N N 135 
GLY HXT  H N N 136 
HIS N    N N N 137 
HIS CA   C N S 138 
HIS C    C N N 139 
HIS O    O N N 140 
HIS CB   C N N 141 
HIS CG   C Y N 142 
HIS ND1  N Y N 143 
HIS CD2  C Y N 144 
HIS CE1  C Y N 145 
HIS NE2  N Y N 146 
HIS OXT  O N N 147 
HIS H    H N N 148 
HIS H2   H N N 149 
HIS HA   H N N 150 
HIS HB2  H N N 151 
HIS HB3  H N N 152 
HIS HD1  H N N 153 
HIS HD2  H N N 154 
HIS HE1  H N N 155 
HIS HE2  H N N 156 
HIS HXT  H N N 157 
HOH O    O N N 158 
HOH H1   H N N 159 
HOH H2   H N N 160 
ILE N    N N N 161 
ILE CA   C N S 162 
ILE C    C N N 163 
ILE O    O N N 164 
ILE CB   C N S 165 
ILE CG1  C N N 166 
ILE CG2  C N N 167 
ILE CD1  C N N 168 
ILE OXT  O N N 169 
ILE H    H N N 170 
ILE H2   H N N 171 
ILE HA   H N N 172 
ILE HB   H N N 173 
ILE HG12 H N N 174 
ILE HG13 H N N 175 
ILE HG21 H N N 176 
ILE HG22 H N N 177 
ILE HG23 H N N 178 
ILE HD11 H N N 179 
ILE HD12 H N N 180 
ILE HD13 H N N 181 
ILE HXT  H N N 182 
IOD I    I N N 183 
LEU N    N N N 184 
LEU CA   C N S 185 
LEU C    C N N 186 
LEU O    O N N 187 
LEU CB   C N N 188 
LEU CG   C N N 189 
LEU CD1  C N N 190 
LEU CD2  C N N 191 
LEU OXT  O N N 192 
LEU H    H N N 193 
LEU H2   H N N 194 
LEU HA   H N N 195 
LEU HB2  H N N 196 
LEU HB3  H N N 197 
LEU HG   H N N 198 
LEU HD11 H N N 199 
LEU HD12 H N N 200 
LEU HD13 H N N 201 
LEU HD21 H N N 202 
LEU HD22 H N N 203 
LEU HD23 H N N 204 
LEU HXT  H N N 205 
LYS N    N N N 206 
LYS CA   C N S 207 
LYS C    C N N 208 
LYS O    O N N 209 
LYS CB   C N N 210 
LYS CG   C N N 211 
LYS CD   C N N 212 
LYS CE   C N N 213 
LYS NZ   N N N 214 
LYS OXT  O N N 215 
LYS H    H N N 216 
LYS H2   H N N 217 
LYS HA   H N N 218 
LYS HB2  H N N 219 
LYS HB3  H N N 220 
LYS HG2  H N N 221 
LYS HG3  H N N 222 
LYS HD2  H N N 223 
LYS HD3  H N N 224 
LYS HE2  H N N 225 
LYS HE3  H N N 226 
LYS HZ1  H N N 227 
LYS HZ2  H N N 228 
LYS HZ3  H N N 229 
LYS HXT  H N N 230 
MET N    N N N 231 
MET CA   C N S 232 
MET C    C N N 233 
MET O    O N N 234 
MET CB   C N N 235 
MET CG   C N N 236 
MET SD   S N N 237 
MET CE   C N N 238 
MET OXT  O N N 239 
MET H    H N N 240 
MET H2   H N N 241 
MET HA   H N N 242 
MET HB2  H N N 243 
MET HB3  H N N 244 
MET HG2  H N N 245 
MET HG3  H N N 246 
MET HE1  H N N 247 
MET HE2  H N N 248 
MET HE3  H N N 249 
MET HXT  H N N 250 
PHE N    N N N 251 
PHE CA   C N S 252 
PHE C    C N N 253 
PHE O    O N N 254 
PHE CB   C N N 255 
PHE CG   C Y N 256 
PHE CD1  C Y N 257 
PHE CD2  C Y N 258 
PHE CE1  C Y N 259 
PHE CE2  C Y N 260 
PHE CZ   C Y N 261 
PHE OXT  O N N 262 
PHE H    H N N 263 
PHE H2   H N N 264 
PHE HA   H N N 265 
PHE HB2  H N N 266 
PHE HB3  H N N 267 
PHE HD1  H N N 268 
PHE HD2  H N N 269 
PHE HE1  H N N 270 
PHE HE2  H N N 271 
PHE HZ   H N N 272 
PHE HXT  H N N 273 
PRO N    N N N 274 
PRO CA   C N S 275 
PRO C    C N N 276 
PRO O    O N N 277 
PRO CB   C N N 278 
PRO CG   C N N 279 
PRO CD   C N N 280 
PRO OXT  O N N 281 
PRO H    H N N 282 
PRO HA   H N N 283 
PRO HB2  H N N 284 
PRO HB3  H N N 285 
PRO HG2  H N N 286 
PRO HG3  H N N 287 
PRO HD2  H N N 288 
PRO HD3  H N N 289 
PRO HXT  H N N 290 
SER N    N N N 291 
SER CA   C N S 292 
SER C    C N N 293 
SER O    O N N 294 
SER CB   C N N 295 
SER OG   O N N 296 
SER OXT  O N N 297 
SER H    H N N 298 
SER H2   H N N 299 
SER HA   H N N 300 
SER HB2  H N N 301 
SER HB3  H N N 302 
SER HG   H N N 303 
SER HXT  H N N 304 
THR N    N N N 305 
THR CA   C N S 306 
THR C    C N N 307 
THR O    O N N 308 
THR CB   C N R 309 
THR OG1  O N N 310 
THR CG2  C N N 311 
THR OXT  O N N 312 
THR H    H N N 313 
THR H2   H N N 314 
THR HA   H N N 315 
THR HB   H N N 316 
THR HG1  H N N 317 
THR HG21 H N N 318 
THR HG22 H N N 319 
THR HG23 H N N 320 
THR HXT  H N N 321 
TRP N    N N N 322 
TRP CA   C N S 323 
TRP C    C N N 324 
TRP O    O N N 325 
TRP CB   C N N 326 
TRP CG   C Y N 327 
TRP CD1  C Y N 328 
TRP CD2  C Y N 329 
TRP NE1  N Y N 330 
TRP CE2  C Y N 331 
TRP CE3  C Y N 332 
TRP CZ2  C Y N 333 
TRP CZ3  C Y N 334 
TRP CH2  C Y N 335 
TRP OXT  O N N 336 
TRP H    H N N 337 
TRP H2   H N N 338 
TRP HA   H N N 339 
TRP HB2  H N N 340 
TRP HB3  H N N 341 
TRP HD1  H N N 342 
TRP HE1  H N N 343 
TRP HE3  H N N 344 
TRP HZ2  H N N 345 
TRP HZ3  H N N 346 
TRP HH2  H N N 347 
TRP HXT  H N N 348 
TYR N    N N N 349 
TYR CA   C N S 350 
TYR C    C N N 351 
TYR O    O N N 352 
TYR CB   C N N 353 
TYR CG   C Y N 354 
TYR CD1  C Y N 355 
TYR CD2  C Y N 356 
TYR CE1  C Y N 357 
TYR CE2  C Y N 358 
TYR CZ   C Y N 359 
TYR OH   O N N 360 
TYR OXT  O N N 361 
TYR H    H N N 362 
TYR H2   H N N 363 
TYR HA   H N N 364 
TYR HB2  H N N 365 
TYR HB3  H N N 366 
TYR HD1  H N N 367 
TYR HD2  H N N 368 
TYR HE1  H N N 369 
TYR HE2  H N N 370 
TYR HH   H N N 371 
TYR HXT  H N N 372 
VAL N    N N N 373 
VAL CA   C N S 374 
VAL C    C N N 375 
VAL O    O N N 376 
VAL CB   C N N 377 
VAL CG1  C N N 378 
VAL CG2  C N N 379 
VAL OXT  O N N 380 
VAL H    H N N 381 
VAL H2   H N N 382 
VAL HA   H N N 383 
VAL HB   H N N 384 
VAL HG11 H N N 385 
VAL HG12 H N N 386 
VAL HG13 H N N 387 
VAL HG21 H N N 388 
VAL HG22 H N N 389 
VAL HG23 H N N 390 
VAL HXT  H N N 391 
# 
loop_
_chem_comp_bond.comp_id 
_chem_comp_bond.atom_id_1 
_chem_comp_bond.atom_id_2 
_chem_comp_bond.value_order 
_chem_comp_bond.pdbx_aromatic_flag 
_chem_comp_bond.pdbx_stereo_config 
_chem_comp_bond.pdbx_ordinal 
ALA N   CA   sing N N 1   
ALA N   H    sing N N 2   
ALA N   H2   sing N N 3   
ALA CA  C    sing N N 4   
ALA CA  CB   sing N N 5   
ALA CA  HA   sing N N 6   
ALA C   O    doub N N 7   
ALA C   OXT  sing N N 8   
ALA CB  HB1  sing N N 9   
ALA CB  HB2  sing N N 10  
ALA CB  HB3  sing N N 11  
ALA OXT HXT  sing N N 12  
ARG N   CA   sing N N 13  
ARG N   H    sing N N 14  
ARG N   H2   sing N N 15  
ARG CA  C    sing N N 16  
ARG CA  CB   sing N N 17  
ARG CA  HA   sing N N 18  
ARG C   O    doub N N 19  
ARG C   OXT  sing N N 20  
ARG CB  CG   sing N N 21  
ARG CB  HB2  sing N N 22  
ARG CB  HB3  sing N N 23  
ARG CG  CD   sing N N 24  
ARG CG  HG2  sing N N 25  
ARG CG  HG3  sing N N 26  
ARG CD  NE   sing N N 27  
ARG CD  HD2  sing N N 28  
ARG CD  HD3  sing N N 29  
ARG NE  CZ   sing N N 30  
ARG NE  HE   sing N N 31  
ARG CZ  NH1  sing N N 32  
ARG CZ  NH2  doub N N 33  
ARG NH1 HH11 sing N N 34  
ARG NH1 HH12 sing N N 35  
ARG NH2 HH21 sing N N 36  
ARG NH2 HH22 sing N N 37  
ARG OXT HXT  sing N N 38  
ASN N   CA   sing N N 39  
ASN N   H    sing N N 40  
ASN N   H2   sing N N 41  
ASN CA  C    sing N N 42  
ASN CA  CB   sing N N 43  
ASN CA  HA   sing N N 44  
ASN C   O    doub N N 45  
ASN C   OXT  sing N N 46  
ASN CB  CG   sing N N 47  
ASN CB  HB2  sing N N 48  
ASN CB  HB3  sing N N 49  
ASN CG  OD1  doub N N 50  
ASN CG  ND2  sing N N 51  
ASN ND2 HD21 sing N N 52  
ASN ND2 HD22 sing N N 53  
ASN OXT HXT  sing N N 54  
ASP N   CA   sing N N 55  
ASP N   H    sing N N 56  
ASP N   H2   sing N N 57  
ASP CA  C    sing N N 58  
ASP CA  CB   sing N N 59  
ASP CA  HA   sing N N 60  
ASP C   O    doub N N 61  
ASP C   OXT  sing N N 62  
ASP CB  CG   sing N N 63  
ASP CB  HB2  sing N N 64  
ASP CB  HB3  sing N N 65  
ASP CG  OD1  doub N N 66  
ASP CG  OD2  sing N N 67  
ASP OD2 HD2  sing N N 68  
ASP OXT HXT  sing N N 69  
CYS N   CA   sing N N 70  
CYS N   H    sing N N 71  
CYS N   H2   sing N N 72  
CYS CA  C    sing N N 73  
CYS CA  CB   sing N N 74  
CYS CA  HA   sing N N 75  
CYS C   O    doub N N 76  
CYS C   OXT  sing N N 77  
CYS CB  SG   sing N N 78  
CYS CB  HB2  sing N N 79  
CYS CB  HB3  sing N N 80  
CYS SG  HG   sing N N 81  
CYS OXT HXT  sing N N 82  
GLN N   CA   sing N N 83  
GLN N   H    sing N N 84  
GLN N   H2   sing N N 85  
GLN CA  C    sing N N 86  
GLN CA  CB   sing N N 87  
GLN CA  HA   sing N N 88  
GLN C   O    doub N N 89  
GLN C   OXT  sing N N 90  
GLN CB  CG   sing N N 91  
GLN CB  HB2  sing N N 92  
GLN CB  HB3  sing N N 93  
GLN CG  CD   sing N N 94  
GLN CG  HG2  sing N N 95  
GLN CG  HG3  sing N N 96  
GLN CD  OE1  doub N N 97  
GLN CD  NE2  sing N N 98  
GLN NE2 HE21 sing N N 99  
GLN NE2 HE22 sing N N 100 
GLN OXT HXT  sing N N 101 
GLU N   CA   sing N N 102 
GLU N   H    sing N N 103 
GLU N   H2   sing N N 104 
GLU CA  C    sing N N 105 
GLU CA  CB   sing N N 106 
GLU CA  HA   sing N N 107 
GLU C   O    doub N N 108 
GLU C   OXT  sing N N 109 
GLU CB  CG   sing N N 110 
GLU CB  HB2  sing N N 111 
GLU CB  HB3  sing N N 112 
GLU CG  CD   sing N N 113 
GLU CG  HG2  sing N N 114 
GLU CG  HG3  sing N N 115 
GLU CD  OE1  doub N N 116 
GLU CD  OE2  sing N N 117 
GLU OE2 HE2  sing N N 118 
GLU OXT HXT  sing N N 119 
GLY N   CA   sing N N 120 
GLY N   H    sing N N 121 
GLY N   H2   sing N N 122 
GLY CA  C    sing N N 123 
GLY CA  HA2  sing N N 124 
GLY CA  HA3  sing N N 125 
GLY C   O    doub N N 126 
GLY C   OXT  sing N N 127 
GLY OXT HXT  sing N N 128 
HIS N   CA   sing N N 129 
HIS N   H    sing N N 130 
HIS N   H2   sing N N 131 
HIS CA  C    sing N N 132 
HIS CA  CB   sing N N 133 
HIS CA  HA   sing N N 134 
HIS C   O    doub N N 135 
HIS C   OXT  sing N N 136 
HIS CB  CG   sing N N 137 
HIS CB  HB2  sing N N 138 
HIS CB  HB3  sing N N 139 
HIS CG  ND1  sing Y N 140 
HIS CG  CD2  doub Y N 141 
HIS ND1 CE1  doub Y N 142 
HIS ND1 HD1  sing N N 143 
HIS CD2 NE2  sing Y N 144 
HIS CD2 HD2  sing N N 145 
HIS CE1 NE2  sing Y N 146 
HIS CE1 HE1  sing N N 147 
HIS NE2 HE2  sing N N 148 
HIS OXT HXT  sing N N 149 
HOH O   H1   sing N N 150 
HOH O   H2   sing N N 151 
ILE N   CA   sing N N 152 
ILE N   H    sing N N 153 
ILE N   H2   sing N N 154 
ILE CA  C    sing N N 155 
ILE CA  CB   sing N N 156 
ILE CA  HA   sing N N 157 
ILE C   O    doub N N 158 
ILE C   OXT  sing N N 159 
ILE CB  CG1  sing N N 160 
ILE CB  CG2  sing N N 161 
ILE CB  HB   sing N N 162 
ILE CG1 CD1  sing N N 163 
ILE CG1 HG12 sing N N 164 
ILE CG1 HG13 sing N N 165 
ILE CG2 HG21 sing N N 166 
ILE CG2 HG22 sing N N 167 
ILE CG2 HG23 sing N N 168 
ILE CD1 HD11 sing N N 169 
ILE CD1 HD12 sing N N 170 
ILE CD1 HD13 sing N N 171 
ILE OXT HXT  sing N N 172 
LEU N   CA   sing N N 173 
LEU N   H    sing N N 174 
LEU N   H2   sing N N 175 
LEU CA  C    sing N N 176 
LEU CA  CB   sing N N 177 
LEU CA  HA   sing N N 178 
LEU C   O    doub N N 179 
LEU C   OXT  sing N N 180 
LEU CB  CG   sing N N 181 
LEU CB  HB2  sing N N 182 
LEU CB  HB3  sing N N 183 
LEU CG  CD1  sing N N 184 
LEU CG  CD2  sing N N 185 
LEU CG  HG   sing N N 186 
LEU CD1 HD11 sing N N 187 
LEU CD1 HD12 sing N N 188 
LEU CD1 HD13 sing N N 189 
LEU CD2 HD21 sing N N 190 
LEU CD2 HD22 sing N N 191 
LEU CD2 HD23 sing N N 192 
LEU OXT HXT  sing N N 193 
LYS N   CA   sing N N 194 
LYS N   H    sing N N 195 
LYS N   H2   sing N N 196 
LYS CA  C    sing N N 197 
LYS CA  CB   sing N N 198 
LYS CA  HA   sing N N 199 
LYS C   O    doub N N 200 
LYS C   OXT  sing N N 201 
LYS CB  CG   sing N N 202 
LYS CB  HB2  sing N N 203 
LYS CB  HB3  sing N N 204 
LYS CG  CD   sing N N 205 
LYS CG  HG2  sing N N 206 
LYS CG  HG3  sing N N 207 
LYS CD  CE   sing N N 208 
LYS CD  HD2  sing N N 209 
LYS CD  HD3  sing N N 210 
LYS CE  NZ   sing N N 211 
LYS CE  HE2  sing N N 212 
LYS CE  HE3  sing N N 213 
LYS NZ  HZ1  sing N N 214 
LYS NZ  HZ2  sing N N 215 
LYS NZ  HZ3  sing N N 216 
LYS OXT HXT  sing N N 217 
MET N   CA   sing N N 218 
MET N   H    sing N N 219 
MET N   H2   sing N N 220 
MET CA  C    sing N N 221 
MET CA  CB   sing N N 222 
MET CA  HA   sing N N 223 
MET C   O    doub N N 224 
MET C   OXT  sing N N 225 
MET CB  CG   sing N N 226 
MET CB  HB2  sing N N 227 
MET CB  HB3  sing N N 228 
MET CG  SD   sing N N 229 
MET CG  HG2  sing N N 230 
MET CG  HG3  sing N N 231 
MET SD  CE   sing N N 232 
MET CE  HE1  sing N N 233 
MET CE  HE2  sing N N 234 
MET CE  HE3  sing N N 235 
MET OXT HXT  sing N N 236 
PHE N   CA   sing N N 237 
PHE N   H    sing N N 238 
PHE N   H2   sing N N 239 
PHE CA  C    sing N N 240 
PHE CA  CB   sing N N 241 
PHE CA  HA   sing N N 242 
PHE C   O    doub N N 243 
PHE C   OXT  sing N N 244 
PHE CB  CG   sing N N 245 
PHE CB  HB2  sing N N 246 
PHE CB  HB3  sing N N 247 
PHE CG  CD1  doub Y N 248 
PHE CG  CD2  sing Y N 249 
PHE CD1 CE1  sing Y N 250 
PHE CD1 HD1  sing N N 251 
PHE CD2 CE2  doub Y N 252 
PHE CD2 HD2  sing N N 253 
PHE CE1 CZ   doub Y N 254 
PHE CE1 HE1  sing N N 255 
PHE CE2 CZ   sing Y N 256 
PHE CE2 HE2  sing N N 257 
PHE CZ  HZ   sing N N 258 
PHE OXT HXT  sing N N 259 
PRO N   CA   sing N N 260 
PRO N   CD   sing N N 261 
PRO N   H    sing N N 262 
PRO CA  C    sing N N 263 
PRO CA  CB   sing N N 264 
PRO CA  HA   sing N N 265 
PRO C   O    doub N N 266 
PRO C   OXT  sing N N 267 
PRO CB  CG   sing N N 268 
PRO CB  HB2  sing N N 269 
PRO CB  HB3  sing N N 270 
PRO CG  CD   sing N N 271 
PRO CG  HG2  sing N N 272 
PRO CG  HG3  sing N N 273 
PRO CD  HD2  sing N N 274 
PRO CD  HD3  sing N N 275 
PRO OXT HXT  sing N N 276 
SER N   CA   sing N N 277 
SER N   H    sing N N 278 
SER N   H2   sing N N 279 
SER CA  C    sing N N 280 
SER CA  CB   sing N N 281 
SER CA  HA   sing N N 282 
SER C   O    doub N N 283 
SER C   OXT  sing N N 284 
SER CB  OG   sing N N 285 
SER CB  HB2  sing N N 286 
SER CB  HB3  sing N N 287 
SER OG  HG   sing N N 288 
SER OXT HXT  sing N N 289 
THR N   CA   sing N N 290 
THR N   H    sing N N 291 
THR N   H2   sing N N 292 
THR CA  C    sing N N 293 
THR CA  CB   sing N N 294 
THR CA  HA   sing N N 295 
THR C   O    doub N N 296 
THR C   OXT  sing N N 297 
THR CB  OG1  sing N N 298 
THR CB  CG2  sing N N 299 
THR CB  HB   sing N N 300 
THR OG1 HG1  sing N N 301 
THR CG2 HG21 sing N N 302 
THR CG2 HG22 sing N N 303 
THR CG2 HG23 sing N N 304 
THR OXT HXT  sing N N 305 
TRP N   CA   sing N N 306 
TRP N   H    sing N N 307 
TRP N   H2   sing N N 308 
TRP CA  C    sing N N 309 
TRP CA  CB   sing N N 310 
TRP CA  HA   sing N N 311 
TRP C   O    doub N N 312 
TRP C   OXT  sing N N 313 
TRP CB  CG   sing N N 314 
TRP CB  HB2  sing N N 315 
TRP CB  HB3  sing N N 316 
TRP CG  CD1  doub Y N 317 
TRP CG  CD2  sing Y N 318 
TRP CD1 NE1  sing Y N 319 
TRP CD1 HD1  sing N N 320 
TRP CD2 CE2  doub Y N 321 
TRP CD2 CE3  sing Y N 322 
TRP NE1 CE2  sing Y N 323 
TRP NE1 HE1  sing N N 324 
TRP CE2 CZ2  sing Y N 325 
TRP CE3 CZ3  doub Y N 326 
TRP CE3 HE3  sing N N 327 
TRP CZ2 CH2  doub Y N 328 
TRP CZ2 HZ2  sing N N 329 
TRP CZ3 CH2  sing Y N 330 
TRP CZ3 HZ3  sing N N 331 
TRP CH2 HH2  sing N N 332 
TRP OXT HXT  sing N N 333 
TYR N   CA   sing N N 334 
TYR N   H    sing N N 335 
TYR N   H2   sing N N 336 
TYR CA  C    sing N N 337 
TYR CA  CB   sing N N 338 
TYR CA  HA   sing N N 339 
TYR C   O    doub N N 340 
TYR C   OXT  sing N N 341 
TYR CB  CG   sing N N 342 
TYR CB  HB2  sing N N 343 
TYR CB  HB3  sing N N 344 
TYR CG  CD1  doub Y N 345 
TYR CG  CD2  sing Y N 346 
TYR CD1 CE1  sing Y N 347 
TYR CD1 HD1  sing N N 348 
TYR CD2 CE2  doub Y N 349 
TYR CD2 HD2  sing N N 350 
TYR CE1 CZ   doub Y N 351 
TYR CE1 HE1  sing N N 352 
TYR CE2 CZ   sing Y N 353 
TYR CE2 HE2  sing N N 354 
TYR CZ  OH   sing N N 355 
TYR OH  HH   sing N N 356 
TYR OXT HXT  sing N N 357 
VAL N   CA   sing N N 358 
VAL N   H    sing N N 359 
VAL N   H2   sing N N 360 
VAL CA  C    sing N N 361 
VAL CA  CB   sing N N 362 
VAL CA  HA   sing N N 363 
VAL C   O    doub N N 364 
VAL C   OXT  sing N N 365 
VAL CB  CG1  sing N N 366 
VAL CB  CG2  sing N N 367 
VAL CB  HB   sing N N 368 
VAL CG1 HG11 sing N N 369 
VAL CG1 HG12 sing N N 370 
VAL CG1 HG13 sing N N 371 
VAL CG2 HG21 sing N N 372 
VAL CG2 HG22 sing N N 373 
VAL CG2 HG23 sing N N 374 
VAL OXT HXT  sing N N 375 
# 
_pdbx_initial_refinement_model.id               1 
_pdbx_initial_refinement_model.entity_id_list   ? 
_pdbx_initial_refinement_model.type             'experimental model' 
_pdbx_initial_refinement_model.source_name      PDB 
_pdbx_initial_refinement_model.accession_code   1NTN 
_pdbx_initial_refinement_model.details          'PDB ENTRY 1NTN 1-66 RESIDUES' 
# 
_atom_sites.entry_id                    1HC9 
_atom_sites.fract_transf_matrix[1][1]   -0.00370482 
_atom_sites.fract_transf_matrix[1][2]   -0.02227846 
_atom_sites.fract_transf_matrix[1][3]   0.00746447 
_atom_sites.fract_transf_matrix[2][1]   0.00367651 
_atom_sites.fract_transf_matrix[2][2]   0.00115142 
_atom_sites.fract_transf_matrix[2][3]   0.00526127 
_atom_sites.fract_transf_matrix[3][1]   -0.01107064 
_atom_sites.fract_transf_matrix[3][2]   0.00413014 
_atom_sites.fract_transf_matrix[3][3]   0.00683214 
_atom_sites.fract_transf_vector[1]      0.166776 
_atom_sites.fract_transf_vector[2]      0.204198 
_atom_sites.fract_transf_vector[3]      0.125054 
# 
loop_
_atom_type.symbol 
C 
I 
N 
O 
S 
# 
loop_
_atom_site.group_PDB 
_atom_site.id 
_atom_site.type_symbol 
_atom_site.label_atom_id 
_atom_site.label_alt_id 
_atom_site.label_comp_id 
_atom_site.label_asym_id 
_atom_site.label_entity_id 
_atom_site.label_seq_id 
_atom_site.pdbx_PDB_ins_code 
_atom_site.Cartn_x 
_atom_site.Cartn_y 
_atom_site.Cartn_z 
_atom_site.occupancy 
_atom_site.B_iso_or_equiv 
_atom_site.pdbx_formal_charge 
_atom_site.auth_seq_id 
_atom_site.auth_comp_id 
_atom_site.auth_asym_id 
_atom_site.auth_atom_id 
_atom_site.pdbx_PDB_model_num 
ATOM   1    N N   . ILE A 1 1  ? -10.333 4.940   19.062  1.00   16.44 ? 1    ILE A N   1 
ATOM   2    C CA  . ILE A 1 1  ? -9.134  4.463   19.815  1.00   16.05 ? 1    ILE A CA  1 
ATOM   3    C C   . ILE A 1 1  ? -7.920  5.336   19.489  1.00   16.01 ? 1    ILE A C   1 
ATOM   4    O O   . ILE A 1 1  ? -7.841  5.926   18.413  1.00   16.78 ? 1    ILE A O   1 
ATOM   5    C CB  . ILE A 1 1  ? -8.814  2.982   19.457  1.00   14.29 ? 1    ILE A CB  1 
ATOM   6    C CG1 . ILE A 1 1  ? -7.755  2.424   20.414  1.00   15.22 ? 1    ILE A CG1 1 
ATOM   7    C CG2 . ILE A 1 1  ? -8.327  2.881   18.018  1.00   15.32 ? 1    ILE A CG2 1 
ATOM   8    C CD1 . ILE A 1 1  ? -7.538  0.919   20.282  1.00   17.90 ? 1    ILE A CD1 1 
ATOM   9    N N   . VAL A 1 2  ? -6.991  5.429   20.434  1.00   15.75 ? 2    VAL A N   1 
ATOM   10   C CA  . VAL A 1 2  ? -5.767  6.210   20.259  1.00   16.51 ? 2    VAL A CA  1 
ATOM   11   C C   . VAL A 1 2  ? -4.604  5.225   20.153  1.00   16.70 ? 2    VAL A C   1 
ATOM   12   O O   . VAL A 1 2  ? -4.458  4.348   21.002  1.00   14.73 ? 2    VAL A O   1 
ATOM   13   C CB  . VAL A 1 2  ? -5.526  7.151   21.464  1.00   15.61 ? 2    VAL A CB  1 
ATOM   14   C CG1 . VAL A 1 2  ? -4.153  7.806   21.355  1.00   15.47 ? 2    VAL A CG1 1 
ATOM   15   C CG2 . VAL A 1 2  ? -6.624  8.209   21.524  1.00   18.67 ? 2    VAL A CG2 1 
ATOM   16   N N   . CYS A 1 3  ? -3.773  5.382   19.122  1.00   15.25 ? 3    CYS A N   1 
ATOM   17   C CA  . CYS A 1 3  ? -2.649  4.470   18.892  1.00   13.36 ? 3    CYS A CA  1 
ATOM   18   C C   . CYS A 1 3  ? -1.309  5.139   18.652  1.00   15.54 ? 3    CYS A C   1 
ATOM   19   O O   . CYS A 1 3  ? -1.245  6.287   18.201  1.00   14.66 ? 3    CYS A O   1 
ATOM   20   C CB  . CYS A 1 3  ? -2.933  3.597   17.669  1.00   12.84 ? 3    CYS A CB  1 
ATOM   21   S SG  . CYS A 1 3  ? -4.490  2.671   17.731  1.00   15.27 ? 3    CYS A SG  1 
ATOM   22   N N   . HIS A 1 4  ? -0.235  4.402   18.937  1.00   13.67 ? 4    HIS A N   1 
ATOM   23   C CA  . HIS A 1 4  ? 1.113   4.895   18.687  1.00   14.61 ? 4    HIS A CA  1 
ATOM   24   C C   . HIS A 1 4  ? 1.295   4.812   17.169  1.00   14.68 ? 4    HIS A C   1 
ATOM   25   O O   . HIS A 1 4  ? 0.738   3.919   16.528  1.00   12.64 ? 4    HIS A O   1 
ATOM   26   C CB  . HIS A 1 4  ? 2.152   3.996   19.366  1.00   14.70 ? 4    HIS A CB  1 
ATOM   27   C CG  . HIS A 1 4  ? 2.190   4.124   20.859  1.00   17.51 ? 4    HIS A CG  1 
ATOM   28   N ND1 . HIS A 1 4  ? 2.716   5.226   21.498  1.00   18.48 ? 4    HIS A ND1 1 
ATOM   29   C CD2 . HIS A 1 4  ? 1.790   3.277   21.838  1.00   16.56 ? 4    HIS A CD2 1 
ATOM   30   C CE1 . HIS A 1 4  ? 2.644   5.050   22.807  1.00   20.19 ? 4    HIS A CE1 1 
ATOM   31   N NE2 . HIS A 1 4  ? 2.087   3.874   23.039  1.00   17.34 ? 4    HIS A NE2 1 
ATOM   32   N N   . THR A 1 5  ? 2.058   5.738   16.595  1.00   13.94 ? 5    THR A N   1 
ATOM   33   C CA  . THR A 1 5  ? 2.304   5.734   15.153  1.00   13.99 ? 5    THR A CA  1 
ATOM   34   C C   . THR A 1 5  ? 3.776   5.998   14.852  1.00   14.10 ? 5    THR A C   1 
ATOM   35   O O   . THR A 1 5  ? 4.402   6.841   15.491  1.00   14.98 ? 5    THR A O   1 
ATOM   36   C CB  . THR A 1 5  ? 1.458   6.808   14.409  1.00   14.54 ? 5    THR A CB  1 
ATOM   37   O OG1 . THR A 1 5  ? 1.895   6.894   13.047  1.00   13.67 ? 5    THR A OG1 1 
ATOM   38   C CG2 . THR A 1 5  ? 1.607   8.180   15.061  1.00   15.08 ? 5    THR A CG2 1 
ATOM   39   N N   . THR A 1 6  ? 4.331   5.270   13.888  1.00   12.22 ? 6    THR A N   1 
ATOM   40   C CA  . THR A 1 6  ? 5.725   5.464   13.512  1.00   14.12 ? 6    THR A CA  1 
ATOM   41   C C   . THR A 1 6  ? 5.817   6.456   12.354  1.00   14.25 ? 6    THR A C   1 
ATOM   42   O O   . THR A 1 6  ? 6.887   6.666   11.784  1.00   16.03 ? 6    THR A O   1 
ATOM   43   C CB  . THR A 1 6  ? 6.403   4.129   13.107  1.00   14.99 ? 6    THR A CB  1 
ATOM   44   O OG1 . THR A 1 6  ? 5.517   3.367   12.276  1.00   13.68 ? 6    THR A OG1 1 
ATOM   45   C CG2 . THR A 1 6  ? 6.758   3.314   14.347  1.00   13.41 ? 6    THR A CG2 1 
ATOM   46   N N   . ALA A 1 7  ? 4.688   7.068   12.017  1.00   15.17 ? 7    ALA A N   1 
ATOM   47   C CA  . ALA A 1 7  ? 4.655   8.046   10.935  1.00   15.65 ? 7    ALA A CA  1 
ATOM   48   C C   . ALA A 1 7  ? 5.312   9.342   11.395  1.00   17.09 ? 7    ALA A C   1 
ATOM   49   O O   . ALA A 1 7  ? 5.696   10.185  10.576  1.00   17.93 ? 7    ALA A O   1 
ATOM   50   C CB  . ALA A 1 7  ? 3.215   8.311   10.508  1.00   15.59 ? 7    ALA A CB  1 
ATOM   51   N N   . THR A 1 8  ? 5.452   9.502   12.706  1.00   16.47 ? 8    THR A N   1 
ATOM   52   C CA  . THR A 1 8  ? 6.057   10.715  13.235  1.00   15.68 ? 8    THR A CA  1 
ATOM   53   C C   . THR A 1 8  ? 7.394   10.478  13.921  1.00   17.62 ? 8    THR A C   1 
ATOM   54   O O   . THR A 1 8  ? 7.759   9.345   14.239  1.00   16.19 ? 8    THR A O   1 
ATOM   55   C CB  . THR A 1 8  ? 5.121   11.421  14.244  1.00   17.30 ? 8    THR A CB  1 
ATOM   56   O OG1 . THR A 1 8  ? 4.896   10.572  15.381  1.00   16.00 ? 8    THR A OG1 1 
ATOM   57   C CG2 . THR A 1 8  ? 3.787   11.766  13.583  1.00   15.54 ? 8    THR A CG2 1 
ATOM   58   N N   . SER A 1 9  ? 8.116   11.571  14.135  1.00   16.51 ? 9    SER A N   1 
ATOM   59   C CA  . SER A 1 9  ? 9.408   11.546  14.804  1.00   18.43 ? 9    SER A CA  1 
ATOM   60   C C   . SER A 1 9  ? 9.451   12.727  15.765  1.00   19.98 ? 9    SER A C   1 
ATOM   61   O O   . SER A 1 9  ? 9.463   13.887  15.338  1.00   20.77 ? 9    SER A O   1 
ATOM   62   C CB  . SER A 1 9  ? 10.550  11.670  13.793  1.00   20.81 ? 9    SER A CB  1 
ATOM   63   O OG  . SER A 1 9  ? 11.797  11.728  14.465  1.00   23.01 ? 9    SER A OG  1 
ATOM   64   N N   . PRO A 1 10 ? 9.462   12.451  17.077  1.00   19.92 ? 10   PRO A N   1 
ATOM   65   C CA  . PRO A 1 10 ? 9.437   11.094  17.639  1.00   19.64 ? 10   PRO A CA  1 
ATOM   66   C C   . PRO A 1 10 ? 8.086   10.395  17.503  1.00   18.65 ? 10   PRO A C   1 
ATOM   67   O O   . PRO A 1 10 ? 7.089   11.001  17.091  1.00   17.24 ? 10   PRO A O   1 
ATOM   68   C CB  . PRO A 1 10 ? 9.819   11.326  19.100  1.00   20.77 ? 10   PRO A CB  1 
ATOM   69   C CG  . PRO A 1 10 ? 9.205   12.661  19.387  1.00   23.22 ? 10   PRO A CG  1 
ATOM   70   C CD  . PRO A 1 10 ? 9.572   13.459  18.145  1.00   20.73 ? 10   PRO A CD  1 
ATOM   71   N N   . ILE A 1 11 ? 8.068   9.106   17.830  1.00   17.73 ? 11   ILE A N   1 
ATOM   72   C CA  . ILE A 1 11 ? 6.835   8.326   17.780  1.00   16.29 ? 11   ILE A CA  1 
ATOM   73   C C   . ILE A 1 11 ? 5.838   9.012   18.709  1.00   16.13 ? 11   ILE A C   1 
ATOM   74   O O   . ILE A 1 11 ? 6.184   9.398   19.820  1.00   15.96 ? 11   ILE A O   1 
ATOM   75   C CB  . ILE A 1 11 ? 7.076   6.878   18.278  1.00   16.99 ? 11   ILE A CB  1 
ATOM   76   C CG1 . ILE A 1 11 ? 7.928   6.116   17.257  1.00   18.25 ? 11   ILE A CG1 1 
ATOM   77   C CG2 . ILE A 1 11 ? 5.744   6.180   18.524  1.00   14.92 ? 11   ILE A CG2 1 
ATOM   78   C CD1 . ILE A 1 11 ? 8.410   4.747   17.731  1.00   19.24 ? 11   ILE A CD1 1 
ATOM   79   N N   A SER A 1 12 ? 4.600   9.160   18.248  0.50   15.97 ? 12   SER A N   1 
ATOM   80   N N   B SER A 1 12 ? 4.601   9.170   18.251  0.50   14.89 ? 12   SER A N   1 
ATOM   81   C CA  A SER A 1 12 ? 3.571   9.810   19.046  0.50   16.41 ? 12   SER A CA  1 
ATOM   82   C CA  B SER A 1 12 ? 3.582   9.808   19.071  0.50   14.48 ? 12   SER A CA  1 
ATOM   83   C C   A SER A 1 12 ? 2.253   9.059   18.936  0.50   15.46 ? 12   SER A C   1 
ATOM   84   C C   B SER A 1 12 ? 2.254   9.074   18.928  0.50   14.37 ? 12   SER A C   1 
ATOM   85   O O   A SER A 1 12 ? 2.177   8.012   18.296  0.50   16.21 ? 12   SER A O   1 
ATOM   86   O O   B SER A 1 12 ? 2.175   8.048   18.253  0.50   15.20 ? 12   SER A O   1 
ATOM   87   C CB  A SER A 1 12 ? 3.379   11.252  18.572  0.50   17.93 ? 12   SER A CB  1 
ATOM   88   C CB  B SER A 1 12 ? 3.430   11.283  18.677  0.50   14.38 ? 12   SER A CB  1 
ATOM   89   O OG  A SER A 1 12 ? 2.922   11.273  17.231  0.50   19.59 ? 12   SER A OG  1 
ATOM   90   O OG  B SER A 1 12 ? 2.639   11.984  19.623  0.50   10.42 ? 12   SER A OG  1 
ATOM   91   N N   . ALA A 1 13 ? 1.212   9.603   19.561  1.00   15.34 ? 13   ALA A N   1 
ATOM   92   C CA  . ALA A 1 13 ? -0.106  8.977   19.528  1.00   14.80 ? 13   ALA A CA  1 
ATOM   93   C C   . ALA A 1 13 ? -1.097  9.740   18.666  1.00   16.19 ? 13   ALA A C   1 
ATOM   94   O O   . ALA A 1 13 ? -1.131  10.971  18.668  1.00   15.18 ? 13   ALA A O   1 
ATOM   95   C CB  . ALA A 1 13 ? -0.652  8.841   20.951  1.00   14.23 ? 13   ALA A CB  1 
ATOM   96   N N   . VAL A 1 14 ? -1.910  8.999   17.926  1.00   14.84 ? 14   VAL A N   1 
ATOM   97   C CA  . VAL A 1 14 ? -2.906  9.606   17.060  1.00   16.95 ? 14   VAL A CA  1 
ATOM   98   C C   . VAL A 1 14 ? -4.276  8.996   17.348  1.00   17.74 ? 14   VAL A C   1 
ATOM   99   O O   . VAL A 1 14 ? -4.375  7.857   17.820  1.00   17.17 ? 14   VAL A O   1 
ATOM   100  C CB  . VAL A 1 14 ? -2.531  9.381   15.567  1.00   18.09 ? 14   VAL A CB  1 
ATOM   101  C CG1 . VAL A 1 14 ? -2.560  7.892   15.240  1.00   16.79 ? 14   VAL A CG1 1 
ATOM   102  C CG2 . VAL A 1 14 ? -3.477  10.154  14.659  1.00   19.41 ? 14   VAL A CG2 1 
ATOM   103  N N   . THR A 1 15 ? -5.336  9.760   17.102  1.00   16.21 ? 15   THR A N   1 
ATOM   104  C CA  . THR A 1 15 ? -6.676  9.233   17.296  1.00   17.44 ? 15   THR A CA  1 
ATOM   105  C C   . THR A 1 15 ? -7.039  8.626   15.946  1.00   17.30 ? 15   THR A C   1 
ATOM   106  O O   . THR A 1 15 ? -7.020  9.311   14.925  1.00   17.46 ? 15   THR A O   1 
ATOM   107  C CB  . THR A 1 15 ? -7.691  10.334  17.659  1.00   17.09 ? 15   THR A CB  1 
ATOM   108  O OG1 . THR A 1 15 ? -7.337  10.925  18.919  1.00   17.30 ? 15   THR A OG1 1 
ATOM   109  C CG2 . THR A 1 15 ? -9.095  9.742   17.763  1.00   19.00 ? 15   THR A CG2 1 
ATOM   110  N N   . CYS A 1 16 ? -7.353  7.336   15.937  1.00   15.67 ? 16   CYS A N   1 
ATOM   111  C CA  . CYS A 1 16 ? -7.684  6.653   14.698  1.00   15.44 ? 16   CYS A CA  1 
ATOM   112  C C   . CYS A 1 16 ? -9.039  7.057   14.125  1.00   16.60 ? 16   CYS A C   1 
ATOM   113  O O   . CYS A 1 16 ? -9.936  7.469   14.860  1.00   17.01 ? 16   CYS A O   1 
ATOM   114  C CB  . CYS A 1 16 ? -7.641  5.144   14.920  1.00   17.52 ? 16   CYS A CB  1 
ATOM   115  S SG  . CYS A 1 16 ? -6.022  4.536   15.500  1.00   17.22 ? 16   CYS A SG  1 
ATOM   116  N N   . PRO A 1 17 ? -9.202  6.935   12.799  1.00   18.05 ? 17   PRO A N   1 
ATOM   117  C CA  . PRO A 1 17 ? -10.441 7.280   12.096  1.00   19.70 ? 17   PRO A CA  1 
ATOM   118  C C   . PRO A 1 17 ? -11.603 6.432   12.598  1.00   20.02 ? 17   PRO A C   1 
ATOM   119  O O   . PRO A 1 17 ? -11.400 5.334   13.115  1.00   17.87 ? 17   PRO A O   1 
ATOM   120  C CB  . PRO A 1 17 ? -10.118 6.958   10.636  1.00   18.99 ? 17   PRO A CB  1 
ATOM   121  C CG  . PRO A 1 17 ? -8.633  7.073   10.562  1.00   21.27 ? 17   PRO A CG  1 
ATOM   122  C CD  . PRO A 1 17 ? -8.193  6.435   11.849  1.00   19.24 ? 17   PRO A CD  1 
ATOM   123  N N   . PRO A 1 18 ? -12.840 6.927   12.448  1.00   19.74 ? 18   PRO A N   1 
ATOM   124  C CA  . PRO A 1 18 ? -13.974 6.123   12.914  1.00   19.74 ? 18   PRO A CA  1 
ATOM   125  C C   . PRO A 1 18 ? -14.011 4.795   12.151  1.00   19.48 ? 18   PRO A C   1 
ATOM   126  O O   . PRO A 1 18 ? -13.770 4.756   10.944  1.00   19.79 ? 18   PRO A O   1 
ATOM   127  C CB  . PRO A 1 18 ? -15.183 7.025   12.634  1.00   21.26 ? 18   PRO A CB  1 
ATOM   128  C CG  . PRO A 1 18 ? -14.710 7.929   11.530  1.00   23.17 ? 18   PRO A CG  1 
ATOM   129  C CD  . PRO A 1 18 ? -13.287 8.226   11.920  1.00   22.42 ? 18   PRO A CD  1 
ATOM   130  N N   . GLY A 1 19 ? -14.292 3.704   12.857  1.00   17.97 ? 19   GLY A N   1 
ATOM   131  C CA  . GLY A 1 19 ? -14.317 2.404   12.200  1.00   17.68 ? 19   GLY A CA  1 
ATOM   132  C C   . GLY A 1 19 ? -13.002 1.668   12.369  1.00   17.90 ? 19   GLY A C   1 
ATOM   133  O O   . GLY A 1 19 ? -12.920 0.455   12.168  1.00   18.05 ? 19   GLY A O   1 
ATOM   134  N N   . GLU A 1 20 ? -11.957 2.412   12.719  1.00   17.01 ? 20   GLU A N   1 
ATOM   135  C CA  . GLU A 1 20 ? -10.647 1.818   12.947  1.00   17.58 ? 20   GLU A CA  1 
ATOM   136  C C   . GLU A 1 20 ? -10.504 1.780   14.455  1.00   16.42 ? 20   GLU A C   1 
ATOM   137  O O   . GLU A 1 20 ? -10.095 2.756   15.081  1.00   16.11 ? 20   GLU A O   1 
ATOM   138  C CB  . GLU A 1 20 ? -9.549  2.662   12.293  1.00   17.28 ? 20   GLU A CB  1 
ATOM   139  C CG  . GLU A 1 20 ? -9.533  2.517   10.777  1.00   18.99 ? 20   GLU A CG  1 
ATOM   140  C CD  . GLU A 1 20 ? -8.333  3.170   10.112  1.00   21.55 ? 20   GLU A CD  1 
ATOM   141  O OE1 . GLU A 1 20 ? -7.236  3.188   10.714  1.00   22.30 ? 20   GLU A OE1 1 
ATOM   142  O OE2 . GLU A 1 20 ? -8.483  3.644   8.969   1.00   20.04 ? 20   GLU A OE2 1 
ATOM   143  N N   . ASN A 1 21 ? -10.868 0.639   15.034  1.00   16.15 ? 21   ASN A N   1 
ATOM   144  C CA  . ASN A 1 21 ? -10.846 0.475   16.479  1.00   16.96 ? 21   ASN A CA  1 
ATOM   145  C C   . ASN A 1 21 ? -9.735  -0.403  17.034  1.00   16.12 ? 21   ASN A C   1 
ATOM   146  O O   . ASN A 1 21 ? -9.825  -0.879  18.166  1.00   17.25 ? 21   ASN A O   1 
ATOM   147  C CB  . ASN A 1 21 ? -12.205 -0.050  16.934  1.00   17.61 ? 21   ASN A CB  1 
ATOM   148  C CG  . ASN A 1 21 ? -13.336 0.865   16.518  1.00   19.52 ? 21   ASN A CG  1 
ATOM   149  O OD1 . ASN A 1 21 ? -13.373 2.029   16.913  1.00   22.32 ? 21   ASN A OD1 1 
ATOM   150  N ND2 . ASN A 1 21 ? -14.256 0.351   15.707  1.00   18.54 ? 21   ASN A ND2 1 
ATOM   151  N N   . LEU A 1 22 ? -8.689  -0.602  16.242  1.00   13.61 ? 22   LEU A N   1 
ATOM   152  C CA  . LEU A 1 22 ? -7.551  -1.409  16.663  1.00   13.45 ? 22   LEU A CA  1 
ATOM   153  C C   . LEU A 1 22 ? -6.253  -0.655  16.429  1.00   14.42 ? 22   LEU A C   1 
ATOM   154  O O   . LEU A 1 22 ? -6.178  0.222   15.570  1.00   14.65 ? 22   LEU A O   1 
ATOM   155  C CB  . LEU A 1 22 ? -7.479  -2.709  15.853  1.00   15.01 ? 22   LEU A CB  1 
ATOM   156  C CG  . LEU A 1 22 ? -8.656  -3.683  15.895  1.00   15.84 ? 22   LEU A CG  1 
ATOM   157  C CD1 . LEU A 1 22 ? -8.450  -4.770  14.843  1.00   17.50 ? 22   LEU A CD1 1 
ATOM   158  C CD2 . LEU A 1 22 ? -8.780  -4.285  17.276  1.00   16.90 ? 22   LEU A CD2 1 
ATOM   159  N N   . CYS A 1 23 ? -5.237  -1.002  17.213  1.00   13.71 ? 23   CYS A N   1 
ATOM   160  C CA  . CYS A 1 23 ? -3.906  -0.444  17.051  1.00   13.60 ? 23   CYS A CA  1 
ATOM   161  C C   . CYS A 1 23 ? -3.124  -1.645  16.541  1.00   14.99 ? 23   CYS A C   1 
ATOM   162  O O   . CYS A 1 23 ? -3.522  -2.785  16.784  1.00   15.14 ? 23   CYS A O   1 
ATOM   163  C CB  . CYS A 1 23 ? -3.299  -0.016  18.387  1.00   13.63 ? 23   CYS A CB  1 
ATOM   164  S SG  . CYS A 1 23 ? -4.133  1.355   19.230  1.00   15.14 ? 23   CYS A SG  1 
ATOM   165  N N   . TYR A 1 24 ? -2.029  -1.413  15.833  1.00   13.71 ? 24   TYR A N   1 
ATOM   166  C CA  . TYR A 1 24 ? -1.239  -2.534  15.365  1.00   15.32 ? 24   TYR A CA  1 
ATOM   167  C C   . TYR A 1 24 ? 0.249   -2.241  15.427  1.00   16.07 ? 24   TYR A C   1 
ATOM   168  O O   . TYR A 1 24 ? 0.684   -1.083  15.421  1.00   14.77 ? 24   TYR A O   1 
ATOM   169  C CB  . TYR A 1 24 ? -1.627  -2.924  13.927  1.00   14.97 ? 24   TYR A CB  1 
ATOM   170  C CG  . TYR A 1 24 ? -1.022  -2.048  12.848  1.00   17.60 ? 24   TYR A CG  1 
ATOM   171  C CD1 . TYR A 1 24 ? 0.294   -2.246  12.409  1.00   19.23 ? 24   TYR A CD1 1 
ATOM   172  C CD2 . TYR A 1 24 ? -1.755  -1.007  12.282  1.00   15.83 ? 24   TYR A CD2 1 
ATOM   173  C CE1 . TYR A 1 24 ? 0.863   -1.420  11.433  1.00   19.02 ? 24   TYR A CE1 1 
ATOM   174  C CE2 . TYR A 1 24 ? -1.199  -0.178  11.306  1.00   19.44 ? 24   TYR A CE2 1 
ATOM   175  C CZ  . TYR A 1 24 ? 0.107   -0.387  10.890  1.00   20.32 ? 24   TYR A CZ  1 
ATOM   176  O OH  . TYR A 1 24 ? 0.656   0.449   9.945   1.00   19.52 ? 24   TYR A OH  1 
ATOM   177  N N   . ARG A 1 25 ? 1.019   -3.315  15.530  1.00   14.69 ? 25   ARG A N   1 
ATOM   178  C CA  . ARG A 1 25 ? 2.469   -3.236  15.518  1.00   13.75 ? 25   ARG A CA  1 
ATOM   179  C C   . ARG A 1 25 ? 2.898   -4.321  14.548  1.00   14.47 ? 25   ARG A C   1 
ATOM   180  O O   . ARG A 1 25 ? 2.510   -5.484  14.685  1.00   14.35 ? 25   ARG A O   1 
ATOM   181  C CB  . ARG A 1 25 ? 3.079   -3.506  16.894  1.00   12.50 ? 25   ARG A CB  1 
ATOM   182  C CG  . ARG A 1 25 ? 4.606   -3.534  16.856  1.00   12.91 ? 25   ARG A CG  1 
ATOM   183  C CD  . ARG A 1 25 ? 5.226   -3.537  18.246  1.00   16.22 ? 25   ARG A CD  1 
ATOM   184  N NE  . ARG A 1 25 ? 4.827   -4.712  19.010  1.00   21.82 ? 25   ARG A NE  1 
ATOM   185  C CZ  . ARG A 1 25 ? 4.182   -4.669  20.173  1.00   25.12 ? 25   ARG A CZ  1 
ATOM   186  N NH1 . ARG A 1 25 ? 3.862   -3.503  20.723  1.00   23.63 ? 25   ARG A NH1 1 
ATOM   187  N NH2 . ARG A 1 25 ? 3.836   -5.799  20.777  1.00   26.18 ? 25   ARG A NH2 1 
ATOM   188  N N   . LYS A 1 26 ? 3.682   -3.927  13.558  1.00   14.23 ? 26   LYS A N   1 
ATOM   189  C CA  . LYS A 1 26 ? 4.174   -4.855  12.560  1.00   15.77 ? 26   LYS A CA  1 
ATOM   190  C C   . LYS A 1 26 ? 5.691   -4.822  12.625  1.00   15.79 ? 26   LYS A C   1 
ATOM   191  O O   . LYS A 1 26 ? 6.300   -3.753  12.652  1.00   15.98 ? 26   LYS A O   1 
ATOM   192  C CB  . LYS A 1 26 ? 3.696   -4.432  11.173  1.00   18.76 ? 26   LYS A CB  1 
ATOM   193  C CG  . LYS A 1 26 ? 3.901   -5.479  10.095  1.00   24.97 ? 26   LYS A CG  1 
ATOM   194  C CD  . LYS A 1 26 ? 3.381   -4.982  8.746   1.00   29.59 ? 26   LYS A CD  1 
ATOM   195  C CE  . LYS A 1 26 ? 1.940   -4.491  8.850   1.00   33.02 ? 26   LYS A CE  1 
ATOM   196  N NZ  . LYS A 1 26 ? 1.414   -3.971  7.549   1.00   38.11 ? 26   LYS A NZ  1 
ATOM   197  N N   . MET A 1 27 ? 6.302   -5.997  12.667  1.00   16.12 ? 27   MET A N   1 
ATOM   198  C CA  . MET A 1 27 ? 7.751   -6.076  12.732  1.00   15.14 ? 27   MET A CA  1 
ATOM   199  C C   . MET A 1 27 ? 8.290   -7.115  11.768  1.00   16.06 ? 27   MET A C   1 
ATOM   200  O O   . MET A 1 27 ? 7.691   -8.177  11.577  1.00   15.64 ? 27   MET A O   1 
ATOM   201  C CB  . MET A 1 27 ? 8.190   -6.408  14.160  1.00   17.48 ? 27   MET A CB  1 
ATOM   202  C CG  . MET A 1 27 ? 7.891   -5.292  15.164  1.00   19.00 ? 27   MET A CG  1 
ATOM   203  S SD  . MET A 1 27 ? 8.323   -5.734  16.854  1.00   22.71 ? 27   MET A SD  1 
ATOM   204  C CE  . MET A 1 27 ? 10.114  -5.618  16.794  1.00   23.78 ? 27   MET A CE  1 
ATOM   205  N N   . TRP A 1 28 ? 9.427   -6.802  11.159  1.00   14.69 ? 28   TRP A N   1 
ATOM   206  C CA  . TRP A 1 28 ? 10.046  -7.720  10.221  1.00   16.14 ? 28   TRP A CA  1 
ATOM   207  C C   . TRP A 1 28 ? 11.521  -7.394  10.068  1.00   16.79 ? 28   TRP A C   1 
ATOM   208  O O   . TRP A 1 28 ? 11.972  -6.290  10.384  1.00   15.95 ? 28   TRP A O   1 
ATOM   209  C CB  . TRP A 1 28 ? 9.345   -7.641  8.860   1.00   15.03 ? 28   TRP A CB  1 
ATOM   210  C CG  . TRP A 1 28 ? 9.565   -6.350  8.129   1.00   17.46 ? 28   TRP A CG  1 
ATOM   211  C CD1 . TRP A 1 28 ? 10.583  -6.059  7.256   1.00   16.61 ? 28   TRP A CD1 1 
ATOM   212  C CD2 . TRP A 1 28 ? 8.752   -5.177  8.199   1.00   18.70 ? 28   TRP A CD2 1 
ATOM   213  N NE1 . TRP A 1 28 ? 10.447  -4.779  6.779   1.00   19.01 ? 28   TRP A NE1 1 
ATOM   214  C CE2 . TRP A 1 28 ? 9.331   -4.214  7.339   1.00   19.04 ? 28   TRP A CE2 1 
ATOM   215  C CE3 . TRP A 1 28 ? 7.587   -4.843  8.904   1.00   20.56 ? 28   TRP A CE3 1 
ATOM   216  C CZ2 . TRP A 1 28 ? 8.783   -2.940  7.165   1.00   20.87 ? 28   TRP A CZ2 1 
ATOM   217  C CZ3 . TRP A 1 28 ? 7.042   -3.573  8.730   1.00   21.99 ? 28   TRP A CZ3 1 
ATOM   218  C CH2 . TRP A 1 28 ? 7.643   -2.638  7.865   1.00   21.91 ? 28   TRP A CH2 1 
ATOM   219  N N   . CYS A 1 29 ? 12.263  -8.372  9.575   1.00   16.08 ? 29   CYS A N   1 
ATOM   220  C CA  . CYS A 1 29 ? 13.690  -8.226  9.369   1.00   16.56 ? 29   CYS A CA  1 
ATOM   221  C C   . CYS A 1 29 ? 14.065  -7.641  8.013   1.00   17.63 ? 29   CYS A C   1 
ATOM   222  O O   . CYS A 1 29 ? 13.485  -8.006  6.988   1.00   17.87 ? 29   CYS A O   1 
ATOM   223  C CB  . CYS A 1 29 ? 14.361  -9.592  9.450   1.00   18.53 ? 29   CYS A CB  1 
ATOM   224  S SG  . CYS A 1 29 ? 14.892  -10.225 11.067  1.00   20.89 ? 29   CYS A SG  1 
ATOM   225  N N   . ASP A 1 30 ? 15.027  -6.724  8.011   1.00   15.95 ? 30   ASP A N   1 
ATOM   226  C CA  . ASP A 1 30 ? 15.553  -6.221  6.752   1.00   18.88 ? 30   ASP A CA  1 
ATOM   227  C C   . ASP A 1 30 ? 17.037  -6.607  6.863   1.00   18.12 ? 30   ASP A C   1 
ATOM   228  O O   . ASP A 1 30 ? 17.388  -7.431  7.709   1.00   17.69 ? 30   ASP A O   1 
ATOM   229  C CB  . ASP A 1 30 ? 15.304  -4.711  6.554   1.00   17.81 ? 30   ASP A CB  1 
ATOM   230  C CG  . ASP A 1 30 ? 16.142  -3.825  7.449   1.00   19.35 ? 30   ASP A CG  1 
ATOM   231  O OD1 . ASP A 1 30 ? 16.910  -4.326  8.290   1.00   18.96 ? 30   ASP A OD1 1 
ATOM   232  O OD2 . ASP A 1 30 ? 16.013  -2.589  7.293   1.00   20.47 ? 30   ASP A OD2 1 
ATOM   233  N N   A VAL A 1 31 ? 17.897  -6.031  6.033   0.70   18.77 ? 31   VAL A N   1 
ATOM   234  N N   B VAL A 1 31 ? 17.890  -6.029  6.024   0.30   18.48 ? 31   VAL A N   1 
ATOM   235  C CA  A VAL A 1 31 ? 19.318  -6.376  6.063   0.70   19.54 ? 31   VAL A CA  1 
ATOM   236  C CA  B VAL A 1 31 ? 19.315  -6.354  6.039   0.30   18.76 ? 31   VAL A CA  1 
ATOM   237  C C   A VAL A 1 31 ? 20.000  -6.147  7.410   0.70   19.96 ? 31   VAL A C   1 
ATOM   238  C C   B VAL A 1 31 ? 20.016  -6.118  7.382   0.30   19.44 ? 31   VAL A C   1 
ATOM   239  O O   A VAL A 1 31 ? 20.937  -6.866  7.766   0.70   19.22 ? 31   VAL A O   1 
ATOM   240  O O   B VAL A 1 31 ? 20.978  -6.813  7.713   0.30   19.06 ? 31   VAL A O   1 
ATOM   241  C CB  A VAL A 1 31 ? 20.095  -5.587  4.993   0.70   20.63 ? 31   VAL A CB  1 
ATOM   242  C CB  B VAL A 1 31 ? 20.069  -5.565  4.940   0.30   18.91 ? 31   VAL A CB  1 
ATOM   243  C CG1 A VAL A 1 31 ? 19.907  -4.073  5.167   0.30   18.12 ? 31   VAL A CG1 1 
ATOM   244  C CG1 B VAL A 1 31 ? 19.265  -5.493  3.750   0.0000 20.18 ? 31   VAL A CG1 1 
ATOM   245  C CG2 A VAL A 1 31 ? 21.540  -5.950  4.931   0.30   17.48 ? 31   VAL A CG2 1 
ATOM   246  C CG2 B VAL A 1 31 ? 20.445  -4.198  5.498   0.0000 20.18 ? 31   VAL A CG2 1 
ATOM   247  N N   . PHE A 1 32 ? 19.536  -5.145  8.152   1.00   19.99 ? 32   PHE A N   1 
ATOM   248  C CA  . PHE A 1 32 ? 20.133  -4.821  9.448   1.00   20.84 ? 32   PHE A CA  1 
ATOM   249  C C   . PHE A 1 32 ? 19.576  -5.579  10.654  1.00   19.26 ? 32   PHE A C   1 
ATOM   250  O O   . PHE A 1 32 ? 19.880  -5.216  11.785  1.00   20.34 ? 32   PHE A O   1 
ATOM   251  C CB  . PHE A 1 32 ? 19.983  -3.323  9.755   1.00   23.45 ? 32   PHE A CB  1 
ATOM   252  C CG  . PHE A 1 32 ? 20.490  -2.409  8.675   1.00   27.42 ? 32   PHE A CG  1 
ATOM   253  C CD1 . PHE A 1 32 ? 19.619  -1.895  7.715   1.00   28.22 ? 32   PHE A CD1 1 
ATOM   254  C CD2 . PHE A 1 32 ? 21.829  -2.033  8.636   1.00   28.68 ? 32   PHE A CD2 1 
ATOM   255  C CE1 . PHE A 1 32 ? 20.074  -1.015  6.732   1.00   29.56 ? 32   PHE A CE1 1 
ATOM   256  C CE2 . PHE A 1 32 ? 22.298  -1.153  7.657   1.00   29.73 ? 32   PHE A CE2 1 
ATOM   257  C CZ  . PHE A 1 32 ? 21.418  -0.643  6.703   1.00   30.00 ? 32   PHE A CZ  1 
ATOM   258  N N   . CYS A 1 33 ? 18.785  -6.624  10.442  1.00   18.34 ? 33   CYS A N   1 
ATOM   259  C CA  . CYS A 1 33 ? 18.202  -7.331  11.582  1.00   16.88 ? 33   CYS A CA  1 
ATOM   260  C C   . CYS A 1 33 ? 19.190  -7.801  12.629  1.00   16.64 ? 33   CYS A C   1 
ATOM   261  O O   . CYS A 1 33 ? 18.927  -7.688  13.824  1.00   14.75 ? 33   CYS A O   1 
ATOM   262  C CB  . CYS A 1 33 ? 17.389  -8.541  11.138  1.00   16.90 ? 33   CYS A CB  1 
ATOM   263  S SG  . CYS A 1 33 ? 15.775  -8.640  11.984  1.00   18.40 ? 33   CYS A SG  1 
ATOM   264  N N   . SER A 1 34 ? 20.320  -8.336  12.181  1.00   16.93 ? 34   SER A N   1 
ATOM   265  C CA  . SER A 1 34 ? 21.325  -8.858  13.099  1.00   17.79 ? 34   SER A CA  1 
ATOM   266  C C   . SER A 1 34 ? 21.868  -7.837  14.091  1.00   17.60 ? 34   SER A C   1 
ATOM   267  O O   . SER A 1 34 ? 22.182  -8.190  15.228  1.00   17.44 ? 34   SER A O   1 
ATOM   268  C CB  . SER A 1 34 ? 22.490  -9.477  12.317  1.00   18.66 ? 34   SER A CB  1 
ATOM   269  O OG  . SER A 1 34 ? 23.112  -8.517  11.479  1.00   23.51 ? 34   SER A OG  1 
ATOM   270  N N   . SER A 1 35 ? 21.970  -6.578  13.676  1.00   16.84 ? 35   SER A N   1 
ATOM   271  C CA  . SER A 1 35 ? 22.506  -5.544  14.555  1.00   18.34 ? 35   SER A CA  1 
ATOM   272  C C   . SER A 1 35 ? 21.478  -4.599  15.177  1.00   18.14 ? 35   SER A C   1 
ATOM   273  O O   . SER A 1 35 ? 21.604  -4.224  16.344  1.00   18.62 ? 35   SER A O   1 
ATOM   274  C CB  . SER A 1 35 ? 23.547  -4.711  13.803  1.00   18.51 ? 35   SER A CB  1 
ATOM   275  O OG  . SER A 1 35 ? 22.954  -4.004  12.727  1.00   20.15 ? 35   SER A OG  1 
ATOM   276  N N   . ARG A 1 36 ? 20.466  -4.217  14.404  1.00   18.74 ? 36   ARG A N   1 
ATOM   277  C CA  . ARG A 1 36 ? 19.448  -3.287  14.883  1.00   19.16 ? 36   ARG A CA  1 
ATOM   278  C C   . ARG A 1 36 ? 18.148  -3.935  15.328  1.00   18.46 ? 36   ARG A C   1 
ATOM   279  O O   . ARG A 1 36 ? 17.294  -3.273  15.915  1.00   18.93 ? 36   ARG A O   1 
ATOM   280  C CB  . ARG A 1 36 ? 19.109  -2.276  13.792  1.00   21.27 ? 36   ARG A CB  1 
ATOM   281  C CG  . ARG A 1 36 ? 20.287  -1.532  13.210  1.00   23.97 ? 36   ARG A CG  1 
ATOM   282  C CD  . ARG A 1 36 ? 19.798  -0.640  12.084  1.00   27.07 ? 36   ARG A CD  1 
ATOM   283  N NE  . ARG A 1 36 ? 20.879  0.067   11.406  1.00   30.03 ? 36   ARG A NE  1 
ATOM   284  C CZ  . ARG A 1 36 ? 20.697  0.852   10.349  1.00   31.77 ? 36   ARG A CZ  1 
ATOM   285  N NH1 . ARG A 1 36 ? 19.477  1.027   9.854   1.00   29.63 ? 36   ARG A NH1 1 
ATOM   286  N NH2 . ARG A 1 36 ? 21.729  1.466   9.786   1.00   32.29 ? 36   ARG A NH2 1 
ATOM   287  N N   . GLY A 1 37 ? 17.989  -5.222  15.046  1.00   16.89 ? 37   GLY A N   1 
ATOM   288  C CA  . GLY A 1 37 ? 16.753  -5.882  15.404  1.00   15.69 ? 37   GLY A CA  1 
ATOM   289  C C   . GLY A 1 37 ? 15.769  -5.638  14.277  1.00   15.81 ? 37   GLY A C   1 
ATOM   290  O O   . GLY A 1 37 ? 16.133  -5.072  13.243  1.00   14.81 ? 37   GLY A O   1 
ATOM   291  N N   . LYS A 1 38 ? 14.519  -6.035  14.475  1.00   15.06 ? 38   LYS A N   1 
ATOM   292  C CA  . LYS A 1 38 ? 13.497  -5.881  13.450  1.00   15.91 ? 38   LYS A CA  1 
ATOM   293  C C   . LYS A 1 38 ? 12.960  -4.468  13.236  1.00   16.07 ? 38   LYS A C   1 
ATOM   294  O O   . LYS A 1 38 ? 12.967  -3.637  14.148  1.00   13.42 ? 38   LYS A O   1 
ATOM   295  C CB  . LYS A 1 38 ? 12.320  -6.810  13.753  1.00   17.18 ? 38   LYS A CB  1 
ATOM   296  C CG  . LYS A 1 38 ? 12.684  -8.286  13.680  1.00   19.08 ? 38   LYS A CG  1 
ATOM   297  C CD  . LYS A 1 38 ? 11.502  -9.194  13.960  1.00   22.64 ? 38   LYS A CD  1 
ATOM   298  C CE  . LYS A 1 38 ? 11.958  -10.653 13.915  1.00   24.25 ? 38   LYS A CE  1 
ATOM   299  N NZ  . LYS A 1 38 ? 10.839  -11.614 14.065  1.00   29.00 ? 38   LYS A NZ  1 
ATOM   300  N N   . VAL A 1 39 ? 12.506  -4.219  12.010  1.00   14.29 ? 39   VAL A N   1 
ATOM   301  C CA  . VAL A 1 39 ? 11.898  -2.943  11.643  1.00   14.22 ? 39   VAL A CA  1 
ATOM   302  C C   . VAL A 1 39 ? 10.601  -2.893  12.443  1.00   13.79 ? 39   VAL A C   1 
ATOM   303  O O   . VAL A 1 39 ? 9.975   -3.932  12.681  1.00   14.13 ? 39   VAL A O   1 
ATOM   304  C CB  . VAL A 1 39 ? 11.555  -2.888  10.126  1.00   14.42 ? 39   VAL A CB  1 
ATOM   305  C CG1 . VAL A 1 39 ? 10.810  -1.587  9.793   1.00   14.69 ? 39   VAL A CG1 1 
ATOM   306  C CG2 . VAL A 1 39 ? 12.831  -2.991  9.302   1.00   15.19 ? 39   VAL A CG2 1 
ATOM   307  N N   . VAL A 1 40 ? 10.208  -1.696  12.867  1.00   12.32 ? 40   VAL A N   1 
ATOM   308  C CA  . VAL A 1 40 ? 8.992   -1.514  13.652  1.00   12.47 ? 40   VAL A CA  1 
ATOM   309  C C   . VAL A 1 40 ? 8.047   -0.526  12.991  1.00   13.41 ? 40   VAL A C   1 
ATOM   310  O O   . VAL A 1 40 ? 8.430   0.600   12.658  1.00   12.80 ? 40   VAL A O   1 
ATOM   311  C CB  . VAL A 1 40 ? 9.302   -0.986  15.085  1.00   14.69 ? 40   VAL A CB  1 
ATOM   312  C CG1 . VAL A 1 40 ? 7.991   -0.730  15.853  1.00   13.43 ? 40   VAL A CG1 1 
ATOM   313  C CG2 . VAL A 1 40 ? 10.166  -1.993  15.844  1.00   12.61 ? 40   VAL A CG2 1 
ATOM   314  N N   . GLU A 1 41 ? 6.809   -0.962  12.795  1.00   12.38 ? 41   GLU A N   1 
ATOM   315  C CA  . GLU A 1 41 ? 5.781   -0.110  12.213  1.00   13.34 ? 41   GLU A CA  1 
ATOM   316  C C   . GLU A 1 41 ? 4.601   -0.132  13.181  1.00   14.02 ? 41   GLU A C   1 
ATOM   317  O O   . GLU A 1 41 ? 4.189   -1.199  13.644  1.00   12.28 ? 41   GLU A O   1 
ATOM   318  C CB  . GLU A 1 41 ? 5.351   -0.637  10.842  1.00   14.74 ? 41   GLU A CB  1 
ATOM   319  C CG  . GLU A 1 41 ? 4.234   0.178   10.203  1.00   18.37 ? 41   GLU A CG  1 
ATOM   320  C CD  . GLU A 1 41 ? 3.863   -0.334  8.827   1.00   22.70 ? 41   GLU A CD  1 
ATOM   321  O OE1 . GLU A 1 41 ? 4.767   -0.421  7.969   1.00   22.84 ? 41   GLU A OE1 1 
ATOM   322  O OE2 . GLU A 1 41 ? 2.673   -0.649  8.605   1.00   23.52 ? 41   GLU A OE2 1 
ATOM   323  N N   . LEU A 1 42 ? 4.070   1.046   13.484  1.00   12.61 ? 42   LEU A N   1 
ATOM   324  C CA  . LEU A 1 42 ? 2.953   1.177   14.417  1.00   11.91 ? 42   LEU A CA  1 
ATOM   325  C C   . LEU A 1 42 ? 1.871   2.044   13.804  1.00   13.46 ? 42   LEU A C   1 
ATOM   326  O O   . LEU A 1 42 ? 2.172   3.085   13.221  1.00   12.97 ? 42   LEU A O   1 
ATOM   327  C CB  . LEU A 1 42 ? 3.428   1.843   15.706  1.00   11.91 ? 42   LEU A CB  1 
ATOM   328  C CG  . LEU A 1 42 ? 4.660   1.257   16.396  1.00   13.72 ? 42   LEU A CG  1 
ATOM   329  C CD1 . LEU A 1 42 ? 5.064   2.172   17.550  1.00   11.12 ? 42   LEU A CD1 1 
ATOM   330  C CD2 . LEU A 1 42 ? 4.351   -0.150  16.898  1.00   12.99 ? 42   LEU A CD2 1 
ATOM   331  N N   . GLY A 1 43 ? 0.616   1.630   13.941  1.00   13.11 ? 43   GLY A N   1 
ATOM   332  C CA  . GLY A 1 43 ? -0.455  2.429   13.375  1.00   13.68 ? 43   GLY A CA  1 
ATOM   333  C C   . GLY A 1 43 ? -1.864  2.054   13.784  1.00   15.59 ? 43   GLY A C   1 
ATOM   334  O O   . GLY A 1 43 ? -2.086  1.375   14.791  1.00   12.14 ? 43   GLY A O   1 
ATOM   335  N N   . CYS A 1 44 ? -2.811  2.512   12.970  1.00   15.28 ? 44   CYS A N   1 
ATOM   336  C CA  . CYS A 1 44 ? -4.240  2.283   13.162  1.00   15.94 ? 44   CYS A CA  1 
ATOM   337  C C   . CYS A 1 44 ? -4.744  1.213   12.204  1.00   15.58 ? 44   CYS A C   1 
ATOM   338  O O   . CYS A 1 44 ? -4.152  0.988   11.152  1.00   17.48 ? 44   CYS A O   1 
ATOM   339  C CB  . CYS A 1 44 ? -5.017  3.558   12.852  1.00   15.05 ? 44   CYS A CB  1 
ATOM   340  S SG  . CYS A 1 44 ? -4.768  4.967   13.965  1.00   16.45 ? 44   CYS A SG  1 
ATOM   341  N N   . ALA A 1 45 ? -5.861  0.581   12.550  1.00   15.83 ? 45   ALA A N   1 
ATOM   342  C CA  . ALA A 1 45 ? -6.441  -0.437  11.684  1.00   16.30 ? 45   ALA A CA  1 
ATOM   343  C C   . ALA A 1 45 ? -7.908  -0.715  11.997  1.00   15.84 ? 45   ALA A C   1 
ATOM   344  O O   . ALA A 1 45 ? -8.352  -0.575  13.137  1.00   15.65 ? 45   ALA A O   1 
ATOM   345  C CB  . ALA A 1 45 ? -5.631  -1.739  11.787  1.00   16.40 ? 45   ALA A CB  1 
ATOM   346  N N   . ALA A 1 46 ? -8.662  -1.092  10.971  1.00   16.64 ? 46   ALA A N   1 
ATOM   347  C CA  . ALA A 1 46 ? -10.070 -1.439  11.138  1.00   18.77 ? 46   ALA A CA  1 
ATOM   348  C C   . ALA A 1 46 ? -10.062 -2.960  11.290  1.00   19.17 ? 46   ALA A C   1 
ATOM   349  O O   . ALA A 1 46 ? -10.744 -3.523  12.147  1.00   21.74 ? 46   ALA A O   1 
ATOM   350  C CB  . ALA A 1 46 ? -10.870 -1.035  9.905   1.00   18.66 ? 46   ALA A CB  1 
ATOM   351  N N   . THR A 1 47 ? -9.265  -3.604  10.444  1.00   17.44 ? 47   THR A N   1 
ATOM   352  C CA  . THR A 1 47 ? -9.095  -5.054  10.451  1.00   17.87 ? 47   THR A CA  1 
ATOM   353  C C   . THR A 1 47 ? -7.606  -5.304  10.660  1.00   16.98 ? 47   THR A C   1 
ATOM   354  O O   . THR A 1 47 ? -6.769  -4.647  10.040  1.00   16.71 ? 47   THR A O   1 
ATOM   355  C CB  . THR A 1 47 ? -9.498  -5.683  9.098   1.00   20.02 ? 47   THR A CB  1 
ATOM   356  O OG1 . THR A 1 47 ? -10.864 -5.369  8.805   1.00   21.25 ? 47   THR A OG1 1 
ATOM   357  C CG2 . THR A 1 47 ? -9.332  -7.198  9.146   1.00   20.60 ? 47   THR A CG2 1 
ATOM   358  N N   A CYS A 1 48 ? -7.282  -6.267  11.513  0.67   15.39 ? 48   CYS A N   1 
ATOM   359  N N   B CYS A 1 48 ? -7.269  -6.232  11.547  0.33   14.30 ? 48   CYS A N   1 
ATOM   360  C CA  A CYS A 1 48 ? -5.891  -6.605  11.788  0.67   15.82 ? 48   CYS A CA  1 
ATOM   361  C CA  B CYS A 1 48 ? -5.864  -6.509  11.798  0.33   13.67 ? 48   CYS A CA  1 
ATOM   362  C C   A CYS A 1 48 ? -5.161  -7.003  10.504  0.67   15.72 ? 48   CYS A C   1 
ATOM   363  C C   B CYS A 1 48 ? -5.179  -6.947  10.511  0.33   14.51 ? 48   CYS A C   1 
ATOM   364  O O   A CYS A 1 48 ? -5.660  -7.817  9.732   0.67   13.71 ? 48   CYS A O   1 
ATOM   365  O O   B CYS A 1 48 ? -5.722  -7.740  9.745   0.33   12.13 ? 48   CYS A O   1 
ATOM   366  C CB  A CYS A 1 48 ? -5.825  -7.772  12.774  0.67   15.52 ? 48   CYS A CB  1 
ATOM   367  C CB  B CYS A 1 48 ? -5.692  -7.599  12.852  0.33   11.87 ? 48   CYS A CB  1 
ATOM   368  S SG  A CYS A 1 48 ? -6.691  -7.495  14.329  0.67   21.48 ? 48   CYS A SG  1 
ATOM   369  S SG  B CYS A 1 48 ? -3.951  -7.865  13.281  0.33   10.88 ? 48   CYS A SG  1 
ATOM   370  N N   . PRO A 1 49 ? -3.972  -6.424  10.257  1.00   16.95 ? 49   PRO A N   1 
ATOM   371  C CA  . PRO A 1 49 ? -3.207  -6.764  9.050   1.00   21.20 ? 49   PRO A CA  1 
ATOM   372  C C   . PRO A 1 49 ? -2.985  -8.277  9.004   1.00   24.19 ? 49   PRO A C   1 
ATOM   373  O O   . PRO A 1 49 ? -2.538  -8.870  9.986   1.00   24.68 ? 49   PRO A O   1 
ATOM   374  C CB  . PRO A 1 49 ? -1.904  -5.993  9.243   1.00   22.55 ? 49   PRO A CB  1 
ATOM   375  C CG  . PRO A 1 49 ? -2.351  -4.773  10.005  1.00   23.21 ? 49   PRO A CG  1 
ATOM   376  C CD  . PRO A 1 49 ? -3.290  -5.372  11.033  1.00   18.93 ? 49   PRO A CD  1 
ATOM   377  N N   A SER A 1 50 ? -3.294  -8.891  7.866   0.50   25.43 ? 50   SER A N   1 
ATOM   378  N N   B SER A 1 50 ? -3.309  -8.897  7.872   0.50   25.19 ? 50   SER A N   1 
ATOM   379  C CA  A SER A 1 50 ? -3.138  -10.336 7.700   0.50   27.77 ? 50   SER A CA  1 
ATOM   380  C CA  B SER A 1 50 ? -3.156  -10.342 7.714   0.50   27.26 ? 50   SER A CA  1 
ATOM   381  C C   A SER A 1 50 ? -1.739  -10.822 8.063   0.50   29.09 ? 50   SER A C   1 
ATOM   382  C C   B SER A 1 50 ? -1.749  -10.825 8.058   0.50   28.80 ? 50   SER A C   1 
ATOM   383  O O   A SER A 1 50 ? -0.748  -10.147 7.791   0.50   29.05 ? 50   SER A O   1 
ATOM   384  O O   B SER A 1 50 ? -0.763  -10.150 7.769   0.50   28.74 ? 50   SER A O   1 
ATOM   385  C CB  A SER A 1 50 ? -3.451  -10.738 6.257   0.50   27.20 ? 50   SER A CB  1 
ATOM   386  C CB  B SER A 1 50 ? -3.506  -10.755 6.281   0.50   26.29 ? 50   SER A CB  1 
ATOM   387  O OG  A SER A 1 50 ? -4.784  -10.408 5.915   0.50   28.30 ? 50   SER A OG  1 
ATOM   388  O OG  B SER A 1 50 ? -2.689  -10.079 5.342   0.50   25.91 ? 50   SER A OG  1 
ATOM   389  N N   . LYS A 1 51 ? -1.669  -12.003 8.671   1.00   30.79 ? 51   LYS A N   1 
ATOM   390  C CA  . LYS A 1 51 ? -0.388  -12.587 9.067   1.00   34.24 ? 51   LYS A CA  1 
ATOM   391  C C   . LYS A 1 51 ? 0.415   -13.128 7.878   1.00   37.04 ? 51   LYS A C   1 
ATOM   392  O O   . LYS A 1 51 ? 0.004   -14.079 7.215   1.00   38.72 ? 51   LYS A O   1 
ATOM   393  C CB  . LYS A 1 51 ? -0.618  -13.710 10.089  1.00   33.60 ? 51   LYS A CB  1 
ATOM   394  C CG  . LYS A 1 51 ? 0.660   -14.401 10.571  1.00   33.19 ? 51   LYS A CG  1 
ATOM   395  C CD  . LYS A 1 51 ? 1.634   -13.411 11.203  1.00   31.53 ? 51   LYS A CD  1 
ATOM   396  C CE  . LYS A 1 51 ? 2.896   -14.103 11.689  1.00   29.30 ? 51   LYS A CE  1 
ATOM   397  N NZ  . LYS A 1 51 ? 3.644   -14.774 10.591  1.00   25.84 ? 51   LYS A NZ  1 
ATOM   398  N N   A LYS A 1 52 ? 1.565   -12.509 7.632   0.50   38.15 ? 52   LYS A N   1 
ATOM   399  N N   B LYS A 1 52 ? 1.559   -12.506 7.618   0.50   38.10 ? 52   LYS A N   1 
ATOM   400  C CA  A LYS A 1 52 ? 2.464   -12.884 6.545   0.50   39.34 ? 52   LYS A CA  1 
ATOM   401  C CA  B LYS A 1 52 ? 2.435   -12.916 6.527   0.50   39.23 ? 52   LYS A CA  1 
ATOM   402  C C   A LYS A 1 52 ? 3.617   -13.736 7.085   0.50   39.53 ? 52   LYS A C   1 
ATOM   403  C C   B LYS A 1 52 ? 3.588   -13.750 7.084   0.50   39.47 ? 52   LYS A C   1 
ATOM   404  O O   A LYS A 1 52 ? 4.170   -13.444 8.145   0.50   39.10 ? 52   LYS A O   1 
ATOM   405  O O   B LYS A 1 52 ? 4.119   -13.451 8.153   0.50   38.98 ? 52   LYS A O   1 
ATOM   406  C CB  A LYS A 1 52 ? 2.999   -11.609 5.878   0.50   40.05 ? 52   LYS A CB  1 
ATOM   407  C CB  B LYS A 1 52 ? 2.979   -11.685 5.800   0.50   39.95 ? 52   LYS A CB  1 
ATOM   408  C CG  A LYS A 1 52 ? 4.485   -11.609 5.528   0.50   41.53 ? 52   LYS A CG  1 
ATOM   409  C CG  B LYS A 1 52 ? 1.908   -10.859 5.105   0.50   41.15 ? 52   LYS A CG  1 
ATOM   410  C CD  A LYS A 1 52 ? 4.792   -12.419 4.285   0.50   42.28 ? 52   LYS A CD  1 
ATOM   411  C CD  B LYS A 1 52 ? 2.486   -9.599  4.470   0.50   42.65 ? 52   LYS A CD  1 
ATOM   412  C CE  A LYS A 1 52 ? 6.268   -12.335 3.939   0.50   42.06 ? 52   LYS A CE  1 
ATOM   413  C CE  B LYS A 1 52 ? 3.589   -9.923  3.471   0.50   43.30 ? 52   LYS A CE  1 
ATOM   414  N NZ  A LYS A 1 52 ? 6.705   -10.924 3.753   0.50   43.09 ? 52   LYS A NZ  1 
ATOM   415  N NZ  B LYS A 1 52 ? 3.123   -10.840 2.393   0.50   44.62 ? 52   LYS A NZ  1 
ATOM   416  N N   . PRO A 1 53 ? 3.990   -14.807 6.360   1.00   39.74 ? 53   PRO A N   1 
ATOM   417  C CA  . PRO A 1 53 ? 5.076   -15.717 6.748   1.00   39.53 ? 53   PRO A CA  1 
ATOM   418  C C   . PRO A 1 53 ? 6.293   -15.137 7.477   1.00   38.42 ? 53   PRO A C   1 
ATOM   419  O O   . PRO A 1 53 ? 6.622   -15.575 8.579   1.00   39.82 ? 53   PRO A O   1 
ATOM   420  C CB  . PRO A 1 53 ? 5.452   -16.370 5.423   1.00   40.15 ? 53   PRO A CB  1 
ATOM   421  C CG  . PRO A 1 53 ? 4.122   -16.540 4.785   1.00   40.87 ? 53   PRO A CG  1 
ATOM   422  C CD  . PRO A 1 53 ? 3.433   -15.207 5.052   1.00   40.43 ? 53   PRO A CD  1 
ATOM   423  N N   . TYR A 1 54 ? 6.963   -14.160 6.876   1.00   36.58 ? 54   TYR A N   1 
ATOM   424  C CA  . TYR A 1 54 ? 8.149   -13.586 7.504   1.00   36.09 ? 54   TYR A CA  1 
ATOM   425  C C   . TYR A 1 54 ? 7.913   -12.197 8.095   1.00   34.07 ? 54   TYR A C   1 
ATOM   426  O O   . TYR A 1 54 ? 8.745   -11.294 7.977   1.00   34.51 ? 54   TYR A O   1 
ATOM   427  C CB  . TYR A 1 54 ? 9.287   -13.571 6.485   1.00   39.35 ? 54   TYR A CB  1 
ATOM   428  C CG  . TYR A 1 54 ? 9.535   -14.947 5.900   1.00   42.76 ? 54   TYR A CG  1 
ATOM   429  C CD1 . TYR A 1 54 ? 10.043  -15.981 6.691   1.00   44.18 ? 54   TYR A CD1 1 
ATOM   430  C CD2 . TYR A 1 54 ? 9.199   -15.236 4.577   1.00   45.20 ? 54   TYR A CD2 1 
ATOM   431  C CE1 . TYR A 1 54 ? 10.206  -17.271 6.179   1.00   45.88 ? 54   TYR A CE1 1 
ATOM   432  C CE2 . TYR A 1 54 ? 9.357   -16.523 4.055   1.00   46.14 ? 54   TYR A CE2 1 
ATOM   433  C CZ  . TYR A 1 54 ? 9.859   -17.534 4.861   1.00   46.92 ? 54   TYR A CZ  1 
ATOM   434  O OH  . TYR A 1 54 ? 10.005  -18.807 4.352   1.00   48.72 ? 54   TYR A OH  1 
ATOM   435  N N   . GLU A 1 55 ? 6.773   -12.053 8.759   1.00   29.81 ? 55   GLU A N   1 
ATOM   436  C CA  . GLU A 1 55 ? 6.376   -10.796 9.381   1.00   26.49 ? 55   GLU A CA  1 
ATOM   437  C C   . GLU A 1 55 ? 5.663   -11.098 10.694  1.00   23.23 ? 55   GLU A C   1 
ATOM   438  O O   . GLU A 1 55 ? 4.942   -12.087 10.794  1.00   22.45 ? 55   GLU A O   1 
ATOM   439  C CB  . GLU A 1 55 ? 5.398   -10.062 8.462   1.00   30.19 ? 55   GLU A CB  1 
ATOM   440  C CG  . GLU A 1 55 ? 5.822   -8.689  7.998   1.00   36.52 ? 55   GLU A CG  1 
ATOM   441  C CD  . GLU A 1 55 ? 4.815   -8.079  7.035   1.00   37.52 ? 55   GLU A CD  1 
ATOM   442  O OE1 . GLU A 1 55 ? 3.628   -7.958  7.408   1.00   39.75 ? 55   GLU A OE1 1 
ATOM   443  O OE2 . GLU A 1 55 ? 5.209   -7.720  5.908   1.00   40.75 ? 55   GLU A OE2 1 
ATOM   444  N N   A GLU A 1 56 ? 5.869   -10.254 11.699  0.50   20.89 ? 56   GLU A N   1 
ATOM   445  N N   B GLU A 1 56 ? 5.874   -10.253 11.698  0.50   20.44 ? 56   GLU A N   1 
ATOM   446  C CA  A GLU A 1 56 ? 5.201   -10.432 12.981  0.50   20.18 ? 56   GLU A CA  1 
ATOM   447  C CA  B GLU A 1 56 ? 5.207   -10.421 12.982  0.50   19.41 ? 56   GLU A CA  1 
ATOM   448  C C   A GLU A 1 56 ? 4.173   -9.315  13.091  0.50   19.37 ? 56   GLU A C   1 
ATOM   449  C C   B GLU A 1 56 ? 4.168   -9.312  13.081  0.50   18.87 ? 56   GLU A C   1 
ATOM   450  O O   A GLU A 1 56 ? 4.466   -8.161  12.777  0.50   18.64 ? 56   GLU A O   1 
ATOM   451  O O   B GLU A 1 56 ? 4.450   -8.160  12.748  0.50   18.11 ? 56   GLU A O   1 
ATOM   452  C CB  A GLU A 1 56 ? 6.191   -10.325 14.144  0.50   21.69 ? 56   GLU A CB  1 
ATOM   453  C CB  B GLU A 1 56 ? 6.188   -10.284 14.151  0.50   20.13 ? 56   GLU A CB  1 
ATOM   454  C CG  A GLU A 1 56 ? 7.405   -11.226 14.026  0.50   25.26 ? 56   GLU A CG  1 
ATOM   455  C CG  B GLU A 1 56 ? 7.355   -11.256 14.137  0.50   22.29 ? 56   GLU A CG  1 
ATOM   456  C CD  A GLU A 1 56 ? 8.269   -11.197 15.270  0.50   26.21 ? 56   GLU A CD  1 
ATOM   457  C CD  B GLU A 1 56 ? 6.935   -12.672 13.815  0.50   22.52 ? 56   GLU A CD  1 
ATOM   458  O OE1 A GLU A 1 56 ? 8.475   -10.099 15.829  0.50   27.65 ? 56   GLU A OE1 1 
ATOM   459  O OE1 B GLU A 1 56 ? 5.931   -13.144 14.387  0.50   23.15 ? 56   GLU A OE1 1 
ATOM   460  O OE2 A GLU A 1 56 ? 8.751   -12.271 15.682  0.50   28.65 ? 56   GLU A OE2 1 
ATOM   461  O OE2 B GLU A 1 56 ? 7.619   -13.313 12.991  0.50   25.10 ? 56   GLU A OE2 1 
ATOM   462  N N   . VAL A 1 57 ? 2.966   -9.653  13.526  1.00   17.04 ? 57   VAL A N   1 
ATOM   463  C CA  . VAL A 1 57 ? 1.922   -8.654  13.657  1.00   16.78 ? 57   VAL A CA  1 
ATOM   464  C C   . VAL A 1 57 ? 1.184   -8.799  14.970  1.00   16.62 ? 57   VAL A C   1 
ATOM   465  O O   . VAL A 1 57 ? 0.819   -9.904  15.375  1.00   14.61 ? 57   VAL A O   1 
ATOM   466  C CB  . VAL A 1 57 ? 0.881   -8.753  12.516  1.00   18.53 ? 57   VAL A CB  1 
ATOM   467  C CG1 . VAL A 1 57 ? -0.185  -7.674  12.690  1.00   18.24 ? 57   VAL A CG1 1 
ATOM   468  C CG2 . VAL A 1 57 ? 1.563   -8.610  11.167  1.00   21.82 ? 57   VAL A CG2 1 
ATOM   469  N N   . THR A 1 58 ? 0.992   -7.670  15.638  1.00   15.74 ? 58   THR A N   1 
ATOM   470  C CA  . THR A 1 58 ? 0.246   -7.623  16.884  1.00   16.19 ? 58   THR A CA  1 
ATOM   471  C C   . THR A 1 58 ? -0.832  -6.566  16.721  1.00   17.96 ? 58   THR A C   1 
ATOM   472  O O   . THR A 1 58 ? -0.562  -5.464  16.238  1.00   16.91 ? 58   THR A O   1 
ATOM   473  C CB  . THR A 1 58 ? 1.114   -7.194  18.078  1.00   16.92 ? 58   THR A CB  1 
ATOM   474  O OG1 . THR A 1 58 ? 2.081   -8.210  18.367  1.00   15.90 ? 58   THR A OG1 1 
ATOM   475  C CG2 . THR A 1 58 ? 0.232   -6.959  19.307  1.00   15.70 ? 58   THR A CG2 1 
ATOM   476  N N   A CYS A 1 59 ? -2.071  -6.906  17.087  0.66   18.74 ? 59   CYS A N   1 
ATOM   477  N N   B CYS A 1 59 ? -2.044  -6.912  17.126  0.34   17.88 ? 59   CYS A N   1 
ATOM   478  C CA  A CYS A 1 59 ? -3.194  -5.964  17.001  0.66   20.57 ? 59   CYS A CA  1 
ATOM   479  C CA  B CYS A 1 59 ? -3.146  -5.978  17.067  0.34   18.91 ? 59   CYS A CA  1 
ATOM   480  C C   A CYS A 1 59 ? -3.950  -6.002  18.324  0.66   20.96 ? 59   CYS A C   1 
ATOM   481  C C   B CYS A 1 59 ? -3.791  -5.987  18.436  0.34   19.82 ? 59   CYS A C   1 
ATOM   482  O O   A CYS A 1 59 ? -4.257  -7.080  18.842  0.66   21.11 ? 59   CYS A O   1 
ATOM   483  O O   B CYS A 1 59 ? -3.819  -7.017  19.121  0.34   18.98 ? 59   CYS A O   1 
ATOM   484  C CB  A CYS A 1 59 ? -4.138  -6.332  15.859  0.66   24.45 ? 59   CYS A CB  1 
ATOM   485  C CB  B CYS A 1 59 ? -4.155  -6.389  16.000  0.34   21.61 ? 59   CYS A CB  1 
ATOM   486  S SG  A CYS A 1 59 ? -4.984  -7.910  16.075  0.66   30.38 ? 59   CYS A SG  1 
ATOM   487  S SG  B CYS A 1 59 ? -3.639  -5.980  14.327  0.34   21.33 ? 59   CYS A SG  1 
ATOM   488  N N   . CYS A 1 60 ? -4.272  -4.829  18.857  1.00   18.02 ? 60   CYS A N   1 
ATOM   489  C CA  . CYS A 1 60 ? -4.923  -4.731  20.146  1.00   17.20 ? 60   CYS A CA  1 
ATOM   490  C C   . CYS A 1 60 ? -5.988  -3.642  20.129  1.00   18.30 ? 60   CYS A C   1 
ATOM   491  O O   . CYS A 1 60 ? -6.045  -2.831  19.198  1.00   15.95 ? 60   CYS A O   1 
ATOM   492  C CB  . CYS A 1 60 ? -3.855  -4.466  21.195  1.00   17.47 ? 60   CYS A CB  1 
ATOM   493  S SG  . CYS A 1 60 ? -2.761  -3.099  20.708  1.00   18.88 ? 60   CYS A SG  1 
ATOM   494  N N   . SER A 1 61 ? -6.821  -3.607  21.160  1.00   18.58 ? 61   SER A N   1 
ATOM   495  C CA  . SER A 1 61 ? -7.912  -2.648  21.164  1.00   20.43 ? 61   SER A CA  1 
ATOM   496  C C   . SER A 1 61 ? -8.065  -1.670  22.318  1.00   20.22 ? 61   SER A C   1 
ATOM   497  O O   . SER A 1 61 ? -9.167  -1.189  22.568  1.00   21.03 ? 61   SER A O   1 
ATOM   498  C CB  . SER A 1 61 ? -9.223  -3.405  20.951  1.00   23.77 ? 61   SER A CB  1 
ATOM   499  O OG  . SER A 1 61 ? -9.361  -4.444  21.898  1.00   25.57 ? 61   SER A OG  1 
ATOM   500  N N   . THR A 1 62 ? -6.983  -1.385  23.036  1.00   19.69 ? 62   THR A N   1 
ATOM   501  C CA  . THR A 1 62 ? -7.052  -0.391  24.106  1.00   20.66 ? 62   THR A CA  1 
ATOM   502  C C   . THR A 1 62 ? -6.073  0.728   23.747  1.00   19.13 ? 62   THR A C   1 
ATOM   503  O O   . THR A 1 62 ? -5.083  0.497   23.048  1.00   18.29 ? 62   THR A O   1 
ATOM   504  C CB  . THR A 1 62 ? -6.720  -0.984  25.503  1.00   21.08 ? 62   THR A CB  1 
ATOM   505  O OG1 . THR A 1 62 ? -5.422  -1.586  25.493  1.00   22.21 ? 62   THR A OG1 1 
ATOM   506  C CG2 . THR A 1 62 ? -7.764  -2.025  25.893  1.00   21.86 ? 62   THR A CG2 1 
ATOM   507  N N   . ASP A 1 63 ? -6.360  1.943   24.201  1.00   19.58 ? 63   ASP A N   1 
ATOM   508  C CA  . ASP A 1 63 ? -5.509  3.090   23.889  1.00   18.86 ? 63   ASP A CA  1 
ATOM   509  C C   . ASP A 1 63 ? -4.014  2.865   24.127  1.00   18.47 ? 63   ASP A C   1 
ATOM   510  O O   . ASP A 1 63 ? -3.599  2.397   25.190  1.00   16.79 ? 63   ASP A O   1 
ATOM   511  C CB  . ASP A 1 63 ? -5.950  4.328   24.688  1.00   20.63 ? 63   ASP A CB  1 
ATOM   512  C CG  . ASP A 1 63 ? -7.322  4.850   24.278  1.00   20.67 ? 63   ASP A CG  1 
ATOM   513  O OD1 . ASP A 1 63 ? -7.804  4.542   23.167  1.00   19.66 ? 63   ASP A OD1 1 
ATOM   514  O OD2 . ASP A 1 63 ? -7.917  5.602   25.075  1.00   24.93 ? 63   ASP A OD2 1 
ATOM   515  N N   . LYS A 1 64 ? -3.218  3.214   23.120  1.00   16.20 ? 64   LYS A N   1 
ATOM   516  C CA  . LYS A 1 64 ? -1.764  3.107   23.168  1.00   16.80 ? 64   LYS A CA  1 
ATOM   517  C C   . LYS A 1 64 ? -1.257  1.723   23.563  1.00   16.20 ? 64   LYS A C   1 
ATOM   518  O O   . LYS A 1 64 ? -0.237  1.581   24.239  1.00   14.96 ? 64   LYS A O   1 
ATOM   519  C CB  . LYS A 1 64 ? -1.216  4.180   24.110  1.00   18.87 ? 64   LYS A CB  1 
ATOM   520  C CG  . LYS A 1 64 ? -1.542  5.594   23.634  1.00   22.42 ? 64   LYS A CG  1 
ATOM   521  C CD  . LYS A 1 64 ? -1.126  6.666   24.631  1.00   26.95 ? 64   LYS A CD  1 
ATOM   522  C CE  . LYS A 1 64 ? 0.378   6.739   24.775  1.00   30.46 ? 64   LYS A CE  1 
ATOM   523  N NZ  . LYS A 1 64 ? 0.796   7.878   25.648  1.00   35.54 ? 64   LYS A NZ  1 
ATOM   524  N N   . CYS A 1 65 ? -1.968  0.703   23.106  1.00   15.50 ? 65   CYS A N   1 
ATOM   525  C CA  . CYS A 1 65 ? -1.606  -0.675  23.404  1.00   16.21 ? 65   CYS A CA  1 
ATOM   526  C C   . CYS A 1 65 ? -0.519  -1.205  22.463  1.00   15.70 ? 65   CYS A C   1 
ATOM   527  O O   . CYS A 1 65 ? -0.038  -2.323  22.637  1.00   16.11 ? 65   CYS A O   1 
ATOM   528  C CB  . CYS A 1 65 ? -2.848  -1.558  23.302  1.00   15.35 ? 65   CYS A CB  1 
ATOM   529  S SG  . CYS A 1 65 ? -3.647  -1.548  21.666  1.00   15.83 ? 65   CYS A SG  1 
ATOM   530  N N   . ASN A 1 66 ? -0.124  -0.394  21.482  1.00   13.87 ? 66   ASN A N   1 
ATOM   531  C CA  . ASN A 1 66 ? 0.884   -0.798  20.501  1.00   13.54 ? 66   ASN A CA  1 
ATOM   532  C C   . ASN A 1 66 ? 2.169   0.024   20.594  1.00   13.76 ? 66   ASN A C   1 
ATOM   533  O O   . ASN A 1 66 ? 2.608   0.624   19.610  1.00   14.58 ? 66   ASN A O   1 
ATOM   534  C CB  . ASN A 1 66 ? 0.308   -0.656  19.089  1.00   11.90 ? 66   ASN A CB  1 
ATOM   535  C CG  . ASN A 1 66 ? 0.046   0.800   18.713  1.00   12.78 ? 66   ASN A CG  1 
ATOM   536  O OD1 . ASN A 1 66 ? -0.337  1.613   19.561  1.00   13.65 ? 66   ASN A OD1 1 
ATOM   537  N ND2 . ASN A 1 66 ? 0.246   1.133   17.439  1.00   9.65  ? 66   ASN A ND2 1 
ATOM   538  N N   . PRO A 1 67 ? 2.802   0.053   21.772  1.00   15.33 ? 67   PRO A N   1 
ATOM   539  C CA  . PRO A 1 67 ? 4.030   0.841   21.878  1.00   14.82 ? 67   PRO A CA  1 
ATOM   540  C C   . PRO A 1 67 ? 5.222   0.234   21.151  1.00   15.65 ? 67   PRO A C   1 
ATOM   541  O O   . PRO A 1 67 ? 5.217   -0.939  20.765  1.00   15.67 ? 67   PRO A O   1 
ATOM   542  C CB  . PRO A 1 67 ? 4.273   0.889   23.381  1.00   17.09 ? 67   PRO A CB  1 
ATOM   543  C CG  . PRO A 1 67 ? 3.838   -0.499  23.800  1.00   15.83 ? 67   PRO A CG  1 
ATOM   544  C CD  . PRO A 1 67 ? 2.528   -0.668  23.032  1.00   16.77 ? 67   PRO A CD  1 
ATOM   545  N N   . HIS A 1 68 ? 6.241   1.060   20.968  1.00   15.01 ? 68   HIS A N   1 
ATOM   546  C CA  . HIS A 1 68 ? 7.484   0.616   20.365  1.00   15.45 ? 68   HIS A CA  1 
ATOM   547  C C   . HIS A 1 68 ? 8.042   -0.331  21.436  1.00   17.16 ? 68   HIS A C   1 
ATOM   548  O O   . HIS A 1 68 ? 7.837   -0.105  22.626  1.00   16.70 ? 68   HIS A O   1 
ATOM   549  C CB  . HIS A 1 68 ? 8.424   1.811   20.191  1.00   14.44 ? 68   HIS A CB  1 
ATOM   550  C CG  . HIS A 1 68 ? 9.788   1.443   19.700  1.00   15.18 ? 68   HIS A CG  1 
ATOM   551  N ND1 . HIS A 1 68 ? 10.523  0.410   20.241  1.00   17.70 ? 68   HIS A ND1 1 
ATOM   552  C CD2 . HIS A 1 68 ? 10.551  1.972   18.715  1.00   15.41 ? 68   HIS A CD2 1 
ATOM   553  C CE1 . HIS A 1 68 ? 11.680  0.319   19.610  1.00   15.74 ? 68   HIS A CE1 1 
ATOM   554  N NE2 . HIS A 1 68 ? 11.722  1.256   18.680  1.00   16.96 ? 68   HIS A NE2 1 
ATOM   555  N N   . PRO A 1 69 ? 8.740   -1.403  21.029  1.00   17.70 ? 69   PRO A N   1 
ATOM   556  C CA  . PRO A 1 69 ? 9.311   -2.364  21.980  1.00   19.99 ? 69   PRO A CA  1 
ATOM   557  C C   . PRO A 1 69 ? 10.060  -1.717  23.150  1.00   22.22 ? 69   PRO A C   1 
ATOM   558  O O   . PRO A 1 69 ? 10.106  -2.272  24.247  1.00   22.83 ? 69   PRO A O   1 
ATOM   559  C CB  . PRO A 1 69 ? 10.231  -3.201  21.099  1.00   20.91 ? 69   PRO A CB  1 
ATOM   560  C CG  . PRO A 1 69 ? 9.474   -3.252  19.808  1.00   19.91 ? 69   PRO A CG  1 
ATOM   561  C CD  . PRO A 1 69 ? 9.005   -1.817  19.639  1.00   18.16 ? 69   PRO A CD  1 
ATOM   562  N N   . LYS A 1 70 ? 10.637  -0.544  22.915  1.00   23.80 ? 70   LYS A N   1 
ATOM   563  C CA  . LYS A 1 70 ? 11.390  0.156   23.949  1.00   28.11 ? 70   LYS A CA  1 
ATOM   564  C C   . LYS A 1 70 ? 10.527  0.992   24.885  1.00   31.00 ? 70   LYS A C   1 
ATOM   565  O O   . LYS A 1 70 ? 11.052  1.717   25.731  1.00   30.81 ? 70   LYS A O   1 
ATOM   566  C CB  . LYS A 1 70 ? 12.455  1.052   23.313  1.00   29.43 ? 70   LYS A CB  1 
ATOM   567  C CG  . LYS A 1 70 ? 13.622  0.300   22.693  1.00   31.69 ? 70   LYS A CG  1 
ATOM   568  C CD  . LYS A 1 70 ? 14.451  -0.402  23.755  1.00   34.77 ? 70   LYS A CD  1 
ATOM   569  C CE  . LYS A 1 70 ? 15.656  -1.097  23.145  1.00   36.46 ? 70   LYS A CE  1 
ATOM   570  N NZ  . LYS A 1 70 ? 16.525  -1.706  24.188  1.00   36.75 ? 70   LYS A NZ  1 
ATOM   571  N N   . GLN A 1 71 ? 9.208   0.898   24.739  1.00   33.15 ? 71   GLN A N   1 
ATOM   572  C CA  . GLN A 1 71 ? 8.298   1.660   25.594  1.00   36.91 ? 71   GLN A CA  1 
ATOM   573  C C   . GLN A 1 71 ? 7.204   0.790   26.206  1.00   37.31 ? 71   GLN A C   1 
ATOM   574  O O   . GLN A 1 71 ? 6.858   -0.265  25.671  1.00   36.99 ? 71   GLN A O   1 
ATOM   575  C CB  . GLN A 1 71 ? 7.644   2.793   24.800  1.00   38.29 ? 71   GLN A CB  1 
ATOM   576  C CG  . GLN A 1 71 ? 8.616   3.794   24.212  1.00   43.42 ? 71   GLN A CG  1 
ATOM   577  C CD  . GLN A 1 71 ? 7.909   4.997   23.615  1.00   45.00 ? 71   GLN A CD  1 
ATOM   578  O OE1 . GLN A 1 71 ? 7.208   5.725   24.316  1.00   46.43 ? 71   GLN A OE1 1 
ATOM   579  N NE2 . GLN A 1 71 ? 8.087   5.210   22.314  1.00   46.19 ? 71   GLN A NE2 1 
ATOM   580  N N   . ARG A 1 72 ? 6.689   1.210   27.355  1.00   38.20 ? 72   ARG A N   1 
ATOM   581  C CA  . ARG A 1 72 ? 5.624   0.454   28.011  1.00   38.86 ? 72   ARG A CA  1 
ATOM   582  C C   . ARG A 1 72 ? 4.267   0.896   27.466  1.00   38.40 ? 72   ARG A C   1 
ATOM   583  O O   . ARG A 1 72 ? 4.110   2.034   27.028  1.00   36.66 ? 72   ARG A O   1 
ATOM   584  C CB  . ARG A 1 72 ? 5.659   0.675   29.528  1.00   41.02 ? 72   ARG A CB  1 
ATOM   585  C CG  . ARG A 1 72 ? 5.204   2.054   29.980  1.00   43.39 ? 72   ARG A CG  1 
ATOM   586  C CD  . ARG A 1 72 ? 6.095   3.153   29.419  1.00   45.83 ? 72   ARG A CD  1 
ATOM   587  N NE  . ARG A 1 72 ? 7.509   2.873   29.663  1.00   46.78 ? 72   ARG A NE  1 
ATOM   588  C CZ  . ARG A 1 72 ? 8.499   3.705   29.368  1.00   46.58 ? 72   ARG A CZ  1 
ATOM   589  N NH1 . ARG A 1 72 ? 8.238   4.885   28.817  1.00   46.28 ? 72   ARG A NH1 1 
ATOM   590  N NH2 . ARG A 1 72 ? 9.752   3.350   29.614  1.00   45.76 ? 72   ARG A NH2 1 
ATOM   591  N N   . PRO A 1 73 ? 3.240   0.041   27.477  1.00   39.23 ? 73   PRO A N   1 
ATOM   592  C CA  . PRO A 1 73 ? 1.890   0.308   26.967  1.00   40.22 ? 73   PRO A CA  1 
ATOM   593  C C   . PRO A 1 73 ? 1.101   1.273   27.850  1.00   40.75 ? 73   PRO A C   1 
ATOM   594  O O   . PRO A 1 73 ? 1.425   1.460   29.023  1.00   41.09 ? 73   PRO A O   1 
ATOM   595  C CB  . PRO A 1 73 ? 1.242   -1.080  26.942  1.00   40.42 ? 73   PRO A CB  1 
ATOM   596  C CG  . PRO A 1 73 ? 2.412   -2.026  26.895  1.00   41.21 ? 73   PRO A CG  1 
ATOM   597  C CD  . PRO A 1 73 ? 3.381   -1.378  27.839  1.00   39.54 ? 73   PRO A CD  1 
ATOM   598  N N   . GLY A 1 74 ? 0.062   1.876   27.278  1.00   40.66 ? 74   GLY A N   1 
ATOM   599  C CA  . GLY A 1 74 ? -0.774  2.797   28.030  1.00   41.42 ? 74   GLY A CA  1 
ATOM   600  C C   . GLY A 1 74 ? -0.342  4.249   27.972  1.00   42.17 ? 74   GLY A C   1 
ATOM   601  O O   . GLY A 1 74 ? 0.706   4.546   27.360  1.00   42.52 ? 74   GLY A O   1 
ATOM   602  O OXT . GLY A 1 74 ? -1.055  5.097   28.547  1.00   43.08 ? 74   GLY A OXT 1 
ATOM   603  N N   . ILE B 2 1  ? -2.512  7.950   -1.365  1.00   16.15 ? 1    ILE B N   1 
ATOM   604  C CA  . ILE B 2 1  ? -2.847  6.567   -1.816  1.00   15.98 ? 1    ILE B CA  1 
ATOM   605  C C   . ILE B 2 1  ? -1.776  6.100   -2.801  1.00   15.96 ? 1    ILE B C   1 
ATOM   606  O O   . ILE B 2 1  ? -1.138  6.912   -3.473  1.00   15.97 ? 1    ILE B O   1 
ATOM   607  C CB  . ILE B 2 1  ? -4.242  6.532   -2.506  1.00   14.63 ? 1    ILE B CB  1 
ATOM   608  C CG1 . ILE B 2 1  ? -4.635  5.090   -2.852  1.00   15.07 ? 1    ILE B CG1 1 
ATOM   609  C CG2 . ILE B 2 1  ? -4.230  7.406   -3.753  1.00   16.00 ? 1    ILE B CG2 1 
ATOM   610  C CD1 . ILE B 2 1  ? -6.062  4.959   -3.405  1.00   13.06 ? 1    ILE B CD1 1 
ATOM   611  N N   . VAL B 2 2  ? -1.569  4.790   -2.859  1.00   15.51 ? 2    VAL B N   1 
ATOM   612  C CA  . VAL B 2 2  ? -0.585  4.204   -3.760  1.00   16.39 ? 2    VAL B CA  1 
ATOM   613  C C   . VAL B 2 2  ? -1.348  3.482   -4.866  1.00   15.14 ? 2    VAL B C   1 
ATOM   614  O O   . VAL B 2 2  ? -2.213  2.652   -4.588  1.00   14.94 ? 2    VAL B O   1 
ATOM   615  C CB  . VAL B 2 2  ? 0.329   3.201   -3.003  1.00   16.32 ? 2    VAL B CB  1 
ATOM   616  C CG1 . VAL B 2 2  ? 1.271   2.494   -3.976  1.00   14.14 ? 2    VAL B CG1 1 
ATOM   617  C CG2 . VAL B 2 2  ? 1.133   3.943   -1.935  1.00   16.99 ? 2    VAL B CG2 1 
ATOM   618  N N   . CYS B 2 3  ? -1.042  3.817   -6.115  1.00   14.85 ? 3    CYS B N   1 
ATOM   619  C CA  . CYS B 2 3  ? -1.706  3.198   -7.259  1.00   15.33 ? 3    CYS B CA  1 
ATOM   620  C C   . CYS B 2 3  ? -0.708  2.655   -8.268  1.00   15.87 ? 3    CYS B C   1 
ATOM   621  O O   . CYS B 2 3  ? 0.411   3.158   -8.382  1.00   14.50 ? 3    CYS B O   1 
ATOM   622  C CB  . CYS B 2 3  ? -2.580  4.216   -7.999  1.00   12.80 ? 3    CYS B CB  1 
ATOM   623  S SG  . CYS B 2 3  ? -3.902  5.013   -7.039  1.00   15.24 ? 3    CYS B SG  1 
ATOM   624  N N   . HIS B 2 4  ? -1.121  1.626   -8.999  1.00   16.22 ? 4    HIS B N   1 
ATOM   625  C CA  . HIS B 2 4  ? -0.284  1.059   -10.044 1.00   16.99 ? 4    HIS B CA  1 
ATOM   626  C C   . HIS B 2 4  ? -0.341  2.082   -11.174 1.00   16.71 ? 4    HIS B C   1 
ATOM   627  O O   . HIS B 2 4  ? -1.348  2.773   -11.336 1.00   15.31 ? 4    HIS B O   1 
ATOM   628  C CB  . HIS B 2 4  ? -0.865  -0.262  -10.551 1.00   17.46 ? 4    HIS B CB  1 
ATOM   629  C CG  . HIS B 2 4  ? -0.775  -1.389  -9.569  1.00   18.82 ? 4    HIS B CG  1 
ATOM   630  N ND1 . HIS B 2 4  ? 0.396   -2.075  -9.328  1.00   17.80 ? 4    HIS B ND1 1 
ATOM   631  C CD2 . HIS B 2 4  ? -1.716  -1.956  -8.776  1.00   19.14 ? 4    HIS B CD2 1 
ATOM   632  C CE1 . HIS B 2 4  ? 0.171   -3.020  -8.431  1.00   20.43 ? 4    HIS B CE1 1 
ATOM   633  N NE2 . HIS B 2 4  ? -1.101  -2.970  -8.081  1.00   19.28 ? 4    HIS B NE2 1 
ATOM   634  N N   . THR B 2 5  ? 0.734   2.193   -11.945 1.00   16.35 ? 5    THR B N   1 
ATOM   635  C CA  . THR B 2 5  ? 0.751   3.124   -13.064 1.00   16.22 ? 5    THR B CA  1 
ATOM   636  C C   . THR B 2 5  ? 1.478   2.523   -14.251 1.00   15.39 ? 5    THR B C   1 
ATOM   637  O O   . THR B 2 5  ? 2.482   1.828   -14.090 1.00   14.67 ? 5    THR B O   1 
ATOM   638  C CB  . THR B 2 5  ? 1.430   4.468   -12.712 1.00   16.72 ? 5    THR B CB  1 
ATOM   639  O OG1 . THR B 2 5  ? 1.465   5.296   -13.884 1.00   17.37 ? 5    THR B OG1 1 
ATOM   640  C CG2 . THR B 2 5  ? 2.862   4.248   -12.211 1.00   15.88 ? 5    THR B CG2 1 
ATOM   641  N N   . THR B 2 6  ? 0.952   2.781   -15.442 1.00   13.70 ? 6    THR B N   1 
ATOM   642  C CA  . THR B 2 6  ? 1.564   2.286   -16.665 1.00   15.18 ? 6    THR B CA  1 
ATOM   643  C C   . THR B 2 6  ? 2.511   3.348   -17.226 1.00   16.04 ? 6    THR B C   1 
ATOM   644  O O   . THR B 2 6  ? 3.050   3.199   -18.318 1.00   17.63 ? 6    THR B O   1 
ATOM   645  C CB  . THR B 2 6  ? 0.486   1.923   -17.711 1.00   13.94 ? 6    THR B CB  1 
ATOM   646  O OG1 . THR B 2 6  ? -0.501  2.961   -17.767 1.00   15.07 ? 6    THR B OG1 1 
ATOM   647  C CG2 . THR B 2 6  ? -0.196  0.611   -17.334 1.00   13.07 ? 6    THR B CG2 1 
ATOM   648  N N   . ALA B 2 7  ? 2.715   4.422   -16.464 1.00   17.24 ? 7    ALA B N   1 
ATOM   649  C CA  . ALA B 2 7  ? 3.618   5.493   -16.889 1.00   16.76 ? 7    ALA B CA  1 
ATOM   650  C C   . ALA B 2 7  ? 5.065   5.059   -16.669 1.00   17.93 ? 7    ALA B C   1 
ATOM   651  O O   . ALA B 2 7  ? 6.000   5.669   -17.195 1.00   16.73 ? 7    ALA B O   1 
ATOM   652  C CB  . ALA B 2 7  ? 3.333   6.766   -16.105 1.00   16.66 ? 7    ALA B CB  1 
ATOM   653  N N   . THR B 2 8  ? 5.246   4.010   -15.875 1.00   17.87 ? 8    THR B N   1 
ATOM   654  C CA  . THR B 2 8  ? 6.580   3.499   -15.595 1.00   20.19 ? 8    THR B CA  1 
ATOM   655  C C   . THR B 2 8  ? 6.791   2.148   -16.256 1.00   21.76 ? 8    THR B C   1 
ATOM   656  O O   . THR B 2 8  ? 5.835   1.421   -16.547 1.00   19.44 ? 8    THR B O   1 
ATOM   657  C CB  . THR B 2 8  ? 6.829   3.317   -14.076 1.00   21.31 ? 8    THR B CB  1 
ATOM   658  O OG1 . THR B 2 8  ? 5.915   2.342   -13.551 1.00   19.71 ? 8    THR B OG1 1 
ATOM   659  C CG2 . THR B 2 8  ? 6.651   4.639   -13.337 1.00   19.91 ? 8    THR B CG2 1 
ATOM   660  N N   . SER B 2 9  ? 8.058   1.829   -16.491 1.00   21.81 ? 9    SER B N   1 
ATOM   661  C CA  . SER B 2 9  ? 8.451   0.564   -17.081 1.00   22.68 ? 9    SER B CA  1 
ATOM   662  C C   . SER B 2 9  ? 9.590   0.023   -16.227 1.00   23.20 ? 9    SER B C   1 
ATOM   663  O O   . SER B 2 9  ? 10.657  0.625   -16.158 1.00   24.60 ? 9    SER B O   1 
ATOM   664  C CB  . SER B 2 9  ? 8.935   0.761   -18.520 1.00   24.18 ? 9    SER B CB  1 
ATOM   665  O OG  . SER B 2 9  ? 9.456   -0.450  -19.037 1.00   24.71 ? 9    SER B OG  1 
ATOM   666  N N   . PRO B 2 10 ? 9.368   -1.109  -15.545 1.00   22.95 ? 10   PRO B N   1 
ATOM   667  C CA  . PRO B 2 10 ? 8.118   -1.872  -15.549 1.00   22.56 ? 10   PRO B CA  1 
ATOM   668  C C   . PRO B 2 10 ? 7.014   -1.172  -14.768 1.00   22.45 ? 10   PRO B C   1 
ATOM   669  O O   . PRO B 2 10 ? 7.254   -0.152  -14.111 1.00   19.81 ? 10   PRO B O   1 
ATOM   670  C CB  . PRO B 2 10 ? 8.520   -3.189  -14.900 1.00   24.44 ? 10   PRO B CB  1 
ATOM   671  C CG  . PRO B 2 10 ? 9.552   -2.762  -13.918 1.00   24.83 ? 10   PRO B CG  1 
ATOM   672  C CD  . PRO B 2 10 ? 10.384  -1.784  -14.718 1.00   25.03 ? 10   PRO B CD  1 
ATOM   673  N N   . ILE B 2 11 ? 5.807   -1.724  -14.851 1.00   21.63 ? 11   ILE B N   1 
ATOM   674  C CA  . ILE B 2 11 ? 4.668   -1.174  -14.134 1.00   21.01 ? 11   ILE B CA  1 
ATOM   675  C C   . ILE B 2 11 ? 5.034   -1.185  -12.656 1.00   21.08 ? 11   ILE B C   1 
ATOM   676  O O   . ILE B 2 11 ? 5.660   -2.133  -12.174 1.00   22.50 ? 11   ILE B O   1 
ATOM   677  C CB  . ILE B 2 11 ? 3.403   -2.037  -14.341 1.00   22.63 ? 11   ILE B CB  1 
ATOM   678  C CG1 . ILE B 2 11 ? 3.009   -2.039  -15.822 1.00   24.04 ? 11   ILE B CG1 1 
ATOM   679  C CG2 . ILE B 2 11 ? 2.258   -1.493  -13.497 1.00   24.59 ? 11   ILE B CG2 1 
ATOM   680  C CD1 . ILE B 2 11 ? 1.837   -2.958  -16.152 1.00   23.51 ? 11   ILE B CD1 1 
ATOM   681  N N   . SER B 2 12 ? 4.664   -0.130  -11.942 1.00   19.05 ? 12   SER B N   1 
ATOM   682  C CA  . SER B 2 12 ? 4.975   -0.053  -10.522 1.00   20.81 ? 12   SER B CA  1 
ATOM   683  C C   . SER B 2 12 ? 3.863   0.644   -9.753  1.00   20.56 ? 12   SER B C   1 
ATOM   684  O O   . SER B 2 12 ? 2.985   1.273   -10.344 1.00   20.28 ? 12   SER B O   1 
ATOM   685  C CB  . SER B 2 12 ? 6.293   0.696   -10.309 1.00   21.46 ? 12   SER B CB  1 
ATOM   686  O OG  . SER B 2 12 ? 6.159   2.062   -10.661 1.00   23.11 ? 12   SER B OG  1 
ATOM   687  N N   . ALA B 2 13 ? 3.916   0.520   -8.429  1.00   19.17 ? 13   ALA B N   1 
ATOM   688  C CA  . ALA B 2 13 ? 2.938   1.127   -7.538  1.00   18.10 ? 13   ALA B CA  1 
ATOM   689  C C   . ALA B 2 13 ? 3.579   2.393   -6.988  1.00   17.99 ? 13   ALA B C   1 
ATOM   690  O O   . ALA B 2 13 ? 4.610   2.334   -6.314  1.00   18.71 ? 13   ALA B O   1 
ATOM   691  C CB  . ALA B 2 13 ? 2.603   0.164   -6.404  1.00   16.12 ? 13   ALA B CB  1 
ATOM   692  N N   . VAL B 2 14 ? 2.971   3.536   -7.271  1.00   16.85 ? 14   VAL B N   1 
ATOM   693  C CA  . VAL B 2 14 ? 3.530   4.806   -6.833  1.00   16.59 ? 14   VAL B CA  1 
ATOM   694  C C   . VAL B 2 14 ? 2.563   5.646   -6.007  1.00   16.21 ? 14   VAL B C   1 
ATOM   695  O O   . VAL B 2 14 ? 1.348   5.471   -6.080  1.00   15.26 ? 14   VAL B O   1 
ATOM   696  C CB  . VAL B 2 14 ? 3.970   5.645   -8.052  1.00   18.39 ? 14   VAL B CB  1 
ATOM   697  C CG1 . VAL B 2 14 ? 4.925   4.833   -8.924  1.00   18.98 ? 14   VAL B CG1 1 
ATOM   698  C CG2 . VAL B 2 14 ? 2.745   6.062   -8.863  1.00   16.24 ? 14   VAL B CG2 1 
ATOM   699  N N   . THR B 2 15 ? 3.111   6.564   -5.219  1.00   16.15 ? 15   THR B N   1 
ATOM   700  C CA  . THR B 2 15 ? 2.279   7.437   -4.412  1.00   15.92 ? 15   THR B CA  1 
ATOM   701  C C   . THR B 2 15 ? 1.699   8.506   -5.326  1.00   15.82 ? 15   THR B C   1 
ATOM   702  O O   . THR B 2 15 ? 2.430   9.161   -6.065  1.00   17.37 ? 15   THR B O   1 
ATOM   703  C CB  . THR B 2 15 ? 3.086   8.110   -3.293  1.00   17.48 ? 15   THR B CB  1 
ATOM   704  O OG1 . THR B 2 15 ? 3.582   7.105   -2.401  1.00   18.39 ? 15   THR B OG1 1 
ATOM   705  C CG2 . THR B 2 15 ? 2.208   9.084   -2.523  1.00   17.61 ? 15   THR B CG2 1 
ATOM   706  N N   . CYS B 2 16 ? 0.381   8.668   -5.279  1.00   13.68 ? 16   CYS B N   1 
ATOM   707  C CA  . CYS B 2 16 ? -0.302  9.645   -6.112  1.00   14.37 ? 16   CYS B CA  1 
ATOM   708  C C   . CYS B 2 16 ? 0.020   11.078  -5.732  1.00   15.07 ? 16   CYS B C   1 
ATOM   709  O O   . CYS B 2 16 ? 0.355   11.364  -4.582  1.00   14.90 ? 16   CYS B O   1 
ATOM   710  C CB  . CYS B 2 16 ? -1.810  9.442   -6.020  1.00   14.59 ? 16   CYS B CB  1 
ATOM   711  S SG  . CYS B 2 16 ? -2.373  7.859   -6.717  1.00   15.79 ? 16   CYS B SG  1 
ATOM   712  N N   . PRO B 2 17 ? -0.086  12.001  -6.697  1.00   15.47 ? 17   PRO B N   1 
ATOM   713  C CA  . PRO B 2 17 ? 0.202   13.404  -6.397  1.00   16.04 ? 17   PRO B CA  1 
ATOM   714  C C   . PRO B 2 17 ? -0.941  14.002  -5.578  1.00   17.14 ? 17   PRO B C   1 
ATOM   715  O O   . PRO B 2 17 ? -2.004  13.399  -5.451  1.00   17.89 ? 17   PRO B O   1 
ATOM   716  C CB  . PRO B 2 17 ? 0.330   14.030  -7.784  1.00   16.80 ? 17   PRO B CB  1 
ATOM   717  C CG  . PRO B 2 17 ? -0.650  13.241  -8.593  1.00   17.79 ? 17   PRO B CG  1 
ATOM   718  C CD  . PRO B 2 17 ? -0.389  11.816  -8.131  1.00   15.57 ? 17   PRO B CD  1 
ATOM   719  N N   . PRO B 2 18 ? -0.724  15.189  -4.998  1.00   18.74 ? 18   PRO B N   1 
ATOM   720  C CA  . PRO B 2 18 ? -1.742  15.869  -4.187  1.00   19.56 ? 18   PRO B CA  1 
ATOM   721  C C   . PRO B 2 18 ? -3.043  16.106  -4.958  1.00   19.06 ? 18   PRO B C   1 
ATOM   722  O O   . PRO B 2 18 ? -3.021  16.483  -6.131  1.00   19.84 ? 18   PRO B O   1 
ATOM   723  C CB  . PRO B 2 18 ? -1.058  17.180  -3.812  1.00   19.97 ? 18   PRO B CB  1 
ATOM   724  C CG  . PRO B 2 18 ? 0.393   16.787  -3.733  1.00   20.86 ? 18   PRO B CG  1 
ATOM   725  C CD  . PRO B 2 18 ? 0.550   15.926  -4.971  1.00   18.68 ? 18   PRO B CD  1 
ATOM   726  N N   . GLY B 2 19 ? -4.173  15.877  -4.302  1.00   19.45 ? 19   GLY B N   1 
ATOM   727  C CA  . GLY B 2 19 ? -5.451  16.095  -4.956  1.00   19.57 ? 19   GLY B CA  1 
ATOM   728  C C   . GLY B 2 19 ? -5.955  14.912  -5.763  1.00   18.35 ? 19   GLY B C   1 
ATOM   729  O O   . GLY B 2 19 ? -7.119  14.876  -6.151  1.00   19.16 ? 19   GLY B O   1 
ATOM   730  N N   . GLU B 2 20 ? -5.083  13.947  -6.031  1.00   17.20 ? 20   GLU B N   1 
ATOM   731  C CA  . GLU B 2 20 ? -5.479  12.760  -6.779  1.00   16.79 ? 20   GLU B CA  1 
ATOM   732  C C   . GLU B 2 20 ? -5.448  11.618  -5.781  1.00   16.75 ? 20   GLU B C   1 
ATOM   733  O O   . GLU B 2 20 ? -4.388  11.081  -5.466  1.00   16.77 ? 20   GLU B O   1 
ATOM   734  C CB  . GLU B 2 20 ? -4.515  12.516  -7.949  1.00   17.43 ? 20   GLU B CB  1 
ATOM   735  C CG  . GLU B 2 20 ? -4.692  13.528  -9.078  1.00   19.52 ? 20   GLU B CG  1 
ATOM   736  C CD  . GLU B 2 20 ? -3.752  13.300  -10.253 1.00   23.06 ? 20   GLU B CD  1 
ATOM   737  O OE1 . GLU B 2 20 ? -3.325  12.150  -10.474 1.00   21.98 ? 20   GLU B OE1 1 
ATOM   738  O OE2 . GLU B 2 20 ? -3.448  14.280  -10.968 1.00   24.93 ? 20   GLU B OE2 1 
ATOM   739  N N   . ASN B 2 21 ? -6.626  11.247  -5.289  1.00   15.78 ? 21   ASN B N   1 
ATOM   740  C CA  . ASN B 2 21 ? -6.722  10.220  -4.268  1.00   16.30 ? 21   ASN B CA  1 
ATOM   741  C C   . ASN B 2 21 ? -7.440  8.924   -4.607  1.00   16.20 ? 21   ASN B C   1 
ATOM   742  O O   . ASN B 2 21 ? -7.845  8.185   -3.711  1.00   16.88 ? 21   ASN B O   1 
ATOM   743  C CB  . ASN B 2 21 ? -7.326  10.841  -3.012  1.00   17.96 ? 21   ASN B CB  1 
ATOM   744  C CG  . ASN B 2 21 ? -6.506  12.005  -2.507  1.00   20.18 ? 21   ASN B CG  1 
ATOM   745  O OD1 . ASN B 2 21 ? -5.333  11.845  -2.174  1.00   21.72 ? 21   ASN B OD1 1 
ATOM   746  N ND2 . ASN B 2 21 ? -7.110  13.188  -2.461  1.00   20.70 ? 21   ASN B ND2 1 
ATOM   747  N N   . LEU B 2 22 ? -7.619  8.647   -5.891  1.00   15.55 ? 22   LEU B N   1 
ATOM   748  C CA  . LEU B 2 22 ? -8.225  7.381   -6.273  1.00   15.27 ? 22   LEU B CA  1 
ATOM   749  C C   . LEU B 2 22 ? -7.406  6.783   -7.405  1.00   13.91 ? 22   LEU B C   1 
ATOM   750  O O   . LEU B 2 22 ? -6.645  7.491   -8.068  1.00   13.57 ? 22   LEU B O   1 
ATOM   751  C CB  . LEU B 2 22 ? -9.695  7.561   -6.667  1.00   15.99 ? 22   LEU B CB  1 
ATOM   752  C CG  . LEU B 2 22 ? -10.130 8.510   -7.777  1.00   18.76 ? 22   LEU B CG  1 
ATOM   753  C CD1 . LEU B 2 22 ? -9.688  7.978   -9.136  1.00   18.45 ? 22   LEU B CD1 1 
ATOM   754  C CD2 . LEU B 2 22 ? -11.654 8.626   -7.723  1.00   18.12 ? 22   LEU B CD2 1 
ATOM   755  N N   . CYS B 2 23 ? -7.531  5.474   -7.592  1.00   11.91 ? 23   CYS B N   1 
ATOM   756  C CA  . CYS B 2 23 ? -6.804  4.770   -8.640  1.00   13.33 ? 23   CYS B CA  1 
ATOM   757  C C   . CYS B 2 23 ? -7.784  4.437   -9.744  1.00   16.36 ? 23   CYS B C   1 
ATOM   758  O O   . CYS B 2 23 ? -8.993  4.426   -9.520  1.00   15.99 ? 23   CYS B O   1 
ATOM   759  C CB  . CYS B 2 23 ? -6.233  3.442   -8.132  1.00   11.36 ? 23   CYS B CB  1 
ATOM   760  S SG  . CYS B 2 23 ? -5.182  3.497   -6.648  1.00   14.29 ? 23   CYS B SG  1 
ATOM   761  N N   . TYR B 2 24 ? -7.264  4.152   -10.933 1.00   16.43 ? 24   TYR B N   1 
ATOM   762  C CA  . TYR B 2 24 ? -8.132  3.778   -12.035 1.00   16.77 ? 24   TYR B CA  1 
ATOM   763  C C   . TYR B 2 24 ? -7.420  2.834   -12.990 1.00   17.65 ? 24   TYR B C   1 
ATOM   764  O O   . TYR B 2 24 ? -6.186  2.786   -13.049 1.00   14.26 ? 24   TYR B O   1 
ATOM   765  C CB  . TYR B 2 24 ? -8.615  5.023   -12.793 1.00   17.29 ? 24   TYR B CB  1 
ATOM   766  C CG  . TYR B 2 24 ? -7.610  5.608   -13.768 1.00   20.78 ? 24   TYR B CG  1 
ATOM   767  C CD1 . TYR B 2 24 ? -7.493  5.108   -15.068 1.00   22.84 ? 24   TYR B CD1 1 
ATOM   768  C CD2 . TYR B 2 24 ? -6.771  6.653   -13.388 1.00   20.55 ? 24   TYR B CD2 1 
ATOM   769  C CE1 . TYR B 2 24 ? -6.564  5.637   -15.964 1.00   23.62 ? 24   TYR B CE1 1 
ATOM   770  C CE2 . TYR B 2 24 ? -5.838  7.191   -14.275 1.00   21.62 ? 24   TYR B CE2 1 
ATOM   771  C CZ  . TYR B 2 24 ? -5.740  6.679   -15.560 1.00   23.23 ? 24   TYR B CZ  1 
ATOM   772  O OH  . TYR B 2 24 ? -4.826  7.216   -16.438 1.00   24.81 ? 24   TYR B OH  1 
ATOM   773  N N   . ARG B 2 25 ? -8.222  2.063   -13.713 1.00   16.14 ? 25   ARG B N   1 
ATOM   774  C CA  . ARG B 2 25 ? -7.730  1.145   -14.726 1.00   17.14 ? 25   ARG B CA  1 
ATOM   775  C C   . ARG B 2 25 ? -8.665  1.372   -15.895 1.00   18.27 ? 25   ARG B C   1 
ATOM   776  O O   . ARG B 2 25 ? -9.887  1.308   -15.738 1.00   19.14 ? 25   ARG B O   1 
ATOM   777  C CB  . ARG B 2 25 ? -7.823  -0.319  -14.281 1.00   17.76 ? 25   ARG B CB  1 
ATOM   778  C CG  . ARG B 2 25 ? -7.454  -1.298  -15.405 1.00   20.15 ? 25   ARG B CG  1 
ATOM   779  C CD  . ARG B 2 25 ? -7.399  -2.746  -14.940 1.00   24.53 ? 25   ARG B CD  1 
ATOM   780  N NE  . ARG B 2 25 ? -8.650  -3.161  -14.319 1.00   27.40 ? 25   ARG B NE  1 
ATOM   781  C CZ  . ARG B 2 25 ? -8.763  -3.549  -13.053 1.00   29.84 ? 25   ARG B CZ  1 
ATOM   782  N NH1 . ARG B 2 25 ? -7.692  -3.582  -12.265 1.00   29.50 ? 25   ARG B NH1 1 
ATOM   783  N NH2 . ARG B 2 25 ? -9.950  -3.888  -12.568 1.00   30.47 ? 25   ARG B NH2 1 
ATOM   784  N N   . LYS B 2 26 ? -8.093  1.666   -17.056 1.00   20.21 ? 26   LYS B N   1 
ATOM   785  C CA  . LYS B 2 26 ? -8.880  1.900   -18.258 1.00   22.55 ? 26   LYS B CA  1 
ATOM   786  C C   . LYS B 2 26 ? -8.405  0.925   -19.322 1.00   21.96 ? 26   LYS B C   1 
ATOM   787  O O   . LYS B 2 26 ? -7.206  0.800   -19.559 1.00   20.11 ? 26   LYS B O   1 
ATOM   788  C CB  . LYS B 2 26 ? -8.681  3.335   -18.747 1.00   25.94 ? 26   LYS B CB  1 
ATOM   789  C CG  . LYS B 2 26 ? -9.480  3.690   -19.990 1.00   29.67 ? 26   LYS B CG  1 
ATOM   790  C CD  . LYS B 2 26 ? -9.232  5.136   -20.397 1.00   33.55 ? 26   LYS B CD  1 
ATOM   791  C CE  . LYS B 2 26 ? -9.628  6.097   -19.286 1.00   36.15 ? 26   LYS B CE  1 
ATOM   792  N NZ  . LYS B 2 26 ? -9.262  7.505   -19.609 1.00   41.01 ? 26   LYS B NZ  1 
ATOM   793  N N   . MET B 2 27 ? -9.342  0.226   -19.953 1.00   20.97 ? 27   MET B N   1 
ATOM   794  C CA  . MET B 2 27 ? -8.980  -0.736  -20.991 1.00   22.19 ? 27   MET B CA  1 
ATOM   795  C C   . MET B 2 27 ? -9.834  -0.566  -22.235 1.00   23.47 ? 27   MET B C   1 
ATOM   796  O O   . MET B 2 27 ? -11.039 -0.311  -22.151 1.00   21.15 ? 27   MET B O   1 
ATOM   797  C CB  . MET B 2 27 ? -9.121  -2.167  -20.469 1.00   21.96 ? 27   MET B CB  1 
ATOM   798  C CG  . MET B 2 27 ? -8.263  -2.468  -19.241 1.00   26.58 ? 27   MET B CG  1 
ATOM   799  S SD  . MET B 2 27 ? -8.263  -4.213  -18.787 1.00   28.33 ? 27   MET B SD  1 
ATOM   800  C CE  . MET B 2 27 ? -9.981  -4.456  -18.401 1.00   31.19 ? 27   MET B CE  1 
ATOM   801  N N   . TRP B 2 28 ? -9.201  -0.706  -23.393 1.00   25.07 ? 28   TRP B N   1 
ATOM   802  C CA  . TRP B 2 28 ? -9.913  -0.581  -24.653 1.00   26.04 ? 28   TRP B CA  1 
ATOM   803  C C   . TRP B 2 28 ? -9.149  -1.322  -25.735 1.00   26.86 ? 28   TRP B C   1 
ATOM   804  O O   . TRP B 2 28 ? -7.978  -1.662  -25.568 1.00   25.19 ? 28   TRP B O   1 
ATOM   805  C CB  . TRP B 2 28 ? -10.080 0.896   -25.026 1.00   27.56 ? 28   TRP B CB  1 
ATOM   806  C CG  . TRP B 2 28 ? -8.829  1.564   -25.503 1.00   29.76 ? 28   TRP B CG  1 
ATOM   807  C CD1 . TRP B 2 28 ? -8.383  1.645   -26.791 1.00   31.10 ? 28   TRP B CD1 1 
ATOM   808  C CD2 . TRP B 2 28 ? -7.861  2.247   -24.699 1.00   30.49 ? 28   TRP B CD2 1 
ATOM   809  N NE1 . TRP B 2 28 ? -7.201  2.341   -26.841 1.00   31.91 ? 28   TRP B NE1 1 
ATOM   810  C CE2 . TRP B 2 28 ? -6.856  2.723   -25.570 1.00   31.59 ? 28   TRP B CE2 1 
ATOM   811  C CE3 . TRP B 2 28 ? -7.746  2.507   -23.327 1.00   32.04 ? 28   TRP B CE3 1 
ATOM   812  C CZ2 . TRP B 2 28 ? -5.749  3.444   -25.114 1.00   31.37 ? 28   TRP B CZ2 1 
ATOM   813  C CZ3 . TRP B 2 28 ? -6.642  3.225   -22.872 1.00   32.94 ? 28   TRP B CZ3 1 
ATOM   814  C CH2 . TRP B 2 28 ? -5.660  3.684   -23.767 1.00   32.73 ? 28   TRP B CH2 1 
ATOM   815  N N   . CYS B 2 29 ? -9.824  -1.578  -26.844 1.00   27.13 ? 29   CYS B N   1 
ATOM   816  C CA  . CYS B 2 29 ? -9.220  -2.287  -27.958 1.00   28.76 ? 29   CYS B CA  1 
ATOM   817  C C   . CYS B 2 29 ? -8.578  -1.349  -28.971 1.00   28.68 ? 29   CYS B C   1 
ATOM   818  O O   . CYS B 2 29 ? -9.189  -0.362  -29.383 1.00   28.56 ? 29   CYS B O   1 
ATOM   819  C CB  . CYS B 2 29 ? -10.281 -3.117  -28.678 1.00   28.46 ? 29   CYS B CB  1 
ATOM   820  S SG  . CYS B 2 29 ? -10.481 -4.854  -28.167 1.00   32.62 ? 29   CYS B SG  1 
ATOM   821  N N   . ASP B 2 30 ? -7.342  -1.650  -29.361 1.00   28.98 ? 30   ASP B N   1 
ATOM   822  C CA  . ASP B 2 30 ? -6.670  -0.862  -30.385 1.00   28.82 ? 30   ASP B CA  1 
ATOM   823  C C   . ASP B 2 30 ? -6.452  -1.822  -31.558 1.00   29.24 ? 30   ASP B C   1 
ATOM   824  O O   . ASP B 2 30 ? -6.922  -2.962  -31.519 1.00   27.45 ? 30   ASP B O   1 
ATOM   825  C CB  . ASP B 2 30 ? -5.349  -0.263  -29.867 1.00   28.28 ? 30   ASP B CB  1 
ATOM   826  C CG  . ASP B 2 30 ? -4.208  -1.265  -29.801 1.00   27.02 ? 30   ASP B CG  1 
ATOM   827  O OD1 . ASP B 2 30 ? -4.434  -2.487  -29.910 1.00   29.74 ? 30   ASP B OD1 1 
ATOM   828  O OD2 . ASP B 2 30 ? -3.059  -0.810  -29.620 1.00   28.29 ? 30   ASP B OD2 1 
ATOM   829  N N   . ALA B 2 31 ? -5.755  -1.372  -32.596 1.00   29.97 ? 31   ALA B N   1 
ATOM   830  C CA  . ALA B 2 31 ? -5.523  -2.208  -33.774 1.00   30.67 ? 31   ALA B CA  1 
ATOM   831  C C   . ALA B 2 31 ? -5.016  -3.625  -33.496 1.00   31.32 ? 31   ALA B C   1 
ATOM   832  O O   . ALA B 2 31 ? -5.240  -4.527  -34.302 1.00   32.18 ? 31   ALA B O   1 
ATOM   833  C CB  . ALA B 2 31 ? -4.567  -1.497  -34.725 1.00   31.61 ? 31   ALA B CB  1 
ATOM   834  N N   . PHE B 2 32 ? -4.345  -3.833  -32.365 1.00   30.68 ? 32   PHE B N   1 
ATOM   835  C CA  . PHE B 2 32 ? -3.802  -5.156  -32.050 1.00   30.57 ? 32   PHE B CA  1 
ATOM   836  C C   . PHE B 2 32 ? -4.551  -5.977  -31.001 1.00   30.59 ? 32   PHE B C   1 
ATOM   837  O O   . PHE B 2 32 ? -3.956  -6.867  -30.391 1.00   29.15 ? 32   PHE B O   1 
ATOM   838  C CB  . PHE B 2 32 ? -2.342  -5.035  -31.599 1.00   33.19 ? 32   PHE B CB  1 
ATOM   839  C CG  . PHE B 2 32 ? -1.442  -4.379  -32.605 1.00   35.84 ? 32   PHE B CG  1 
ATOM   840  C CD1 . PHE B 2 32 ? -1.420  -2.995  -32.741 1.00   37.34 ? 32   PHE B CD1 1 
ATOM   841  C CD2 . PHE B 2 32 ? -0.622  -5.146  -33.427 1.00   37.61 ? 32   PHE B CD2 1 
ATOM   842  C CE1 . PHE B 2 32 ? -0.595  -2.384  -33.681 1.00   38.84 ? 32   PHE B CE1 1 
ATOM   843  C CE2 . PHE B 2 32 ? 0.207   -4.546  -34.371 1.00   38.81 ? 32   PHE B CE2 1 
ATOM   844  C CZ  . PHE B 2 32 ? 0.220   -3.162  -34.498 1.00   39.93 ? 32   PHE B CZ  1 
ATOM   845  N N   . CYS B 2 33 ? -5.839  -5.708  -30.796 1.00   30.14 ? 33   CYS B N   1 
ATOM   846  C CA  . CYS B 2 33 ? -6.611  -6.439  -29.786 1.00   30.78 ? 33   CYS B CA  1 
ATOM   847  C C   . CYS B 2 33 ? -6.666  -7.951  -29.950 1.00   32.03 ? 33   CYS B C   1 
ATOM   848  O O   . CYS B 2 33 ? -6.591  -8.686  -28.969 1.00   30.85 ? 33   CYS B O   1 
ATOM   849  C CB  . CYS B 2 33 ? -8.053  -5.924  -29.714 1.00   31.51 ? 33   CYS B CB  1 
ATOM   850  S SG  . CYS B 2 33 ? -8.574  -5.548  -28.008 1.00   31.59 ? 33   CYS B SG  1 
ATOM   851  N N   A SER B 2 34 ? -6.802  -8.413  -31.187 0.50   32.90 ? 34   SER B N   1 
ATOM   852  N N   B SER B 2 34 ? -6.801  -8.413  -31.189 0.50   32.86 ? 34   SER B N   1 
ATOM   853  C CA  A SER B 2 34 ? -6.886  -9.844  -31.451 0.50   33.50 ? 34   SER B CA  1 
ATOM   854  C CA  B SER B 2 34 ? -6.888  -9.846  -31.462 0.50   33.43 ? 34   SER B CA  1 
ATOM   855  C C   A SER B 2 34 ? -5.656  -10.620 -30.992 0.50   33.50 ? 34   SER B C   1 
ATOM   856  C C   B SER B 2 34 ? -5.656  -10.628 -31.012 0.50   33.47 ? 34   SER B C   1 
ATOM   857  O O   A SER B 2 34 ? -5.775  -11.735 -30.485 0.50   34.26 ? 34   SER B O   1 
ATOM   858  O O   B SER B 2 34 ? -5.774  -11.755 -30.532 0.50   34.24 ? 34   SER B O   1 
ATOM   859  C CB  A SER B 2 34 ? -7.118  -10.092 -32.943 0.50   33.82 ? 34   SER B CB  1 
ATOM   860  C CB  B SER B 2 34 ? -7.136  -10.087 -32.956 0.50   33.69 ? 34   SER B CB  1 
ATOM   861  O OG  A SER B 2 34 ? -7.255  -11.478 -33.201 0.50   34.25 ? 34   SER B OG  1 
ATOM   862  O OG  B SER B 2 34 ? -6.066  -9.598  -33.745 0.50   33.92 ? 34   SER B OG  1 
ATOM   863  N N   . SER B 2 35 ? -4.476  -10.037 -31.163 1.00   33.22 ? 35   SER B N   1 
ATOM   864  C CA  . SER B 2 35 ? -3.243  -10.712 -30.766 1.00   33.15 ? 35   SER B CA  1 
ATOM   865  C C   . SER B 2 35 ? -2.704  -10.334 -29.388 1.00   32.23 ? 35   SER B C   1 
ATOM   866  O O   . SER B 2 35 ? -2.173  -11.186 -28.679 1.00   32.87 ? 35   SER B O   1 
ATOM   867  C CB  . SER B 2 35 ? -2.149  -10.483 -31.817 1.00   33.36 ? 35   SER B CB  1 
ATOM   868  O OG  . SER B 2 35 ? -1.825  -9.109  -31.943 1.00   33.80 ? 35   SER B OG  1 
ATOM   869  N N   . ARG B 2 36 ? -2.845  -9.069  -29.001 1.00   31.87 ? 36   ARG B N   1 
ATOM   870  C CA  . ARG B 2 36 ? -2.324  -8.614  -27.710 1.00   30.23 ? 36   ARG B CA  1 
ATOM   871  C C   . ARG B 2 36 ? -3.368  -8.435  -26.613 1.00   29.92 ? 36   ARG B C   1 
ATOM   872  O O   . ARG B 2 36 ? -3.023  -8.334  -25.430 1.00   29.73 ? 36   ARG B O   1 
ATOM   873  C CB  . ARG B 2 36 ? -1.583  -7.286  -27.888 1.00   29.81 ? 36   ARG B CB  1 
ATOM   874  C CG  . ARG B 2 36 ? -0.473  -7.313  -28.917 1.00   32.38 ? 36   ARG B CG  1 
ATOM   875  C CD  . ARG B 2 36 ? 0.093   -5.920  -29.140 1.00   32.85 ? 36   ARG B CD  1 
ATOM   876  N NE  . ARG B 2 36 ? 1.066   -5.898  -30.227 1.00   35.49 ? 36   ARG B NE  1 
ATOM   877  C CZ  . ARG B 2 36 ? 1.587   -4.790  -30.745 1.00   36.44 ? 36   ARG B CZ  1 
ATOM   878  N NH1 . ARG B 2 36 ? 1.231   -3.601  -30.276 1.00   36.10 ? 36   ARG B NH1 1 
ATOM   879  N NH2 . ARG B 2 36 ? 2.462   -4.868  -31.739 1.00   37.96 ? 36   ARG B NH2 1 
ATOM   880  N N   . GLY B 2 37 ? -4.639  -8.393  -26.993 1.00   26.91 ? 37   GLY B N   1 
ATOM   881  C CA  . GLY B 2 37 ? -5.675  -8.184  -26.002 1.00   25.16 ? 37   GLY B CA  1 
ATOM   882  C C   . GLY B 2 37 ? -5.878  -6.684  -25.893 1.00   24.03 ? 37   GLY B C   1 
ATOM   883  O O   . GLY B 2 37 ? -5.323  -5.930  -26.688 1.00   22.07 ? 37   GLY B O   1 
ATOM   884  N N   . LYS B 2 38 ? -6.653  -6.243  -24.909 1.00   23.51 ? 38   LYS B N   1 
ATOM   885  C CA  . LYS B 2 38 ? -6.926  -4.821  -24.742 1.00   23.79 ? 38   LYS B CA  1 
ATOM   886  C C   . LYS B 2 38 ? -5.754  -4.021  -24.194 1.00   22.73 ? 38   LYS B C   1 
ATOM   887  O O   . LYS B 2 38 ? -4.901  -4.549  -23.474 1.00   22.00 ? 38   LYS B O   1 
ATOM   888  C CB  . LYS B 2 38 ? -8.119  -4.619  -23.806 1.00   25.36 ? 38   LYS B CB  1 
ATOM   889  C CG  . LYS B 2 38 ? -9.406  -5.270  -24.277 1.00   28.25 ? 38   LYS B CG  1 
ATOM   890  C CD  . LYS B 2 38 ? -10.529 -5.008  -23.292 1.00   31.46 ? 38   LYS B CD  1 
ATOM   891  C CE  . LYS B 2 38 ? -11.792 -5.744  -23.700 1.00   33.49 ? 38   LYS B CE  1 
ATOM   892  N NZ  . LYS B 2 38 ? -12.887 -5.550  -22.713 1.00   37.74 ? 38   LYS B NZ  1 
ATOM   893  N N   . VAL B 2 39 ? -5.723  -2.739  -24.542 1.00   21.04 ? 39   VAL B N   1 
ATOM   894  C CA  . VAL B 2 39 ? -4.692  -1.846  -24.043 1.00   20.84 ? 39   VAL B CA  1 
ATOM   895  C C   . VAL B 2 39 ? -5.030  -1.684  -22.565 1.00   20.17 ? 39   VAL B C   1 
ATOM   896  O O   . VAL B 2 39 ? -6.205  -1.701  -22.192 1.00   19.05 ? 39   VAL B O   1 
ATOM   897  C CB  . VAL B 2 39 ? -4.769  -0.462  -24.717 1.00   21.53 ? 39   VAL B CB  1 
ATOM   898  C CG1 . VAL B 2 39 ? -3.746  0.481   -24.092 1.00   21.52 ? 39   VAL B CG1 1 
ATOM   899  C CG2 . VAL B 2 39 ? -4.526  -0.594  -26.214 1.00   23.20 ? 39   VAL B CG2 1 
ATOM   900  N N   . VAL B 2 40 ? -4.010  -1.550  -21.728 1.00   18.69 ? 40   VAL B N   1 
ATOM   901  C CA  . VAL B 2 40 ? -4.217  -1.379  -20.296 1.00   20.30 ? 40   VAL B CA  1 
ATOM   902  C C   . VAL B 2 40 ? -3.516  -0.108  -19.823 1.00   19.82 ? 40   VAL B C   1 
ATOM   903  O O   . VAL B 2 40 ? -2.304  0.029   -19.976 1.00   19.48 ? 40   VAL B O   1 
ATOM   904  C CB  . VAL B 2 40 ? -3.656  -2.579  -19.492 1.00   22.58 ? 40   VAL B CB  1 
ATOM   905  C CG1 . VAL B 2 40 ? -3.873  -2.354  -17.996 1.00   22.30 ? 40   VAL B CG1 1 
ATOM   906  C CG2 . VAL B 2 40 ? -4.326  -3.872  -19.942 1.00   23.50 ? 40   VAL B CG2 1 
ATOM   907  N N   . GLU B 2 41 ? -4.297  0.815   -19.266 1.00   18.45 ? 41   GLU B N   1 
ATOM   908  C CA  . GLU B 2 41 ? -3.783  2.076   -18.742 1.00   17.91 ? 41   GLU B CA  1 
ATOM   909  C C   . GLU B 2 41 ? -4.118  2.141   -17.252 1.00   17.20 ? 41   GLU B C   1 
ATOM   910  O O   . GLU B 2 41 ? -5.277  1.991   -16.865 1.00   16.72 ? 41   GLU B O   1 
ATOM   911  C CB  . GLU B 2 41 ? -4.429  3.260   -19.466 1.00   18.46 ? 41   GLU B CB  1 
ATOM   912  C CG  . GLU B 2 41 ? -3.890  4.616   -19.028 1.00   24.45 ? 41   GLU B CG  1 
ATOM   913  C CD  . GLU B 2 41 ? -4.556  5.773   -19.754 1.00   27.68 ? 41   GLU B CD  1 
ATOM   914  O OE1 . GLU B 2 41 ? -4.542  5.776   -21.004 1.00   27.50 ? 41   GLU B OE1 1 
ATOM   915  O OE2 . GLU B 2 41 ? -5.089  6.680   -19.074 1.00   29.32 ? 41   GLU B OE2 1 
ATOM   916  N N   . LEU B 2 42 ? -3.097  2.365   -16.428 1.00   16.62 ? 42   LEU B N   1 
ATOM   917  C CA  . LEU B 2 42 ? -3.265  2.437   -14.977 1.00   15.93 ? 42   LEU B CA  1 
ATOM   918  C C   . LEU B 2 42 ? -2.700  3.746   -14.435 1.00   16.24 ? 42   LEU B C   1 
ATOM   919  O O   . LEU B 2 42 ? -1.683  4.239   -14.923 1.00   16.31 ? 42   LEU B O   1 
ATOM   920  C CB  . LEU B 2 42 ? -2.523  1.280   -14.306 1.00   15.25 ? 42   LEU B CB  1 
ATOM   921  C CG  . LEU B 2 42 ? -2.804  -0.126  -14.832 1.00   16.29 ? 42   LEU B CG  1 
ATOM   922  C CD1 . LEU B 2 42 ? -1.842  -1.113  -14.181 1.00   14.96 ? 42   LEU B CD1 1 
ATOM   923  C CD2 . LEU B 2 42 ? -4.252  -0.501  -14.553 1.00   15.59 ? 42   LEU B CD2 1 
ATOM   924  N N   . GLY B 2 43 ? -3.349  4.307   -13.422 1.00   14.97 ? 43   GLY B N   1 
ATOM   925  C CA  . GLY B 2 43 ? -2.839  5.543   -12.864 1.00   16.33 ? 43   GLY B CA  1 
ATOM   926  C C   . GLY B 2 43 ? -3.634  6.099   -11.705 1.00   16.39 ? 43   GLY B C   1 
ATOM   927  O O   . GLY B 2 43 ? -4.475  5.417   -11.119 1.00   16.59 ? 43   GLY B O   1 
ATOM   928  N N   . CYS B 2 44 ? -3.342  7.355   -11.388 1.00   17.16 ? 44   CYS B N   1 
ATOM   929  C CA  . CYS B 2 44 ? -3.995  8.091   -10.316 1.00   17.86 ? 44   CYS B CA  1 
ATOM   930  C C   . CYS B 2 44 ? -4.931  9.114   -10.953 1.00   18.33 ? 44   CYS B C   1 
ATOM   931  O O   . CYS B 2 44 ? -4.763  9.478   -12.121 1.00   18.62 ? 44   CYS B O   1 
ATOM   932  C CB  . CYS B 2 44 ? -2.962  8.866   -9.497  1.00   16.40 ? 44   CYS B CB  1 
ATOM   933  S SG  . CYS B 2 44 ? -1.679  7.919   -8.625  1.00   17.35 ? 44   CYS B SG  1 
ATOM   934  N N   . ALA B 2 45 ? -5.894  9.597   -10.174 1.00   17.61 ? 45   ALA B N   1 
ATOM   935  C CA  . ALA B 2 45 ? -6.834  10.602  -10.651 1.00   17.29 ? 45   ALA B CA  1 
ATOM   936  C C   . ALA B 2 45 ? -7.597  11.237  -9.488  1.00   18.01 ? 45   ALA B C   1 
ATOM   937  O O   . ALA B 2 45 ? -7.710  10.648  -8.412  1.00   16.02 ? 45   ALA B O   1 
ATOM   938  C CB  . ALA B 2 45 ? -7.816  9.977   -11.635 1.00   17.93 ? 45   ALA B CB  1 
ATOM   939  N N   . ALA B 2 46 ? -8.105  12.448  -9.705  1.00   17.66 ? 46   ALA B N   1 
ATOM   940  C CA  . ALA B 2 46 ? -8.883  13.143  -8.684  1.00   18.06 ? 46   ALA B CA  1 
ATOM   941  C C   . ALA B 2 46 ? -10.332 12.682  -8.820  1.00   19.10 ? 46   ALA B C   1 
ATOM   942  O O   . ALA B 2 46 ? -11.006 12.394  -7.832  1.00   17.93 ? 46   ALA B O   1 
ATOM   943  C CB  . ALA B 2 46 ? -8.794  14.647  -8.886  1.00   19.68 ? 46   ALA B CB  1 
ATOM   944  N N   . THR B 2 47 ? -10.805 12.619  -10.058 1.00   19.82 ? 47   THR B N   1 
ATOM   945  C CA  . THR B 2 47 ? -12.165 12.179  -10.328 1.00   21.92 ? 47   THR B CA  1 
ATOM   946  C C   . THR B 2 47 ? -12.095 10.986  -11.266 1.00   23.31 ? 47   THR B C   1 
ATOM   947  O O   . THR B 2 47 ? -11.165 10.868  -12.069 1.00   22.28 ? 47   THR B O   1 
ATOM   948  C CB  . THR B 2 47 ? -12.993 13.295  -10.990 1.00   24.09 ? 47   THR B CB  1 
ATOM   949  O OG1 . THR B 2 47 ? -12.386 13.662  -12.231 1.00   27.56 ? 47   THR B OG1 1 
ATOM   950  C CG2 . THR B 2 47 ? -13.056 14.519  -10.087 1.00   23.42 ? 47   THR B CG2 1 
ATOM   951  N N   . CYS B 2 48 ? -13.069 10.092  -11.162 1.00   23.83 ? 48   CYS B N   1 
ATOM   952  C CA  . CYS B 2 48 ? -13.074 8.919   -12.020 1.00   26.51 ? 48   CYS B CA  1 
ATOM   953  C C   . CYS B 2 48 ? -13.218 9.346   -13.476 1.00   27.82 ? 48   CYS B C   1 
ATOM   954  O O   . CYS B 2 48 ? -14.118 10.108  -13.820 1.00   27.36 ? 48   CYS B O   1 
ATOM   955  C CB  . CYS B 2 48 ? -14.218 7.980   -11.642 1.00   25.99 ? 48   CYS B CB  1 
ATOM   956  S SG  . CYS B 2 48 ? -14.064 6.360   -12.452 1.00   28.25 ? 48   CYS B SG  1 
ATOM   957  N N   . PRO B 2 49 ? -12.315 8.868   -14.346 1.00   30.52 ? 49   PRO B N   1 
ATOM   958  C CA  . PRO B 2 49 ? -12.311 9.179   -15.779 1.00   34.47 ? 49   PRO B CA  1 
ATOM   959  C C   . PRO B 2 49 ? -13.624 8.823   -16.468 1.00   36.82 ? 49   PRO B C   1 
ATOM   960  O O   . PRO B 2 49 ? -14.234 7.797   -16.167 1.00   36.91 ? 49   PRO B O   1 
ATOM   961  C CB  . PRO B 2 49 ? -11.149 8.342   -16.306 1.00   33.29 ? 49   PRO B CB  1 
ATOM   962  C CG  . PRO B 2 49 ? -10.206 8.322   -15.148 1.00   34.57 ? 49   PRO B CG  1 
ATOM   963  C CD  . PRO B 2 49 ? -11.135 8.060   -13.988 1.00   32.64 ? 49   PRO B CD  1 
ATOM   964  N N   . SER B 2 50 ? -14.056 9.677   -17.392 1.00   40.79 ? 50   SER B N   1 
ATOM   965  C CA  . SER B 2 50 ? -15.291 9.441   -18.135 1.00   43.66 ? 50   SER B CA  1 
ATOM   966  C C   . SER B 2 50 ? -15.108 8.208   -19.012 1.00   44.45 ? 50   SER B C   1 
ATOM   967  O O   . SER B 2 50 ? -14.091 8.068   -19.692 1.00   45.17 ? 50   SER B O   1 
ATOM   968  C CB  . SER B 2 50 ? -15.624 10.650  -19.013 1.00   45.49 ? 50   SER B CB  1 
ATOM   969  O OG  . SER B 2 50 ? -14.593 10.896  -19.957 1.00   47.78 ? 50   SER B OG  1 
ATOM   970  N N   . LYS B 2 51 ? -16.089 7.312   -18.991 1.00   45.86 ? 51   LYS B N   1 
ATOM   971  C CA  . LYS B 2 51 ? -16.023 6.087   -19.779 1.00   46.70 ? 51   LYS B CA  1 
ATOM   972  C C   . LYS B 2 51 ? -16.866 6.150   -21.045 1.00   47.66 ? 51   LYS B C   1 
ATOM   973  O O   . LYS B 2 51 ? -18.084 6.321   -20.982 1.00   47.48 ? 51   LYS B O   1 
ATOM   974  C CB  . LYS B 2 51 ? -16.484 4.890   -18.941 1.00   47.40 ? 51   LYS B CB  1 
ATOM   975  C CG  . LYS B 2 51 ? -16.775 3.642   -19.768 1.00   48.53 ? 51   LYS B CG  1 
ATOM   976  C CD  . LYS B 2 51 ? -17.442 2.550   -18.947 1.00   48.86 ? 51   LYS B CD  1 
ATOM   977  C CE  . LYS B 2 51 ? -17.939 1.423   -19.844 1.00   49.46 ? 51   LYS B CE  1 
ATOM   978  N NZ  . LYS B 2 51 ? -18.541 0.296   -19.079 1.00   49.46 ? 51   LYS B NZ  1 
ATOM   979  N N   . LYS B 2 52 ? -16.213 6.005   -22.194 1.00   47.87 ? 52   LYS B N   1 
ATOM   980  C CA  . LYS B 2 52 ? -16.915 6.013   -23.469 1.00   47.93 ? 52   LYS B CA  1 
ATOM   981  C C   . LYS B 2 52 ? -17.531 4.630   -23.672 1.00   46.48 ? 52   LYS B C   1 
ATOM   982  O O   . LYS B 2 52 ? -17.153 3.672   -22.997 1.00   46.21 ? 52   LYS B O   1 
ATOM   983  C CB  . LYS B 2 52 ? -15.948 6.336   -24.610 1.00   50.23 ? 52   LYS B CB  1 
ATOM   984  C CG  . LYS B 2 52 ? -15.369 7.741   -24.549 1.00   52.72 ? 52   LYS B CG  1 
ATOM   985  C CD  . LYS B 2 52 ? -14.521 8.041   -25.774 1.00   54.52 ? 52   LYS B CD  1 
ATOM   986  C CE  . LYS B 2 52 ? -13.990 9.465   -25.746 1.00   56.42 ? 52   LYS B CE  1 
ATOM   987  N NZ  . LYS B 2 52 ? -13.202 9.786   -26.971 1.00   57.66 ? 52   LYS B NZ  1 
ATOM   988  N N   . PRO B 2 53 ? -18.491 4.510   -24.602 1.00   45.22 ? 53   PRO B N   1 
ATOM   989  C CA  . PRO B 2 53 ? -19.162 3.239   -24.889 1.00   44.51 ? 53   PRO B CA  1 
ATOM   990  C C   . PRO B 2 53 ? -18.233 2.051   -25.141 1.00   43.39 ? 53   PRO B C   1 
ATOM   991  O O   . PRO B 2 53 ? -18.511 0.935   -24.701 1.00   42.61 ? 53   PRO B O   1 
ATOM   992  C CB  . PRO B 2 53 ? -20.013 3.573   -26.110 1.00   45.07 ? 53   PRO B CB  1 
ATOM   993  C CG  . PRO B 2 53 ? -20.376 5.003   -25.865 1.00   45.37 ? 53   PRO B CG  1 
ATOM   994  C CD  . PRO B 2 53 ? -19.058 5.593   -25.426 1.00   44.97 ? 53   PRO B CD  1 
ATOM   995  N N   . TYR B 2 54 ? -17.132 2.287   -25.845 1.00   42.87 ? 54   TYR B N   1 
ATOM   996  C CA  . TYR B 2 54 ? -16.196 1.212   -26.155 1.00   42.82 ? 54   TYR B CA  1 
ATOM   997  C C   . TYR B 2 54 ? -15.122 0.995   -25.095 1.00   42.29 ? 54   TYR B C   1 
ATOM   998  O O   . TYR B 2 54 ? -14.431 -0.026  -25.105 1.00   41.61 ? 54   TYR B O   1 
ATOM   999  C CB  . TYR B 2 54 ? -15.521 1.469   -27.506 1.00   43.65 ? 54   TYR B CB  1 
ATOM   1000 C CG  . TYR B 2 54 ? -14.796 2.793   -27.592 1.00   44.95 ? 54   TYR B CG  1 
ATOM   1001 C CD1 . TYR B 2 54 ? -15.487 3.973   -27.861 1.00   45.86 ? 54   TYR B CD1 1 
ATOM   1002 C CD2 . TYR B 2 54 ? -13.417 2.867   -27.398 1.00   46.52 ? 54   TYR B CD2 1 
ATOM   1003 C CE1 . TYR B 2 54 ? -14.823 5.196   -27.936 1.00   46.44 ? 54   TYR B CE1 1 
ATOM   1004 C CE2 . TYR B 2 54 ? -12.743 4.085   -27.468 1.00   47.21 ? 54   TYR B CE2 1 
ATOM   1005 C CZ  . TYR B 2 54 ? -13.453 5.243   -27.738 1.00   47.02 ? 54   TYR B CZ  1 
ATOM   1006 O OH  . TYR B 2 54 ? -12.790 6.447   -27.817 1.00   48.10 ? 54   TYR B OH  1 
ATOM   1007 N N   . GLU B 2 55 ? -14.979 1.947   -24.177 1.00   40.30 ? 55   GLU B N   1 
ATOM   1008 C CA  . GLU B 2 55 ? -13.967 1.820   -23.135 1.00   39.33 ? 55   GLU B CA  1 
ATOM   1009 C C   . GLU B 2 55 ? -14.481 1.143   -21.875 1.00   37.39 ? 55   GLU B C   1 
ATOM   1010 O O   . GLU B 2 55 ? -15.685 1.051   -21.644 1.00   38.19 ? 55   GLU B O   1 
ATOM   1011 C CB  . GLU B 2 55 ? -13.408 3.194   -22.757 1.00   40.27 ? 55   GLU B CB  1 
ATOM   1012 C CG  . GLU B 2 55 ? -12.860 3.990   -23.919 1.00   44.17 ? 55   GLU B CG  1 
ATOM   1013 C CD  . GLU B 2 55 ? -12.253 5.305   -23.478 1.00   45.61 ? 55   GLU B CD  1 
ATOM   1014 O OE1 . GLU B 2 55 ? -12.920 6.043   -22.723 1.00   47.37 ? 55   GLU B OE1 1 
ATOM   1015 O OE2 . GLU B 2 55 ? -11.113 5.600   -23.887 1.00   47.87 ? 55   GLU B OE2 1 
ATOM   1016 N N   A GLU B 2 56 ? -13.547 0.666   -21.063 0.50   36.11 ? 56   GLU B N   1 
ATOM   1017 N N   B GLU B 2 56 ? -13.549 0.662   -21.063 0.50   35.88 ? 56   GLU B N   1 
ATOM   1018 C CA  A GLU B 2 56 ? -13.869 0.003   -19.808 0.50   35.15 ? 56   GLU B CA  1 
ATOM   1019 C CA  B GLU B 2 56 ? -13.875 0.010   -19.802 0.50   34.75 ? 56   GLU B CA  1 
ATOM   1020 C C   A GLU B 2 56 ? -13.068 0.697   -18.711 0.50   33.72 ? 56   GLU B C   1 
ATOM   1021 C C   B GLU B 2 56 ? -13.070 0.700   -18.711 0.50   33.46 ? 56   GLU B C   1 
ATOM   1022 O O   A GLU B 2 56 ? -11.843 0.777   -18.789 0.50   32.16 ? 56   GLU B O   1 
ATOM   1023 O O   B GLU B 2 56 ? -11.844 0.778   -18.792 0.50   31.90 ? 56   GLU B O   1 
ATOM   1024 C CB  A GLU B 2 56 ? -13.486 -1.476  -19.882 0.50   36.67 ? 56   GLU B CB  1 
ATOM   1025 C CB  B GLU B 2 56 ? -13.521 -1.477  -19.854 0.50   35.80 ? 56   GLU B CB  1 
ATOM   1026 C CG  A GLU B 2 56 ? -13.776 -2.260  -18.616 0.50   39.59 ? 56   GLU B CG  1 
ATOM   1027 C CG  B GLU B 2 56 ? -14.459 -2.306  -20.712 0.50   38.10 ? 56   GLU B CG  1 
ATOM   1028 C CD  A GLU B 2 56 ? -13.329 -3.706  -18.713 0.50   41.80 ? 56   GLU B CD  1 
ATOM   1029 C CD  B GLU B 2 56 ? -14.067 -3.767  -20.757 0.50   39.58 ? 56   GLU B CD  1 
ATOM   1030 O OE1 A GLU B 2 56 ? -13.467 -4.442  -17.713 0.50   44.17 ? 56   GLU B OE1 1 
ATOM   1031 O OE1 B GLU B 2 56 ? -14.846 -4.574  -21.306 0.50   41.49 ? 56   GLU B OE1 1 
ATOM   1032 O OE2 A GLU B 2 56 ? -12.839 -4.107  -19.790 0.50   43.90 ? 56   GLU B OE2 1 
ATOM   1033 O OE2 B GLU B 2 56 ? -12.980 -4.111  -20.247 0.50   41.84 ? 56   GLU B OE2 1 
ATOM   1034 N N   . VAL B 2 57 ? -13.763 1.208   -17.698 1.00   32.56 ? 57   VAL B N   1 
ATOM   1035 C CA  . VAL B 2 57 ? -13.100 1.905   -16.604 1.00   30.97 ? 57   VAL B CA  1 
ATOM   1036 C C   . VAL B 2 57 ? -13.523 1.461   -15.212 1.00   29.77 ? 57   VAL B C   1 
ATOM   1037 O O   . VAL B 2 57 ? -14.702 1.234   -14.940 1.00   28.19 ? 57   VAL B O   1 
ATOM   1038 C CB  . VAL B 2 57 ? -13.326 3.427   -16.707 1.00   30.98 ? 57   VAL B CB  1 
ATOM   1039 C CG1 . VAL B 2 57 ? -12.665 4.135   -15.532 1.00   32.01 ? 57   VAL B CG1 1 
ATOM   1040 C CG2 . VAL B 2 57 ? -12.765 3.945   -18.025 1.00   31.79 ? 57   VAL B CG2 1 
ATOM   1041 N N   . THR B 2 58 ? -12.535 1.345   -14.334 1.00   26.33 ? 58   THR B N   1 
ATOM   1042 C CA  . THR B 2 58 ? -12.763 0.959   -12.954 1.00   25.85 ? 58   THR B CA  1 
ATOM   1043 C C   . THR B 2 58 ? -11.984 1.925   -12.075 1.00   24.78 ? 58   THR B C   1 
ATOM   1044 O O   . THR B 2 58 ? -10.791 2.138   -12.285 1.00   22.60 ? 58   THR B O   1 
ATOM   1045 C CB  . THR B 2 58 ? -12.257 -0.472  -12.673 1.00   27.39 ? 58   THR B CB  1 
ATOM   1046 O OG1 . THR B 2 58 ? -13.040 -1.411  -13.418 1.00   31.30 ? 58   THR B OG1 1 
ATOM   1047 C CG2 . THR B 2 58 ? -12.365 -0.795  -11.191 1.00   29.18 ? 58   THR B CG2 1 
ATOM   1048 N N   . CYS B 2 59 ? -12.668 2.527   -11.111 1.00   23.61 ? 59   CYS B N   1 
ATOM   1049 C CA  . CYS B 2 59 ? -12.026 3.444   -10.187 1.00   23.23 ? 59   CYS B CA  1 
ATOM   1050 C C   . CYS B 2 59 ? -12.216 2.887   -8.796  1.00   22.21 ? 59   CYS B C   1 
ATOM   1051 O O   . CYS B 2 59 ? -13.325 2.516   -8.409  1.00   20.48 ? 59   CYS B O   1 
ATOM   1052 C CB  . CYS B 2 59 ? -12.638 4.838   -10.270 1.00   25.23 ? 59   CYS B CB  1 
ATOM   1053 S SG  . CYS B 2 59 ? -12.251 5.707   -11.814 1.00   26.66 ? 59   CYS B SG  1 
ATOM   1054 N N   . CYS B 2 60 ? -11.121 2.820   -8.053  1.00   20.43 ? 60   CYS B N   1 
ATOM   1055 C CA  . CYS B 2 60 ? -11.147 2.288   -6.702  1.00   20.47 ? 60   CYS B CA  1 
ATOM   1056 C C   . CYS B 2 60 ? -10.327 3.201   -5.793  1.00   20.22 ? 60   CYS B C   1 
ATOM   1057 O O   . CYS B 2 60 ? -9.581  4.057   -6.278  1.00   19.10 ? 60   CYS B O   1 
ATOM   1058 C CB  . CYS B 2 60 ? -10.602 0.864   -6.716  1.00   21.15 ? 60   CYS B CB  1 
ATOM   1059 S SG  . CYS B 2 60 ? -8.994  0.696   -7.555  1.00   24.31 ? 60   CYS B SG  1 
ATOM   1060 N N   . SER B 2 61 ? -10.457 3.023   -4.481  1.00   18.74 ? 61   SER B N   1 
ATOM   1061 C CA  . SER B 2 61 ? -9.766  3.907   -3.552  1.00   18.97 ? 61   SER B CA  1 
ATOM   1062 C C   . SER B 2 61 ? -8.916  3.304   -2.436  1.00   18.98 ? 61   SER B C   1 
ATOM   1063 O O   . SER B 2 61 ? -8.779  3.905   -1.365  1.00   19.17 ? 61   SER B O   1 
ATOM   1064 C CB  . SER B 2 61 ? -10.788 4.875   -2.943  1.00   19.03 ? 61   SER B CB  1 
ATOM   1065 O OG  . SER B 2 61 ? -11.871 4.172   -2.362  1.00   19.78 ? 61   SER B OG  1 
ATOM   1066 N N   . THR B 2 62 ? -8.352  2.125   -2.669  1.00   17.41 ? 62   THR B N   1 
ATOM   1067 C CA  . THR B 2 62 ? -7.473  1.517   -1.681  1.00   18.70 ? 62   THR B CA  1 
ATOM   1068 C C   . THR B 2 62 ? -6.139  1.252   -2.374  1.00   17.78 ? 62   THR B C   1 
ATOM   1069 O O   . THR B 2 62 ? -6.100  1.066   -3.587  1.00   18.88 ? 62   THR B O   1 
ATOM   1070 C CB  . THR B 2 62 ? -8.070  0.209   -1.096  1.00   19.91 ? 62   THR B CB  1 
ATOM   1071 O OG1 . THR B 2 62 ? -8.494  -0.652  -2.158  1.00   21.30 ? 62   THR B OG1 1 
ATOM   1072 C CG2 . THR B 2 62 ? -9.261  0.535   -0.193  1.00   20.90 ? 62   THR B CG2 1 
ATOM   1073 N N   . ASP B 2 63 ? -5.047  1.252   -1.617  1.00   17.79 ? 63   ASP B N   1 
ATOM   1074 C CA  . ASP B 2 63 ? -3.726  1.041   -2.202  1.00   19.01 ? 63   ASP B CA  1 
ATOM   1075 C C   . ASP B 2 63 ? -3.623  -0.159  -3.138  1.00   20.56 ? 63   ASP B C   1 
ATOM   1076 O O   . ASP B 2 63 ? -4.097  -1.256  -2.827  1.00   19.36 ? 63   ASP B O   1 
ATOM   1077 C CB  . ASP B 2 63 ? -2.658  0.907   -1.110  1.00   21.37 ? 63   ASP B CB  1 
ATOM   1078 C CG  . ASP B 2 63 ? -2.474  2.182   -0.302  1.00   21.93 ? 63   ASP B CG  1 
ATOM   1079 O OD1 . ASP B 2 63 ? -2.820  3.280   -0.795  1.00   18.90 ? 63   ASP B OD1 1 
ATOM   1080 O OD2 . ASP B 2 63 ? -1.962  2.086   0.831   1.00   25.56 ? 63   ASP B OD2 1 
ATOM   1081 N N   . LYS B 2 64 ? -3.000  0.075   -4.292  1.00   18.41 ? 64   LYS B N   1 
ATOM   1082 C CA  . LYS B 2 64 ? -2.776  -0.949  -5.307  1.00   18.07 ? 64   LYS B CA  1 
ATOM   1083 C C   . LYS B 2 64 ? -4.028  -1.708  -5.728  1.00   18.09 ? 64   LYS B C   1 
ATOM   1084 O O   . LYS B 2 64 ? -3.967  -2.884  -6.091  1.00   17.54 ? 64   LYS B O   1 
ATOM   1085 C CB  . LYS B 2 64 ? -1.698  -1.919  -4.815  1.00   20.58 ? 64   LYS B CB  1 
ATOM   1086 C CG  . LYS B 2 64 ? -0.356  -1.227  -4.569  1.00   23.28 ? 64   LYS B CG  1 
ATOM   1087 C CD  . LYS B 2 64 ? 0.751   -2.195  -4.200  1.00   27.32 ? 64   LYS B CD  1 
ATOM   1088 C CE  . LYS B 2 64 ? 0.609   -2.698  -2.783  1.00   30.32 ? 64   LYS B CE  1 
ATOM   1089 N NZ  . LYS B 2 64 ? 1.734   -3.610  -2.427  1.00   35.40 ? 64   LYS B NZ  1 
ATOM   1090 N N   . CYS B 2 65 ? -5.161  -1.022  -5.712  1.00   15.93 ? 65   CYS B N   1 
ATOM   1091 C CA  . CYS B 2 65 ? -6.426  -1.642  -6.074  1.00   17.25 ? 65   CYS B CA  1 
ATOM   1092 C C   . CYS B 2 65 ? -6.684  -1.713  -7.578  1.00   17.36 ? 65   CYS B C   1 
ATOM   1093 O O   . CYS B 2 65 ? -7.681  -2.292  -8.005  1.00   18.27 ? 65   CYS B O   1 
ATOM   1094 C CB  . CYS B 2 65 ? -7.569  -0.876  -5.415  1.00   18.91 ? 65   CYS B CB  1 
ATOM   1095 S SG  . CYS B 2 65 ? -7.711  0.845   -5.996  1.00   18.83 ? 65   CYS B SG  1 
ATOM   1096 N N   . ASN B 2 66 ? -5.784  -1.142  -8.374  1.00   16.84 ? 66   ASN B N   1 
ATOM   1097 C CA  . ASN B 2 66 ? -5.938  -1.108  -9.828  1.00   16.86 ? 66   ASN B CA  1 
ATOM   1098 C C   . ASN B 2 66 ? -4.814  -1.843  -10.558 1.00   17.72 ? 66   ASN B C   1 
ATOM   1099 O O   . ASN B 2 66 ? -4.141  -1.269  -11.419 1.00   16.96 ? 66   ASN B O   1 
ATOM   1100 C CB  . ASN B 2 66 ? -5.960  0.351   -10.284 1.00   15.62 ? 66   ASN B CB  1 
ATOM   1101 C CG  . ASN B 2 66 ? -4.614  1.039   -10.095 1.00   15.97 ? 66   ASN B CG  1 
ATOM   1102 O OD1 . ASN B 2 66 ? -3.893  0.771   -9.129  1.00   15.43 ? 66   ASN B OD1 1 
ATOM   1103 N ND2 . ASN B 2 66 ? -4.278  1.938   -11.008 1.00   12.24 ? 66   ASN B ND2 1 
ATOM   1104 N N   . PRO B 2 67 ? -4.615  -3.133  -10.254 1.00   19.16 ? 67   PRO B N   1 
ATOM   1105 C CA  . PRO B 2 67 ? -3.544  -3.882  -10.915 1.00   19.83 ? 67   PRO B CA  1 
ATOM   1106 C C   . PRO B 2 67 ? -3.790  -4.240  -12.370 1.00   20.25 ? 67   PRO B C   1 
ATOM   1107 O O   . PRO B 2 67 ? -4.926  -4.252  -12.853 1.00   19.96 ? 67   PRO B O   1 
ATOM   1108 C CB  . PRO B 2 67 ? -3.434  -5.131  -10.055 1.00   20.30 ? 67   PRO B CB  1 
ATOM   1109 C CG  . PRO B 2 67 ? -4.872  -5.404  -9.744  1.00   21.26 ? 67   PRO B CG  1 
ATOM   1110 C CD  . PRO B 2 67 ? -5.388  -4.016  -9.359  1.00   19.75 ? 67   PRO B CD  1 
ATOM   1111 N N   . HIS B 2 68 ? -2.698  -4.525  -13.065 1.00   21.07 ? 68   HIS B N   1 
ATOM   1112 C CA  . HIS B 2 68 ? -2.760  -4.959  -14.451 1.00   22.74 ? 68   HIS B CA  1 
ATOM   1113 C C   . HIS B 2 68 ? -3.391  -6.353  -14.342 1.00   24.24 ? 68   HIS B C   1 
ATOM   1114 O O   . HIS B 2 68 ? -3.203  -7.041  -13.336 1.00   21.93 ? 68   HIS B O   1 
ATOM   1115 C CB  . HIS B 2 68 ? -1.344  -5.060  -15.017 1.00   22.85 ? 68   HIS B CB  1 
ATOM   1116 C CG  . HIS B 2 68 ? -1.270  -5.688  -16.372 1.00   23.05 ? 68   HIS B CG  1 
ATOM   1117 N ND1 . HIS B 2 68 ? -1.441  -7.040  -16.578 1.00   24.34 ? 68   HIS B ND1 1 
ATOM   1118 C CD2 . HIS B 2 68 ? -1.062  -5.145  -17.595 1.00   22.09 ? 68   HIS B CD2 1 
ATOM   1119 C CE1 . HIS B 2 68 ? -1.347  -7.302  -17.870 1.00   18.96 ? 68   HIS B CE1 1 
ATOM   1120 N NE2 . HIS B 2 68 ? -1.117  -6.170  -18.508 1.00   24.31 ? 68   HIS B NE2 1 
ATOM   1121 N N   . PRO B 2 69 ? -4.155  -6.778  -15.358 1.00   25.53 ? 69   PRO B N   1 
ATOM   1122 C CA  . PRO B 2 69 ? -4.804  -8.095  -15.349 1.00   28.51 ? 69   PRO B CA  1 
ATOM   1123 C C   . PRO B 2 69 ? -3.903  -9.272  -14.963 1.00   30.86 ? 69   PRO B C   1 
ATOM   1124 O O   . PRO B 2 69 ? -4.377  -10.254 -14.395 1.00   31.25 ? 69   PRO B O   1 
ATOM   1125 C CB  . PRO B 2 69 ? -5.336  -8.219  -16.773 1.00   28.04 ? 69   PRO B CB  1 
ATOM   1126 C CG  . PRO B 2 69 ? -5.726  -6.811  -17.086 1.00   27.89 ? 69   PRO B CG  1 
ATOM   1127 C CD  . PRO B 2 69 ? -4.548  -6.013  -16.558 1.00   26.18 ? 69   PRO B CD  1 
ATOM   1128 N N   . LYS B 2 70 ? -2.613  -9.175  -15.272 1.00   33.18 ? 70   LYS B N   1 
ATOM   1129 C CA  . LYS B 2 70 ? -1.668  -10.243 -14.952 1.00   38.75 ? 70   LYS B CA  1 
ATOM   1130 C C   . LYS B 2 70 ? -1.214  -10.183 -13.494 1.00   41.67 ? 70   LYS B C   1 
ATOM   1131 O O   . LYS B 2 70 ? -0.208  -10.790 -13.125 1.00   42.76 ? 70   LYS B O   1 
ATOM   1132 C CB  . LYS B 2 70 ? -0.438  -10.158 -15.862 1.00   39.63 ? 70   LYS B CB  1 
ATOM   1133 C CG  . LYS B 2 70 ? -0.723  -10.239 -17.360 1.00   42.13 ? 70   LYS B CG  1 
ATOM   1134 C CD  . LYS B 2 70 ? -0.944  -11.664 -17.852 1.00   44.92 ? 70   LYS B CD  1 
ATOM   1135 C CE  . LYS B 2 70 ? -2.268  -12.245 -17.383 1.00   45.85 ? 70   LYS B CE  1 
ATOM   1136 N NZ  . LYS B 2 70 ? -2.497  -13.606 -17.948 1.00   48.49 ? 70   LYS B NZ  1 
ATOM   1137 N N   A GLN B 2 71 ? -1.960  -9.451  -12.673 0.50   42.58 ? 71   GLN B N   1 
ATOM   1138 N N   B GLN B 2 71 ? -1.958  -9.449  -12.672 0.50   42.78 ? 71   GLN B N   1 
ATOM   1139 C CA  A GLN B 2 71 ? -1.635  -9.312  -11.258 0.50   43.59 ? 71   GLN B CA  1 
ATOM   1140 C CA  B GLN B 2 71 ? -1.631  -9.311  -11.257 0.50   43.93 ? 71   GLN B CA  1 
ATOM   1141 C C   A GLN B 2 71 ? -2.899  -9.190  -10.415 0.50   44.04 ? 71   GLN B C   1 
ATOM   1142 C C   B GLN B 2 71 ? -2.891  -9.167  -10.410 0.50   44.26 ? 71   GLN B C   1 
ATOM   1143 O O   A GLN B 2 71 ? -3.962  -8.830  -10.921 0.50   43.65 ? 71   GLN B O   1 
ATOM   1144 O O   B GLN B 2 71 ? -3.946  -8.773  -10.910 0.50   43.82 ? 71   GLN B O   1 
ATOM   1145 C CB  A GLN B 2 71 ? -0.764  -8.075  -11.033 0.50   43.90 ? 71   GLN B CB  1 
ATOM   1146 C CB  B GLN B 2 71 ? -0.726  -8.097  -11.041 0.50   44.69 ? 71   GLN B CB  1 
ATOM   1147 C CG  A GLN B 2 71 ? 0.574   -8.099  -11.747 0.50   44.30 ? 71   GLN B CG  1 
ATOM   1148 C CG  B GLN B 2 71 ? 0.663   -8.242  -11.640 0.50   45.65 ? 71   GLN B CG  1 
ATOM   1149 C CD  A GLN B 2 71 ? 1.384   -6.844  -11.493 0.50   44.61 ? 71   GLN B CD  1 
ATOM   1150 C CD  B GLN B 2 71 ? 1.483   -9.320  -10.954 0.50   46.84 ? 71   GLN B CD  1 
ATOM   1151 O OE1 A GLN B 2 71 ? 1.664   -6.495  -10.347 0.50   45.10 ? 71   GLN B OE1 1 
ATOM   1152 O OE1 B GLN B 2 71 ? 1.057   -10.472 -10.854 0.50   46.95 ? 71   GLN B OE1 1 
ATOM   1153 N NE2 A GLN B 2 71 ? 1.763   -6.157  -12.564 0.50   45.19 ? 71   GLN B NE2 1 
ATOM   1154 N NE2 B GLN B 2 71 ? 2.668   -8.951  -10.480 0.50   46.62 ? 71   GLN B NE2 1 
ATOM   1155 N N   . ARG B 2 72 ? -2.731  -9.463  -9.155  1.00   44.25 ? 72   ARG B N   1 
ATOM   1156 C CA  . ARG B 2 72 ? -3.848  -9.373  -8.224  1.00   45.62 ? 72   ARG B CA  1 
ATOM   1157 C C   . ARG B 2 72 ? -3.783  -8.051  -7.466  1.00   45.17 ? 72   ARG B C   1 
ATOM   1158 O O   . ARG B 2 72 ? -2.701  -7.501  -7.254  1.00   44.27 ? 72   ARG B O   1 
ATOM   1159 C CB  . ARG B 2 72 ? -3.805  -10.543 -7.240  1.00   47.66 ? 72   ARG B CB  1 
ATOM   1160 C CG  . ARG B 2 72 ? -3.977  -11.900 -7.901  1.00   50.67 ? 72   ARG B CG  1 
ATOM   1161 C CD  . ARG B 2 72 ? -3.817  -13.026 -6.901  1.00   51.92 ? 72   ARG B CD  1 
ATOM   1162 N NE  . ARG B 2 72 ? -4.021  -14.334 -7.520  1.00   54.59 ? 72   ARG B NE  1 
ATOM   1163 C CZ  . ARG B 2 72 ? -3.887  -15.491 -6.877  1.00   54.72 ? 72   ARG B CZ  1 
ATOM   1164 N NH1 . ARG B 2 72 ? -3.544  -15.497 -5.596  1.00   53.95 ? 72   ARG B NH1 1 
ATOM   1165 N NH2 . ARG B 2 72 ? -4.104  -16.639 -7.510  1.00   53.81 ? 72   ARG B NH2 1 
ATOM   1166 N N   . PRO B 2 73 ? -4.971  -7.533  -7.027  1.00   45.95 ? 73   PRO B N   1 
ATOM   1167 C CA  . PRO B 2 73 ? -4.996  -6.261  -6.299  1.00   46.16 ? 73   PRO B CA  1 
ATOM   1168 C C   . PRO B 2 73 ? -4.409  -6.395  -4.898  1.00   46.14 ? 73   PRO B C   1 
ATOM   1169 O O   . PRO B 2 73 ? -4.179  -7.506  -4.420  1.00   46.27 ? 73   PRO B O   1 
ATOM   1170 C CB  . PRO B 2 73 ? -6.482  -5.913  -6.276  1.00   46.54 ? 73   PRO B CB  1 
ATOM   1171 C CG  . PRO B 2 73 ? -7.125  -7.264  -6.179  1.00   46.47 ? 73   PRO B CG  1 
ATOM   1172 C CD  . PRO B 2 73 ? -6.333  -8.074  -7.187  1.00   46.59 ? 73   PRO B CD  1 
ATOM   1173 N N   . GLY B 2 74 ? -4.159  -5.263  -4.246  1.00   46.26 ? 74   GLY B N   1 
ATOM   1174 C CA  . GLY B 2 74 ? -3.608  -5.305  -2.905  1.00   46.23 ? 74   GLY B CA  1 
ATOM   1175 C C   . GLY B 2 74 ? -2.097  -5.202  -2.871  1.00   46.76 ? 74   GLY B C   1 
ATOM   1176 O O   . GLY B 2 74 ? -1.567  -4.609  -1.908  1.00   47.55 ? 74   GLY B O   1 
ATOM   1177 O OXT . GLY B 2 74 ? -1.439  -5.733  -3.792  1.00   47.18 ? 74   GLY B OXT 1 
ATOM   1178 N N   . TRP C 3 1  ? 11.805  8.148   7.315   1.00   24.62 ? 1    TRP C N   1 
ATOM   1179 C CA  . TRP C 3 1  ? 12.639  7.440   8.322   1.00   24.42 ? 1    TRP C CA  1 
ATOM   1180 C C   . TRP C 3 1  ? 12.087  6.050   8.618   1.00   24.03 ? 1    TRP C C   1 
ATOM   1181 O O   . TRP C 3 1  ? 10.973  5.705   8.225   1.00   23.78 ? 1    TRP C O   1 
ATOM   1182 C CB  . TRP C 3 1  ? 12.709  8.256   9.617   1.00   24.62 ? 1    TRP C CB  1 
ATOM   1183 C CG  . TRP C 3 1  ? 11.371  8.764   10.080  1.00   25.08 ? 1    TRP C CG  1 
ATOM   1184 C CD1 . TRP C 3 1  ? 10.309  8.019   10.512  1.00   24.12 ? 1    TRP C CD1 1 
ATOM   1185 C CD2 . TRP C 3 1  ? 10.946  10.132  10.122  1.00   23.57 ? 1    TRP C CD2 1 
ATOM   1186 N NE1 . TRP C 3 1  ? 9.245   8.843   10.818  1.00   23.39 ? 1    TRP C NE1 1 
ATOM   1187 C CE2 . TRP C 3 1  ? 9.611   10.144  10.586  1.00   23.18 ? 1    TRP C CE2 1 
ATOM   1188 C CE3 . TRP C 3 1  ? 11.564  11.352  9.812   1.00   24.48 ? 1    TRP C CE3 1 
ATOM   1189 C CZ2 . TRP C 3 1  ? 8.883   11.326  10.746  1.00   23.32 ? 1    TRP C CZ2 1 
ATOM   1190 C CZ3 . TRP C 3 1  ? 10.840  12.531  9.973   1.00   23.37 ? 1    TRP C CZ3 1 
ATOM   1191 C CH2 . TRP C 3 1  ? 9.512   12.506  10.435  1.00   23.93 ? 1    TRP C CH2 1 
ATOM   1192 N N   . ARG C 3 2  ? 12.880  5.258   9.322   1.00   23.90 ? 2    ARG C N   1 
ATOM   1193 C CA  . ARG C 3 2  ? 12.487  3.903   9.666   1.00   23.97 ? 2    ARG C CA  1 
ATOM   1194 C C   . ARG C 3 2  ? 12.915  3.605   11.091  1.00   20.93 ? 2    ARG C C   1 
ATOM   1195 O O   . ARG C 3 2  ? 14.015  3.977   11.506  1.00   20.92 ? 2    ARG C O   1 
ATOM   1196 C CB  . ARG C 3 2  ? 13.141  2.914   8.695   1.00   26.13 ? 2    ARG C CB  1 
ATOM   1197 C CG  . ARG C 3 2  ? 13.074  1.461   9.140   1.00   31.28 ? 2    ARG C CG  1 
ATOM   1198 C CD  . ARG C 3 2  ? 13.517  0.506   8.034   1.00   34.51 ? 2    ARG C CD  1 
ATOM   1199 N NE  . ARG C 3 2  ? 12.566  0.488   6.925   1.00   38.39 ? 2    ARG C NE  1 
ATOM   1200 C CZ  . ARG C 3 2  ? 12.555  -0.424  5.958   1.00   40.34 ? 2    ARG C CZ  1 
ATOM   1201 N NH1 . ARG C 3 2  ? 13.448  -1.408  5.952   1.00   37.44 ? 2    ARG C NH1 1 
ATOM   1202 N NH2 . ARG C 3 2  ? 11.639  -0.357  5.000   1.00   40.20 ? 2    ARG C NH2 1 
ATOM   1203 N N   . TYR C 3 3  ? 12.041  2.949   11.844  1.00   18.22 ? 3    TYR C N   1 
ATOM   1204 C CA  . TYR C 3 3  ? 12.356  2.595   13.220  1.00   15.89 ? 3    TYR C CA  1 
ATOM   1205 C C   . TYR C 3 3  ? 12.732  1.121   13.336  1.00   15.13 ? 3    TYR C C   1 
ATOM   1206 O O   . TYR C 3 3  ? 12.254  0.280   12.571  1.00   14.51 ? 3    TYR C O   1 
ATOM   1207 C CB  . TYR C 3 3  ? 11.163  2.851   14.146  1.00   15.06 ? 3    TYR C CB  1 
ATOM   1208 C CG  . TYR C 3 3  ? 10.868  4.305   14.412  1.00   15.32 ? 3    TYR C CG  1 
ATOM   1209 C CD1 . TYR C 3 3  ? 9.982   5.026   13.602  1.00   14.48 ? 3    TYR C CD1 1 
ATOM   1210 C CD2 . TYR C 3 3  ? 11.465  4.960   15.487  1.00   15.27 ? 3    TYR C CD2 1 
ATOM   1211 C CE1 . TYR C 3 3  ? 9.697   6.376   13.867  1.00   11.88 ? 3    TYR C CE1 1 
ATOM   1212 C CE2 . TYR C 3 3  ? 11.194  6.294   15.758  1.00   17.23 ? 3    TYR C CE2 1 
ATOM   1213 C CZ  . TYR C 3 3  ? 10.311  6.996   14.952  1.00   15.65 ? 3    TYR C CZ  1 
ATOM   1214 O OH  . TYR C 3 3  ? 10.046  8.313   15.246  1.00   17.43 ? 3    TYR C OH  1 
ATOM   1215 N N   . TYR C 3 4  ? 13.605  0.830   14.291  1.00   14.84 ? 4    TYR C N   1 
ATOM   1216 C CA  . TYR C 3 4  ? 14.026  -0.535  14.576  1.00   15.34 ? 4    TYR C CA  1 
ATOM   1217 C C   . TYR C 3 4  ? 13.773  -0.742  16.064  1.00   16.12 ? 4    TYR C C   1 
ATOM   1218 O O   . TYR C 3 4  ? 13.761  0.220   16.836  1.00   15.35 ? 4    TYR C O   1 
ATOM   1219 C CB  . TYR C 3 4  ? 15.507  -0.746  14.239  1.00   15.78 ? 4    TYR C CB  1 
ATOM   1220 C CG  . TYR C 3 4  ? 15.795  -0.685  12.754  1.00   18.74 ? 4    TYR C CG  1 
ATOM   1221 C CD1 . TYR C 3 4  ? 15.996  0.536   12.110  1.00   19.65 ? 4    TYR C CD1 1 
ATOM   1222 C CD2 . TYR C 3 4  ? 15.818  -1.851  11.981  1.00   18.53 ? 4    TYR C CD2 1 
ATOM   1223 C CE1 . TYR C 3 4  ? 16.213  0.598   10.729  1.00   21.10 ? 4    TYR C CE1 1 
ATOM   1224 C CE2 . TYR C 3 4  ? 16.033  -1.801  10.604  1.00   19.16 ? 4    TYR C CE2 1 
ATOM   1225 C CZ  . TYR C 3 4  ? 16.229  -0.574  9.983   1.00   21.36 ? 4    TYR C CZ  1 
ATOM   1226 O OH  . TYR C 3 4  ? 16.426  -0.521  8.617   1.00   22.05 ? 4    TYR C OH  1 
ATOM   1227 N N   . GLU C 3 5  ? 13.573  -1.989  16.474  1.00   14.88 ? 5    GLU C N   1 
ATOM   1228 C CA  . GLU C 3 5  ? 13.287  -2.262  17.874  1.00   16.97 ? 5    GLU C CA  1 
ATOM   1229 C C   . GLU C 3 5  ? 14.414  -1.852  18.819  1.00   17.44 ? 5    GLU C C   1 
ATOM   1230 O O   . GLU C 3 5  ? 14.192  -1.695  20.017  1.00   18.21 ? 5    GLU C O   1 
ATOM   1231 C CB  . GLU C 3 5  ? 12.953  -3.749  18.066  1.00   17.16 ? 5    GLU C CB  1 
ATOM   1232 C CG  . GLU C 3 5  ? 14.100  -4.710  17.803  1.00   16.46 ? 5    GLU C CG  1 
ATOM   1233 C CD  . GLU C 3 5  ? 13.673  -6.163  17.939  1.00   17.35 ? 5    GLU C CD  1 
ATOM   1234 O OE1 . GLU C 3 5  ? 13.587  -6.864  16.906  1.00   16.85 ? 5    GLU C OE1 1 
ATOM   1235 O OE2 . GLU C 3 5  ? 13.406  -6.601  19.079  1.00   16.11 ? 5    GLU C OE2 1 
ATOM   1236 N N   . SER C 3 6  ? 15.611  -1.652  18.279  1.00   18.49 ? 6    SER C N   1 
ATOM   1237 C CA  . SER C 3 6  ? 16.759  -1.282  19.102  1.00   20.01 ? 6    SER C CA  1 
ATOM   1238 C C   . SER C 3 6  ? 16.800  0.172   19.578  1.00   21.42 ? 6    SER C C   1 
ATOM   1239 O O   . SER C 3 6  ? 17.562  0.503   20.487  1.00   22.14 ? 6    SER C O   1 
ATOM   1240 C CB  . SER C 3 6  ? 18.060  -1.613  18.360  1.00   20.19 ? 6    SER C CB  1 
ATOM   1241 O OG  . SER C 3 6  ? 18.123  -0.965  17.100  1.00   19.84 ? 6    SER C OG  1 
ATOM   1242 N N   . SER C 3 7  ? 15.988  1.046   18.990  1.00   21.42 ? 7    SER C N   1 
ATOM   1243 C CA  . SER C 3 7  ? 16.011  2.443   19.417  1.00   21.14 ? 7    SER C CA  1 
ATOM   1244 C C   . SER C 3 7  ? 14.724  3.215   19.176  1.00   20.21 ? 7    SER C C   1 
ATOM   1245 O O   . SER C 3 7  ? 14.009  2.968   18.208  1.00   15.92 ? 7    SER C O   1 
ATOM   1246 C CB  . SER C 3 7  ? 17.165  3.181   18.730  1.00   22.64 ? 7    SER C CB  1 
ATOM   1247 O OG  . SER C 3 7  ? 17.179  4.546   19.109  1.00   23.37 ? 7    SER C OG  1 
ATOM   1248 N N   . LEU C 3 8  ? 14.435  4.148   20.075  1.00   21.03 ? 8    LEU C N   1 
ATOM   1249 C CA  . LEU C 3 8  ? 13.256  4.994   19.951  1.00   22.52 ? 8    LEU C CA  1 
ATOM   1250 C C   . LEU C 3 8  ? 13.555  6.105   18.948  1.00   24.01 ? 8    LEU C C   1 
ATOM   1251 O O   . LEU C 3 8  ? 12.668  6.865   18.564  1.00   23.61 ? 8    LEU C O   1 
ATOM   1252 C CB  . LEU C 3 8  ? 12.883  5.597   21.307  1.00   23.01 ? 8    LEU C CB  1 
ATOM   1253 C CG  . LEU C 3 8  ? 12.190  4.630   22.270  1.00   23.37 ? 8    LEU C CG  1 
ATOM   1254 C CD1 . LEU C 3 8  ? 11.987  5.297   23.624  1.00   27.16 ? 8    LEU C CD1 1 
ATOM   1255 C CD2 . LEU C 3 8  ? 10.855  4.195   21.674  1.00   23.28 ? 8    LEU C CD2 1 
ATOM   1256 N N   . LEU C 3 9  ? 14.816  6.196   18.535  1.00   24.63 ? 9    LEU C N   1 
ATOM   1257 C CA  . LEU C 3 9  ? 15.235  7.195   17.563  1.00   27.62 ? 9    LEU C CA  1 
ATOM   1258 C C   . LEU C 3 9  ? 15.179  6.555   16.178  1.00   27.55 ? 9    LEU C C   1 
ATOM   1259 O O   . LEU C 3 9  ? 15.677  5.449   15.977  1.00   27.73 ? 9    LEU C O   1 
ATOM   1260 C CB  . LEU C 3 9  ? 16.661  7.669   17.862  1.00   29.82 ? 9    LEU C CB  1 
ATOM   1261 C CG  . LEU C 3 9  ? 16.887  8.322   19.230  1.00   33.10 ? 9    LEU C CG  1 
ATOM   1262 C CD1 . LEU C 3 9  ? 18.353  8.707   19.377  1.00   32.82 ? 9    LEU C CD1 1 
ATOM   1263 C CD2 . LEU C 3 9  ? 15.997  9.551   19.368  1.00   34.84 ? 9    LEU C CD2 1 
ATOM   1264 N N   . PRO C 3 10 ? 14.565  7.241   15.205  1.00   28.08 ? 10   PRO C N   1 
ATOM   1265 C CA  . PRO C 3 10 ? 14.455  6.711   13.844  1.00   28.49 ? 10   PRO C CA  1 
ATOM   1266 C C   . PRO C 3 10 ? 15.741  6.783   13.022  1.00   29.23 ? 10   PRO C C   1 
ATOM   1267 O O   . PRO C 3 10 ? 16.594  7.641   13.251  1.00   28.05 ? 10   PRO C O   1 
ATOM   1268 C CB  . PRO C 3 10 ? 13.341  7.561   13.243  1.00   28.33 ? 10   PRO C CB  1 
ATOM   1269 C CG  . PRO C 3 10 ? 13.578  8.885   13.884  1.00   28.25 ? 10   PRO C CG  1 
ATOM   1270 C CD  . PRO C 3 10 ? 13.827  8.511   15.332  1.00   29.08 ? 10   PRO C CD  1 
ATOM   1271 N N   . TYR C 3 11 ? 15.869  5.868   12.068  1.00   30.15 ? 11   TYR C N   1 
ATOM   1272 C CA  . TYR C 3 11 ? 17.027  5.827   11.184  1.00   32.34 ? 11   TYR C CA  1 
ATOM   1273 C C   . TYR C 3 11 ? 16.629  6.423   9.842   1.00   34.82 ? 11   TYR C C   1 
ATOM   1274 O O   . TYR C 3 11 ? 15.446  6.463   9.500   1.00   34.35 ? 11   TYR C O   1 
ATOM   1275 C CB  . TYR C 3 11 ? 17.497  4.390   10.957  1.00   31.15 ? 11   TYR C CB  1 
ATOM   1276 C CG  . TYR C 3 11 ? 18.288  3.788   12.090  1.00   30.48 ? 11   TYR C CG  1 
ATOM   1277 C CD1 . TYR C 3 11 ? 17.668  3.405   13.277  1.00   30.79 ? 11   TYR C CD1 1 
ATOM   1278 C CD2 . TYR C 3 11 ? 19.664  3.589   11.968  1.00   31.16 ? 11   TYR C CD2 1 
ATOM   1279 C CE1 . TYR C 3 11 ? 18.399  2.834   14.317  1.00   32.53 ? 11   TYR C CE1 1 
ATOM   1280 C CE2 . TYR C 3 11 ? 20.402  3.021   12.997  1.00   32.20 ? 11   TYR C CE2 1 
ATOM   1281 C CZ  . TYR C 3 11 ? 19.766  2.645   14.167  1.00   32.73 ? 11   TYR C CZ  1 
ATOM   1282 O OH  . TYR C 3 11 ? 20.502  2.077   15.179  1.00   33.99 ? 11   TYR C OH  1 
ATOM   1283 N N   . PRO C 3 12 ? 17.612  6.895   9.063   1.00   38.37 ? 12   PRO C N   1 
ATOM   1284 C CA  . PRO C 3 12 ? 17.329  7.484   7.750   1.00   41.49 ? 12   PRO C CA  1 
ATOM   1285 C C   . PRO C 3 12 ? 16.578  6.506   6.841   1.00   44.33 ? 12   PRO C C   1 
ATOM   1286 O O   . PRO C 3 12 ? 16.448  5.324   7.167   1.00   44.89 ? 12   PRO C O   1 
ATOM   1287 C CB  . PRO C 3 12 ? 18.722  7.816   7.219   1.00   40.97 ? 12   PRO C CB  1 
ATOM   1288 C CG  . PRO C 3 12 ? 19.476  8.142   8.470   1.00   40.69 ? 12   PRO C CG  1 
ATOM   1289 C CD  . PRO C 3 12 ? 19.038  7.040   9.404   1.00   38.20 ? 12   PRO C CD  1 
ATOM   1290 N N   . ASP C 3 13 ? 16.093  7.014   5.710   1.00   47.60 ? 13   ASP C N   1 
ATOM   1291 C CA  . ASP C 3 13 ? 15.344  6.230   4.724   1.00   50.55 ? 13   ASP C CA  1 
ATOM   1292 C C   . ASP C 3 13 ? 13.882  6.080   5.126   1.00   51.74 ? 13   ASP C C   1 
ATOM   1293 O O   . ASP C 3 13 ? 13.014  6.625   4.411   1.00   52.22 ? 13   ASP C O   1 
ATOM   1294 C CB  . ASP C 3 13 ? 15.968  4.839   4.543   1.00   52.06 ? 13   ASP C CB  1 
ATOM   1295 C CG  . ASP C 3 13 ? 17.422  4.901   4.120   1.00   53.36 ? 13   ASP C CG  1 
ATOM   1296 O OD1 . ASP C 3 13 ? 18.040  3.826   3.967   1.00   55.76 ? 13   ASP C OD1 1 
ATOM   1297 O OD2 . ASP C 3 13 ? 17.948  6.019   3.942   1.00   53.99 ? 13   ASP C OD2 1 
ATOM   1298 O OXT . ASP C 3 13 ? 13.621  5.423   6.155   1.00   54.58 ? 13   ASP C OXT 1 
ATOM   1299 N N   . TRP D 3 1  ? 3.761   4.367   -20.875 1.00   24.76 ? 1    TRP D N   1 
ATOM   1300 C CA  . TRP D 3 1  ? 4.034   3.314   -21.894 1.00   24.10 ? 1    TRP D CA  1 
ATOM   1301 C C   . TRP D 3 1  ? 2.741   2.589   -22.246 1.00   24.15 ? 1    TRP D C   1 
ATOM   1302 O O   . TRP D 3 1  ? 1.772   2.629   -21.488 1.00   24.01 ? 1    TRP D O   1 
ATOM   1303 C CB  . TRP D 3 1  ? 5.039   2.289   -21.357 1.00   23.08 ? 1    TRP D CB  1 
ATOM   1304 C CG  . TRP D 3 1  ? 6.313   2.881   -20.840 1.00   24.62 ? 1    TRP D CG  1 
ATOM   1305 C CD1 . TRP D 3 1  ? 6.536   3.396   -19.591 1.00   22.67 ? 1    TRP D CD1 1 
ATOM   1306 C CD2 . TRP D 3 1  ? 7.538   3.036   -21.563 1.00   24.79 ? 1    TRP D CD2 1 
ATOM   1307 N NE1 . TRP D 3 1  ? 7.827   3.860   -19.493 1.00   23.89 ? 1    TRP D NE1 1 
ATOM   1308 C CE2 . TRP D 3 1  ? 8.465   3.652   -20.689 1.00   25.35 ? 1    TRP D CE2 1 
ATOM   1309 C CE3 . TRP D 3 1  ? 7.945   2.715   -22.865 1.00   26.25 ? 1    TRP D CE3 1 
ATOM   1310 C CZ2 . TRP D 3 1  ? 9.776   3.953   -21.077 1.00   25.37 ? 1    TRP D CZ2 1 
ATOM   1311 C CZ3 . TRP D 3 1  ? 9.251   3.015   -23.252 1.00   27.28 ? 1    TRP D CZ3 1 
ATOM   1312 C CH2 . TRP D 3 1  ? 10.149  3.628   -22.358 1.00   26.09 ? 1    TRP D CH2 1 
ATOM   1313 N N   . ARG D 3 2  ? 2.732   1.926   -23.398 1.00   24.42 ? 2    ARG D N   1 
ATOM   1314 C CA  . ARG D 3 2  ? 1.560   1.177   -23.825 1.00   25.00 ? 2    ARG D CA  1 
ATOM   1315 C C   . ARG D 3 2  ? 1.689   -0.288  -23.426 1.00   24.04 ? 2    ARG D C   1 
ATOM   1316 O O   . ARG D 3 2  ? 2.630   -0.978  -23.821 1.00   24.68 ? 2    ARG D O   1 
ATOM   1317 C CB  . ARG D 3 2  ? 1.364   1.281   -25.339 1.00   28.16 ? 2    ARG D CB  1 
ATOM   1318 C CG  . ARG D 3 2  ? 0.305   0.324   -25.865 1.00   31.69 ? 2    ARG D CG  1 
ATOM   1319 C CD  . ARG D 3 2  ? -0.506  0.928   -26.989 1.00   35.39 ? 2    ARG D CD  1 
ATOM   1320 N NE  . ARG D 3 2  ? -1.228  2.118   -26.550 1.00   38.05 ? 2    ARG D NE  1 
ATOM   1321 C CZ  . ARG D 3 2  ? -2.136  2.752   -27.282 1.00   40.12 ? 2    ARG D CZ  1 
ATOM   1322 N NH1 . ARG D 3 2  ? -2.441  2.307   -28.496 1.00   41.03 ? 2    ARG D NH1 1 
ATOM   1323 N NH2 . ARG D 3 2  ? -2.737  3.834   -26.805 1.00   41.84 ? 2    ARG D NH2 1 
ATOM   1324 N N   . TYR D 3 3  ? 0.739   -0.751  -22.624 1.00   22.05 ? 3    TYR D N   1 
ATOM   1325 C CA  . TYR D 3 3  ? 0.722   -2.132  -22.169 1.00   20.33 ? 3    TYR D CA  1 
ATOM   1326 C C   . TYR D 3 3  ? -0.560  -2.803  -22.634 1.00   19.81 ? 3    TYR D C   1 
ATOM   1327 O O   . TYR D 3 3  ? -1.561  -2.129  -22.876 1.00   19.51 ? 3    TYR D O   1 
ATOM   1328 C CB  . TYR D 3 3  ? 0.771   -2.206  -20.643 1.00   20.25 ? 3    TYR D CB  1 
ATOM   1329 C CG  . TYR D 3 3  ? 2.074   -1.771  -20.013 1.00   20.66 ? 3    TYR D CG  1 
ATOM   1330 C CD1 . TYR D 3 3  ? 2.292   -0.441  -19.655 1.00   19.83 ? 3    TYR D CD1 1 
ATOM   1331 C CD2 . TYR D 3 3  ? 3.073   -2.704  -19.731 1.00   20.85 ? 3    TYR D CD2 1 
ATOM   1332 C CE1 . TYR D 3 3  ? 3.473   -0.051  -19.022 1.00   18.60 ? 3    TYR D CE1 1 
ATOM   1333 C CE2 . TYR D 3 3  ? 4.256   -2.329  -19.101 1.00   20.64 ? 3    TYR D CE2 1 
ATOM   1334 C CZ  . TYR D 3 3  ? 4.449   -1.002  -18.747 1.00   20.17 ? 3    TYR D CZ  1 
ATOM   1335 O OH  . TYR D 3 3  ? 5.612   -0.637  -18.101 1.00   20.04 ? 3    TYR D OH  1 
ATOM   1336 N N   . TYR D 3 4  ? -0.527  -4.128  -22.741 1.00   19.78 ? 4    TYR D N   1 
ATOM   1337 C CA  . TYR D 3 4  ? -1.694  -4.905  -23.151 1.00   21.16 ? 4    TYR D CA  1 
ATOM   1338 C C   . TYR D 3 4  ? -1.992  -5.985  -22.115 1.00   21.51 ? 4    TYR D C   1 
ATOM   1339 O O   . TYR D 3 4  ? -1.124  -6.347  -21.319 1.00   20.69 ? 4    TYR D O   1 
ATOM   1340 C CB  . TYR D 3 4  ? -1.455  -5.553  -24.521 1.00   22.35 ? 4    TYR D CB  1 
ATOM   1341 C CG  . TYR D 3 4  ? -1.292  -4.551  -25.637 1.00   24.44 ? 4    TYR D CG  1 
ATOM   1342 C CD1 . TYR D 3 4  ? -0.046  -3.992  -25.922 1.00   24.34 ? 4    TYR D CD1 1 
ATOM   1343 C CD2 . TYR D 3 4  ? -2.391  -4.124  -26.380 1.00   24.47 ? 4    TYR D CD2 1 
ATOM   1344 C CE1 . TYR D 3 4  ? 0.100   -3.032  -26.918 1.00   24.74 ? 4    TYR D CE1 1 
ATOM   1345 C CE2 . TYR D 3 4  ? -2.258  -3.162  -27.376 1.00   24.56 ? 4    TYR D CE2 1 
ATOM   1346 C CZ  . TYR D 3 4  ? -1.010  -2.621  -27.639 1.00   25.41 ? 4    TYR D CZ  1 
ATOM   1347 O OH  . TYR D 3 4  ? -0.875  -1.665  -28.617 1.00   26.77 ? 4    TYR D OH  1 
ATOM   1348 N N   . GLU D 3 5  ? -3.218  -6.502  -22.132 1.00   21.90 ? 5    GLU D N   1 
ATOM   1349 C CA  . GLU D 3 5  ? -3.629  -7.532  -21.178 1.00   25.52 ? 5    GLU D CA  1 
ATOM   1350 C C   . GLU D 3 5  ? -2.707  -8.739  -21.200 1.00   26.08 ? 5    GLU D C   1 
ATOM   1351 O O   . GLU D 3 5  ? -2.412  -9.323  -20.164 1.00   26.90 ? 5    GLU D O   1 
ATOM   1352 C CB  . GLU D 3 5  ? -5.025  -8.059  -21.492 1.00   27.65 ? 5    GLU D CB  1 
ATOM   1353 C CG  . GLU D 3 5  ? -6.181  -7.145  -21.227 1.00   30.87 ? 5    GLU D CG  1 
ATOM   1354 C CD  . GLU D 3 5  ? -7.462  -7.746  -21.773 1.00   33.48 ? 5    GLU D CD  1 
ATOM   1355 O OE1 . GLU D 3 5  ? -7.933  -8.753  -21.202 1.00   35.42 ? 5    GLU D OE1 1 
ATOM   1356 O OE2 . GLU D 3 5  ? -7.983  -7.230  -22.783 1.00   32.51 ? 5    GLU D OE2 1 
ATOM   1357 N N   . SER D 3 6  ? -2.280  -9.114  -22.399 1.00   27.28 ? 6    SER D N   1 
ATOM   1358 C CA  . SER D 3 6  ? -1.431  -10.283 -22.602 1.00   29.71 ? 6    SER D CA  1 
ATOM   1359 C C   . SER D 3 6  ? -0.092  -10.325 -21.870 1.00   30.88 ? 6    SER D C   1 
ATOM   1360 O O   . SER D 3 6  ? 0.370   -11.407 -21.499 1.00   30.70 ? 6    SER D O   1 
ATOM   1361 C CB  . SER D 3 6  ? -1.188  -10.483 -24.101 1.00   29.15 ? 6    SER D CB  1 
ATOM   1362 O OG  . SER D 3 6  ? -0.650  -9.313  -24.691 1.00   30.36 ? 6    SER D OG  1 
ATOM   1363 N N   . SER D 3 7  ? 0.528   -9.168  -21.650 1.00   29.94 ? 7    SER D N   1 
ATOM   1364 C CA  . SER D 3 7  ? 1.829   -9.143  -20.991 1.00   31.53 ? 7    SER D CA  1 
ATOM   1365 C C   . SER D 3 7  ? 2.093   -7.940  -20.086 1.00   31.50 ? 7    SER D C   1 
ATOM   1366 O O   . SER D 3 7  ? 1.391   -6.931  -20.144 1.00   30.35 ? 7    SER D O   1 
ATOM   1367 C CB  . SER D 3 7  ? 2.929   -9.220  -22.053 1.00   30.81 ? 7    SER D CB  1 
ATOM   1368 O OG  . SER D 3 7  ? 4.214   -9.045  -21.485 1.00   32.51 ? 7    SER D OG  1 
ATOM   1369 N N   . LEU D 3 8  ? 3.125   -8.067  -19.257 1.00   33.33 ? 8    LEU D N   1 
ATOM   1370 C CA  . LEU D 3 8  ? 3.532   -7.007  -18.343 1.00   34.27 ? 8    LEU D CA  1 
ATOM   1371 C C   . LEU D 3 8  ? 4.676   -6.208  -18.959 1.00   35.45 ? 8    LEU D C   1 
ATOM   1372 O O   . LEU D 3 8  ? 5.281   -5.367  -18.297 1.00   35.06 ? 8    LEU D O   1 
ATOM   1373 C CB  . LEU D 3 8  ? 3.988   -7.600  -17.005 1.00   34.65 ? 8    LEU D CB  1 
ATOM   1374 C CG  . LEU D 3 8  ? 2.913   -8.213  -16.105 1.00   35.36 ? 8    LEU D CG  1 
ATOM   1375 C CD1 . LEU D 3 8  ? 3.565   -8.854  -14.885 1.00   36.71 ? 8    LEU D CD1 1 
ATOM   1376 C CD2 . LEU D 3 8  ? 1.928   -7.131  -15.675 1.00   35.98 ? 8    LEU D CD2 1 
ATOM   1377 N N   . LEU D 3 9  ? 4.974   -6.480  -20.227 1.00   36.33 ? 9    LEU D N   1 
ATOM   1378 C CA  . LEU D 3 9  ? 6.049   -5.778  -20.920 1.00   38.13 ? 9    LEU D CA  1 
ATOM   1379 C C   . LEU D 3 9  ? 5.502   -4.680  -21.825 1.00   39.17 ? 9    LEU D C   1 
ATOM   1380 O O   . LEU D 3 9  ? 4.523   -4.883  -22.541 1.00   38.61 ? 9    LEU D O   1 
ATOM   1381 C CB  . LEU D 3 9  ? 6.875   -6.757  -21.757 1.00   39.81 ? 9    LEU D CB  1 
ATOM   1382 C CG  . LEU D 3 9  ? 7.473   -7.970  -21.038 1.00   40.39 ? 9    LEU D CG  1 
ATOM   1383 C CD1 . LEU D 3 9  ? 8.301   -8.774  -22.030 1.00   41.87 ? 9    LEU D CD1 1 
ATOM   1384 C CD2 . LEU D 3 9  ? 8.331   -7.519  -19.863 1.00   40.55 ? 9    LEU D CD2 1 
ATOM   1385 N N   . PRO D 3 10 ? 6.137   -3.499  -21.802 1.00   40.47 ? 10   PRO D N   1 
ATOM   1386 C CA  . PRO D 3 10 ? 5.748   -2.335  -22.605 1.00   42.32 ? 10   PRO D CA  1 
ATOM   1387 C C   . PRO D 3 10 ? 5.891   -2.592  -24.103 1.00   45.15 ? 10   PRO D C   1 
ATOM   1388 O O   . PRO D 3 10 ? 6.669   -3.450  -24.521 1.00   45.38 ? 10   PRO D O   1 
ATOM   1389 C CB  . PRO D 3 10 ? 6.714   -1.248  -22.133 1.00   41.59 ? 10   PRO D CB  1 
ATOM   1390 C CG  . PRO D 3 10 ? 7.093   -1.683  -20.757 1.00   41.85 ? 10   PRO D CG  1 
ATOM   1391 C CD  . PRO D 3 10 ? 7.266   -3.164  -20.919 1.00   40.51 ? 10   PRO D CD  1 
ATOM   1392 N N   . TYR D 3 11 ? 5.143   -1.834  -24.901 1.00   47.88 ? 11   TYR D N   1 
ATOM   1393 C CA  . TYR D 3 11 ? 5.186   -1.953  -26.355 1.00   50.27 ? 11   TYR D CA  1 
ATOM   1394 C C   . TYR D 3 11 ? 5.569   -0.666  -27.093 1.00   52.86 ? 11   TYR D C   1 
ATOM   1395 O O   . TYR D 3 11 ? 5.849   -0.704  -28.292 1.00   55.25 ? 11   TYR D O   1 
ATOM   1396 C CB  . TYR D 3 11 ? 3.837   -2.433  -26.899 1.00   48.90 ? 11   TYR D CB  1 
ATOM   1397 C CG  . TYR D 3 11 ? 3.657   -3.934  -26.922 1.00   48.32 ? 11   TYR D CG  1 
ATOM   1398 C CD1 . TYR D 3 11 ? 3.426   -4.651  -25.749 1.00   47.73 ? 11   TYR D CD1 1 
ATOM   1399 C CD2 . TYR D 3 11 ? 3.692   -4.636  -28.126 1.00   48.39 ? 11   TYR D CD2 1 
ATOM   1400 C CE1 . TYR D 3 11 ? 3.228   -6.032  -25.778 1.00   47.41 ? 11   TYR D CE1 1 
ATOM   1401 C CE2 . TYR D 3 11 ? 3.499   -6.014  -28.166 1.00   47.05 ? 11   TYR D CE2 1 
ATOM   1402 C CZ  . TYR D 3 11 ? 3.265   -6.704  -26.991 1.00   47.84 ? 11   TYR D CZ  1 
ATOM   1403 O OH  . TYR D 3 11 ? 3.056   -8.064  -27.036 1.00   47.34 ? 11   TYR D OH  1 
ATOM   1404 N N   . PRO D 3 12 ? 5.581   0.489   -26.404 1.00   54.63 ? 12   PRO D N   1 
ATOM   1405 C CA  . PRO D 3 12 ? 5.949   1.704   -27.139 1.00   56.43 ? 12   PRO D CA  1 
ATOM   1406 C C   . PRO D 3 12 ? 7.259   1.577   -27.914 1.00   57.74 ? 12   PRO D C   1 
ATOM   1407 O O   . PRO D 3 12 ? 7.977   0.575   -27.705 1.00   58.76 ? 12   PRO D O   1 
ATOM   1408 C CB  . PRO D 3 12 ? 6.026   2.758   -26.040 1.00   56.27 ? 12   PRO D CB  1 
ATOM   1409 C CG  . PRO D 3 12 ? 4.964   2.315   -25.100 1.00   54.52 ? 12   PRO D CG  1 
ATOM   1410 C CD  . PRO D 3 12 ? 5.197   0.822   -25.019 1.00   54.08 ? 12   PRO D CD  1 
HETATM 1411 I I   . IOD E 4 .  ? 4.768   -7.591  16.705  0.40   24.20 ? 1075 IOD A I   1 
HETATM 1412 I I   . IOD F 4 .  ? -11.335 -2.135  -16.118 0.40   39.26 ? 1075 IOD B I   1 
HETATM 1413 O O   . HOH G 5 .  ? -10.880 7.029   20.660  1.00   33.23 ? 2001 HOH A O   1 
HETATM 1414 O O   . HOH G 5 .  ? -0.662  10.635  8.198   1.00   44.11 ? 2002 HOH A O   1 
HETATM 1415 O O   . HOH G 5 .  ? 3.302   4.770   8.570   1.00   44.41 ? 2003 HOH A O   1 
HETATM 1416 O O   . HOH G 5 .  ? -0.601  9.961   11.102  1.00   31.56 ? 2004 HOH A O   1 
HETATM 1417 O O   . HOH G 5 .  ? 3.682   7.778   21.507  1.00   20.07 ? 2005 HOH A O   1 
HETATM 1418 O O   . HOH G 5 .  ? 15.388  11.300  10.952  1.00   39.00 ? 2006 HOH A O   1 
HETATM 1419 O O   . HOH G 5 .  ? 15.909  12.255  15.573  1.00   51.64 ? 2007 HOH A O   1 
HETATM 1420 O O   . HOH G 5 .  ? 13.097  14.847  17.035  1.00   51.87 ? 2008 HOH A O   1 
HETATM 1421 O O   . HOH G 5 .  ? -17.026 3.229   20.084  1.00   49.98 ? 2009 HOH A O   1 
HETATM 1422 O O   . HOH G 5 .  ? -1.093  6.300   11.198  1.00   52.83 ? 2010 HOH A O   1 
HETATM 1423 O O   . HOH G 5 .  ? 1.123   4.854   11.285  1.00   32.63 ? 2011 HOH A O   1 
HETATM 1424 O O   . HOH G 5 .  ? 10.215  10.198  22.561  1.00   52.97 ? 2012 HOH A O   1 
HETATM 1425 O O   . HOH G 5 .  ? 5.293   4.021   9.843   1.00   32.73 ? 2013 HOH A O   1 
HETATM 1426 O O   . HOH G 5 .  ? 8.492   4.833   10.163  1.00   34.73 ? 2014 HOH A O   1 
HETATM 1427 O O   . HOH G 5 .  ? -15.620 10.547  17.510  1.00   41.79 ? 2015 HOH A O   1 
HETATM 1428 O O   . HOH G 5 .  ? 6.701   10.501  8.137   1.00   21.49 ? 2016 HOH A O   1 
HETATM 1429 O O   . HOH G 5 .  ? -10.420 8.717   7.467   1.00   33.13 ? 2017 HOH A O   1 
HETATM 1430 O O   . HOH G 5 .  ? -16.849 4.672   15.350  1.00   60.06 ? 2018 HOH A O   1 
HETATM 1431 O O   . HOH G 5 .  ? -17.973 2.576   15.181  1.00   21.51 ? 2019 HOH A O   1 
HETATM 1432 O O   . HOH G 5 .  ? -17.382 3.000   17.501  1.00   44.99 ? 2020 HOH A O   1 
HETATM 1433 O O   . HOH G 5 .  ? -4.343  8.594   7.529   1.00   54.76 ? 2021 HOH A O   1 
HETATM 1434 O O   . HOH G 5 .  ? 14.000  12.411  12.927  1.00   49.38 ? 2022 HOH A O   1 
HETATM 1435 O O   . HOH G 5 .  ? 12.990  11.822  16.980  1.00   29.83 ? 2023 HOH A O   1 
HETATM 1436 O O   . HOH G 5 .  ? 9.469   16.426  16.479  1.00   24.40 ? 2024 HOH A O   1 
HETATM 1437 O O   . HOH G 5 .  ? -5.027  8.576   25.374  1.00   53.61 ? 2025 HOH A O   1 
HETATM 1438 O O   . HOH G 5 .  ? 6.571   -4.781  23.132  1.00   43.57 ? 2026 HOH A O   1 
HETATM 1439 O O   . HOH G 5 .  ? 2.970   -4.965  26.105  1.00   60.43 ? 2027 HOH A O   1 
HETATM 1440 O O   . HOH G 5 .  ? 8.448   8.208   21.097  1.00   46.49 ? 2028 HOH A O   1 
HETATM 1441 O O   . HOH G 5 .  ? 15.137  -8.074  3.558   1.00   43.09 ? 2029 HOH A O   1 
HETATM 1442 O O   . HOH G 5 .  ? -8.998  11.037  21.217  1.00   37.38 ? 2030 HOH A O   1 
HETATM 1443 O O   . HOH G 5 .  ? -12.372 8.715   15.517  1.00   42.68 ? 2031 HOH A O   1 
HETATM 1444 O O   . HOH G 5 .  ? -10.928 5.250   16.177  1.00   25.63 ? 2032 HOH A O   1 
HETATM 1445 O O   . HOH G 5 .  ? -7.304  -1.448  6.140   1.00   44.73 ? 2033 HOH A O   1 
HETATM 1446 O O   . HOH G 5 .  ? -10.363 5.096   7.484   1.00   21.54 ? 2034 HOH A O   1 
HETATM 1447 O O   . HOH G 5 .  ? -5.783  2.453   7.808   1.00   47.12 ? 2035 HOH A O   1 
HETATM 1448 O O   . HOH G 5 .  ? -6.700  4.741   6.888   1.00   35.12 ? 2036 HOH A O   1 
HETATM 1449 O O   . HOH G 5 .  ? -15.737 2.381   15.087  1.00   40.00 ? 2037 HOH A O   1 
HETATM 1450 O O   . HOH G 5 .  ? -12.324 2.967   19.282  1.00   22.02 ? 2038 HOH A O   1 
HETATM 1451 O O   . HOH G 5 .  ? -11.188 -0.235  20.384  1.00   21.63 ? 2039 HOH A O   1 
HETATM 1452 O O   . HOH G 5 .  ? -14.414 -2.278  14.423  1.00   30.24 ? 2040 HOH A O   1 
HETATM 1453 O O   . HOH G 5 .  ? -13.694 4.478   15.867  1.00   29.78 ? 2041 HOH A O   1 
HETATM 1454 O O   . HOH G 5 .  ? 13.506  -13.375 9.062   1.00   34.80 ? 2042 HOH A O   1 
HETATM 1455 O O   . HOH G 5 .  ? -1.349  -0.077  7.480   1.00   54.55 ? 2043 HOH A O   1 
HETATM 1456 O O   . HOH G 5 .  ? -0.915  2.463   8.852   1.00   42.09 ? 2044 HOH A O   1 
HETATM 1457 O O   . HOH G 5 .  ? -7.651  2.880   27.953  1.00   61.40 ? 2045 HOH A O   1 
HETATM 1458 O O   . HOH G 5 .  ? -3.305  10.521  24.515  1.00   51.89 ? 2046 HOH A O   1 
HETATM 1459 O O   . HOH G 5 .  ? 3.099   -4.759  23.624  1.00   48.00 ? 2047 HOH A O   1 
HETATM 1460 O O   . HOH G 5 .  ? 12.129  -4.074  4.482   1.00   29.08 ? 2048 HOH A O   1 
HETATM 1461 O O   . HOH G 5 .  ? 12.896  -6.600  4.117   1.00   37.57 ? 2049 HOH A O   1 
HETATM 1462 O O   . HOH G 5 .  ? 17.900  -10.267 7.465   1.00   26.50 ? 2050 HOH A O   1 
HETATM 1463 O O   . HOH G 5 .  ? 15.661  -5.471  10.505  1.00   18.54 ? 2051 HOH A O   1 
HETATM 1464 O O   . HOH G 5 .  ? 20.836  -9.074  9.459   1.00   19.06 ? 2052 HOH A O   1 
HETATM 1465 O O   . HOH G 5 .  ? 23.065  -6.103  10.436  1.00   31.75 ? 2053 HOH A O   1 
HETATM 1466 O O   . HOH G 5 .  ? 24.363  -4.184  17.886  1.00   49.25 ? 2054 HOH A O   1 
HETATM 1467 O O   . HOH G 5 .  ? 22.955  -1.040  16.920  1.00   48.59 ? 2055 HOH A O   1 
HETATM 1468 O O   . HOH G 5 .  ? 23.671  -1.031  12.392  1.00   46.85 ? 2056 HOH A O   1 
HETATM 1469 O O   . HOH G 5 .  ? 20.863  -4.085  19.020  1.00   32.62 ? 2057 HOH A O   1 
HETATM 1470 O O   . HOH G 5 .  ? 21.078  3.452   7.715   1.00   42.61 ? 2058 HOH A O   1 
HETATM 1471 O O   . HOH G 5 .  ? 11.681  -14.240 13.744  1.00   44.45 ? 2059 HOH A O   1 
HETATM 1472 O O   . HOH G 5 .  ? 9.404   -11.355 11.707  1.00   33.56 ? 2060 HOH A O   1 
HETATM 1473 O O   . HOH G 5 .  ? 9.540   2.291   10.816  1.00   18.98 ? 2061 HOH A O   1 
HETATM 1474 O O   . HOH G 5 .  ? 6.508   1.486   7.733   1.00   45.44 ? 2062 HOH A O   1 
HETATM 1475 O O   . HOH G 5 .  ? -2.132  4.157   10.633  1.00   25.15 ? 2063 HOH A O   1 
HETATM 1476 O O   . HOH G 5 .  ? -3.786  -0.519  8.876   1.00   35.28 ? 2064 HOH A O   1 
HETATM 1477 O O   . HOH G 5 .  ? -11.661 -1.921  14.162  1.00   22.94 ? 2065 HOH A O   1 
HETATM 1478 O O   . HOH G 5 .  ? -7.762  -1.630  8.406   1.00   33.08 ? 2066 HOH A O   1 
HETATM 1479 O O   . HOH G 5 .  ? -11.686 -6.049  13.083  1.00   30.95 ? 2067 HOH A O   1 
HETATM 1480 O O   . HOH G 5 .  ? -5.068  -3.371  8.297   1.00   43.81 ? 2068 HOH A O   1 
HETATM 1481 O O   . HOH G 5 .  ? -11.322 -3.162  7.137   1.00   45.65 ? 2069 HOH A O   1 
HETATM 1482 O O   . HOH G 5 .  ? -9.377  -7.637  13.053  1.00   23.74 ? 2070 HOH A O   1 
HETATM 1483 O O   . HOH G 5 .  ? -7.263  -9.955  10.024  1.00   25.60 ? 2071 HOH A O   1 
HETATM 1484 O O   . HOH G 5 .  ? -3.179  -10.590 11.987  1.00   39.22 ? 2072 HOH A O   1 
HETATM 1485 O O   . HOH G 5 .  ? -7.791  -10.598 7.526   1.00   38.00 ? 2073 HOH A O   1 
HETATM 1486 O O   . HOH G 5 .  ? 1.239   -16.716 7.470   1.00   35.41 ? 2074 HOH A O   1 
HETATM 1487 O O   . HOH G 5 .  ? 2.695   -17.171 9.407   1.00   33.36 ? 2075 HOH A O   1 
HETATM 1488 O O   . HOH G 5 .  ? 1.886   -10.460 8.971   1.00   31.03 ? 2076 HOH A O   1 
HETATM 1489 O O   . HOH G 5 .  ? 11.327  -11.139 9.135   1.00   26.45 ? 2077 HOH A O   1 
HETATM 1490 O O   . HOH G 5 .  ? 6.521   -15.479 12.197  1.00   41.27 ? 2078 HOH A O   1 
HETATM 1491 O O   . HOH G 5 .  ? 7.083   -15.465 14.786  1.00   43.25 ? 2079 HOH A O   1 
HETATM 1492 O O   . HOH G 5 .  ? -1.987  -10.386 14.561  1.00   30.36 ? 2080 HOH A O   1 
HETATM 1493 O O   . HOH G 5 .  ? 3.554   -10.324 17.464  1.00   25.21 ? 2081 HOH A O   1 
HETATM 1494 O O   . HOH G 5 .  ? 2.892   -8.854  20.882  1.00   26.68 ? 2082 HOH A O   1 
HETATM 1495 O O   . HOH G 5 .  ? -5.089  -4.206  25.121  1.00   34.50 ? 2083 HOH A O   1 
HETATM 1496 O O   . HOH G 5 .  ? -9.874  7.076   23.763  1.00   51.59 ? 2084 HOH A O   1 
HETATM 1497 O O   . HOH G 5 .  ? -8.891  1.988   25.863  1.00   27.60 ? 2085 HOH A O   1 
HETATM 1498 O O   . HOH G 5 .  ? -0.719  10.414  24.688  1.00   47.76 ? 2086 HOH A O   1 
HETATM 1499 O O   . HOH G 5 .  ? 15.028  -1.206  27.091  1.00   42.00 ? 2087 HOH A O   1 
HETATM 1500 O O   . HOH G 5 .  ? 18.022  -3.050  22.461  1.00   36.64 ? 2088 HOH A O   1 
HETATM 1501 O O   . HOH G 5 .  ? 5.869   3.915   21.578  1.00   19.89 ? 2089 HOH A O   1 
HETATM 1502 O O   . HOH G 5 .  ? 11.151  5.022   27.283  1.00   49.28 ? 2090 HOH A O   1 
HETATM 1503 O O   . HOH G 5 .  ? 3.392   4.564   30.090  1.00   52.93 ? 2091 HOH A O   1 
HETATM 1504 O O   . HOH G 5 .  ? 2.365   3.442   25.806  1.00   30.15 ? 2092 HOH A O   1 
HETATM 1505 O O   . HOH H 5 .  ? -4.807  9.324   -0.669  1.00   18.47 ? 2001 HOH B O   1 
HETATM 1506 O O   . HOH H 5 .  ? -0.694  7.108   0.459   1.00   27.61 ? 2002 HOH B O   1 
HETATM 1507 O O   . HOH H 5 .  ? -1.182  10.119  -2.428  1.00   21.13 ? 2003 HOH B O   1 
HETATM 1508 O O   . HOH H 5 .  ? 3.714   -3.540  -7.173  1.00   39.04 ? 2004 HOH B O   1 
HETATM 1509 O O   . HOH H 5 .  ? 2.823   -2.011  -36.931 1.00   36.74 ? 2005 HOH B O   1 
HETATM 1510 O O   . HOH H 5 .  ? 1.954   -0.037  -37.646 1.00   31.96 ? 2006 HOH B O   1 
HETATM 1511 O O   . HOH H 5 .  ? 3.202   -2.620  -9.815  1.00   26.55 ? 2007 HOH B O   1 
HETATM 1512 O O   . HOH H 5 .  ? -9.380  20.939  -4.485  1.00   55.75 ? 2008 HOH B O   1 
HETATM 1513 O O   . HOH H 5 .  ? -7.362  14.714  -16.051 1.00   56.92 ? 2009 HOH B O   1 
HETATM 1514 O O   . HOH H 5 .  ? 3.938   -4.054  -36.008 1.00   53.21 ? 2010 HOH B O   1 
HETATM 1515 O O   . HOH H 5 .  ? -0.018  4.175   -20.039 1.00   31.61 ? 2011 HOH B O   1 
HETATM 1516 O O   . HOH H 5 .  ? 2.520   4.338   1.380   1.00   44.62 ? 2012 HOH B O   1 
HETATM 1517 O O   . HOH H 5 .  ? 2.951   9.381   1.652   1.00   32.74 ? 2013 HOH B O   1 
HETATM 1518 O O   . HOH H 5 .  ? 9.675   7.883   0.164   1.00   59.01 ? 2014 HOH B O   1 
HETATM 1519 O O   . HOH H 5 .  ? 5.406   6.560   -19.818 1.00   27.52 ? 2015 HOH B O   1 
HETATM 1520 O O   . HOH H 5 .  ? 0.790   6.569   -18.696 1.00   43.70 ? 2016 HOH B O   1 
HETATM 1521 O O   . HOH H 5 .  ? 0.531   17.391  -9.668  1.00   44.49 ? 2017 HOH B O   1 
HETATM 1522 O O   . HOH H 5 .  ? -0.137  20.111  -6.308  1.00   48.80 ? 2018 HOH B O   1 
HETATM 1523 O O   . HOH H 5 .  ? -7.272  19.180  -4.940  1.00   32.49 ? 2019 HOH B O   1 
HETATM 1524 O O   . HOH H 5 .  ? -5.850  18.885  -2.571  1.00   42.28 ? 2020 HOH B O   1 
HETATM 1525 O O   . HOH H 5 .  ? 11.708  0.314   -21.680 1.00   50.71 ? 2021 HOH B O   1 
HETATM 1526 O O   . HOH H 5 .  ? 9.415   1.013   -12.569 1.00   23.88 ? 2022 HOH B O   1 
HETATM 1527 O O   . HOH H 5 .  ? -8.409  -6.743  -9.721  1.00   47.78 ? 2023 HOH B O   1 
HETATM 1528 O O   . HOH H 5 .  ? -7.920  11.252  -15.960 1.00   55.76 ? 2024 HOH B O   1 
HETATM 1529 O O   . HOH H 5 .  ? 5.214   -5.033  -12.882 1.00   50.51 ? 2025 HOH B O   1 
HETATM 1530 O O   . HOH H 5 .  ? 7.338   -2.915  -10.231 1.00   38.38 ? 2026 HOH B O   1 
HETATM 1531 O O   . HOH H 5 .  ? -1.505  -11.806 -34.869 1.00   57.07 ? 2027 HOH B O   1 
HETATM 1532 O O   . HOH H 5 .  ? 6.103   -1.022  -7.526  1.00   34.78 ? 2028 HOH B O   1 
HETATM 1533 O O   . HOH H 5 .  ? 3.048   -7.232  -35.366 1.00   55.31 ? 2029 HOH B O   1 
HETATM 1534 O O   . HOH H 5 .  ? 2.381   6.865   0.132   1.00   28.32 ? 2030 HOH B O   1 
HETATM 1535 O O   . HOH H 5 .  ? 5.368   4.067   -1.602  1.00   47.62 ? 2031 HOH B O   1 
HETATM 1536 O O   . HOH H 5 .  ? 6.355   8.089   -1.738  1.00   43.40 ? 2032 HOH B O   1 
HETATM 1537 O O   . HOH H 5 .  ? 6.008   6.996   -5.394  1.00   22.65 ? 2033 HOH B O   1 
HETATM 1538 O O   . HOH H 5 .  ? 0.963   13.117  -2.609  1.00   18.00 ? 2034 HOH B O   1 
HETATM 1539 O O   . HOH H 5 .  ? -2.690  11.993  -3.221  1.00   21.31 ? 2035 HOH B O   1 
HETATM 1540 O O   . HOH H 5 .  ? -1.309  17.667  -7.749  1.00   43.45 ? 2036 HOH B O   1 
HETATM 1541 O O   . HOH H 5 .  ? -10.568 17.289  -10.651 1.00   48.37 ? 2037 HOH B O   1 
HETATM 1542 O O   . HOH H 5 .  ? -7.907  17.339  -6.765  1.00   25.15 ? 2038 HOH B O   1 
HETATM 1543 O O   . HOH H 5 .  ? -2.303  13.743  -13.703 1.00   58.75 ? 2039 HOH B O   1 
HETATM 1544 O O   . HOH H 5 .  ? -1.551  11.361  -12.174 1.00   26.96 ? 2040 HOH B O   1 
HETATM 1545 O O   . HOH H 5 .  ? -6.460  16.060  -1.168  1.00   33.47 ? 2041 HOH B O   1 
HETATM 1546 O O   . HOH H 5 .  ? -7.299  8.147   -1.052  1.00   17.58 ? 2042 HOH B O   1 
HETATM 1547 O O   . HOH H 5 .  ? -3.772  14.200  -1.482  1.00   33.52 ? 2043 HOH B O   1 
HETATM 1548 O O   . HOH H 5 .  ? -2.552  8.557   -15.905 1.00   31.34 ? 2044 HOH B O   1 
HETATM 1549 O O   . HOH H 5 .  ? -10.075 -3.580  -4.938  1.00   47.82 ? 2045 HOH B O   1 
HETATM 1550 O O   . HOH H 5 .  ? -8.137  -4.513  -3.476  1.00   45.91 ? 2046 HOH B O   1 
HETATM 1551 O O   . HOH H 5 .  ? -5.485  -0.952  2.114   1.00   44.98 ? 2047 HOH B O   1 
HETATM 1552 O O   . HOH H 5 .  ? -9.170  -4.560  -10.109 1.00   48.76 ? 2048 HOH B O   1 
HETATM 1553 O O   . HOH H 5 .  ? -8.068  9.692   -17.900 1.00   44.61 ? 2049 HOH B O   1 
HETATM 1554 O O   . HOH H 5 .  ? -2.509  -10.578 -1.974  1.00   57.19 ? 2050 HOH B O   1 
HETATM 1555 O O   . HOH H 5 .  ? -5.606  3.365   -28.836 1.00   47.47 ? 2051 HOH B O   1 
HETATM 1556 O O   . HOH H 5 .  ? -6.217  -5.300  -36.552 1.00   39.23 ? 2052 HOH B O   1 
HETATM 1557 O O   . HOH H 5 .  ? -5.734  1.728   -32.946 1.00   42.76 ? 2053 HOH B O   1 
HETATM 1558 O O   . HOH H 5 .  ? -10.135 -9.287  -27.966 1.00   46.43 ? 2054 HOH B O   1 
HETATM 1559 O O   . HOH H 5 .  ? -5.684  -7.116  -33.799 1.00   46.27 ? 2055 HOH B O   1 
HETATM 1560 O O   . HOH H 5 .  ? -4.680  -12.340 -34.495 1.00   51.22 ? 2056 HOH B O   1 
HETATM 1561 O O   . HOH H 5 .  ? -7.363  -13.380 -34.810 1.00   43.41 ? 2057 HOH B O   1 
HETATM 1562 O O   . HOH H 5 .  ? -3.177  -8.328  -34.389 1.00   49.42 ? 2058 HOH B O   1 
HETATM 1563 O O   . HOH H 5 .  ? 1.289   -10.225 -30.810 1.00   52.69 ? 2059 HOH B O   1 
HETATM 1564 O O   . HOH H 5 .  ? -4.507  -12.679 -26.266 1.00   52.25 ? 2060 HOH B O   1 
HETATM 1565 O O   . HOH H 5 .  ? 3.610   -2.526  -32.294 1.00   48.13 ? 2061 HOH B O   1 
HETATM 1566 O O   . HOH H 5 .  ? 1.992   -8.498  -32.512 1.00   51.13 ? 2062 HOH B O   1 
HETATM 1567 O O   . HOH H 5 .  ? -5.737  -3.846  -28.102 1.00   22.73 ? 2063 HOH B O   1 
HETATM 1568 O O   . HOH H 5 .  ? -0.980  1.447   -21.826 1.00   26.66 ? 2064 HOH B O   1 
HETATM 1569 O O   . HOH H 5 .  ? -2.577  8.864   -20.229 1.00   50.01 ? 2065 HOH B O   1 
HETATM 1570 O O   . HOH H 5 .  ? -0.634  6.515   -16.023 1.00   26.34 ? 2066 HOH B O   1 
HETATM 1571 O O   . HOH H 5 .  ? -1.973  8.954   -13.291 1.00   17.71 ? 2067 HOH B O   1 
HETATM 1572 O O   . HOH H 5 .  ? -4.975  11.726  -13.751 1.00   41.46 ? 2068 HOH B O   1 
HETATM 1573 O O   . HOH H 5 .  ? -9.006  13.956  -12.278 1.00   42.15 ? 2069 HOH B O   1 
HETATM 1574 O O   . HOH H 5 .  ? -10.142 12.013  -14.266 1.00   32.11 ? 2070 HOH B O   1 
HETATM 1575 O O   . HOH H 5 .  ? -16.200 10.975  -22.409 1.00   55.42 ? 2071 HOH B O   1 
HETATM 1576 O O   . HOH H 5 .  ? -18.248 8.656   -18.147 1.00   56.43 ? 2072 HOH B O   1 
HETATM 1577 O O   . HOH H 5 .  ? -9.318  5.103   -25.799 1.00   50.99 ? 2073 HOH B O   1 
HETATM 1578 O O   . HOH H 5 .  ? -15.502 2.063   -10.977 1.00   34.01 ? 2074 HOH B O   1 
HETATM 1579 O O   . HOH H 5 .  ? -7.022  5.501   0.167   1.00   20.53 ? 2075 HOH B O   1 
HETATM 1580 O O   . HOH H 5 .  ? -11.162 -0.651  -3.339  1.00   11.88 ? 2076 HOH B O   1 
HETATM 1581 O O   . HOH H 5 .  ? -5.863  1.799   1.500   1.00   31.87 ? 2077 HOH B O   1 
HETATM 1582 O O   . HOH H 5 .  ? -6.325  -2.784  -2.520  1.00   35.18 ? 2078 HOH B O   1 
HETATM 1583 O O   . HOH H 5 .  ? -4.408  4.476   0.803   1.00   34.04 ? 2079 HOH B O   1 
HETATM 1584 O O   . HOH H 5 .  ? 1.365   0.247   -0.615  1.00   36.35 ? 2080 HOH B O   1 
HETATM 1585 O O   . HOH H 5 .  ? -0.024  -11.889 -8.435  1.00   49.68 ? 2081 HOH B O   1 
HETATM 1586 O O   . HOH H 5 .  ? 3.180   -11.765 -11.629 1.00   50.37 ? 2082 HOH B O   1 
HETATM 1587 O O   . HOH H 5 .  ? 1.561   -9.603  -8.011  1.00   54.13 ? 2083 HOH B O   1 
HETATM 1588 O O   . HOH H 5 .  ? -0.054  -4.174  -11.874 1.00   22.96 ? 2084 HOH B O   1 
HETATM 1589 O O   . HOH H 5 .  ? -6.547  -8.422  -11.678 1.00   41.18 ? 2085 HOH B O   1 
HETATM 1590 O O   . HOH H 5 .  ? -0.156  -9.443  -5.597  1.00   56.15 ? 2086 HOH B O   1 
HETATM 1591 O O   . HOH H 5 .  ? -1.392  -5.415  -6.491  1.00   24.61 ? 2087 HOH B O   1 
HETATM 1592 O O   . HOH H 5 .  ? -7.344  -11.534 -5.685  1.00   56.12 ? 2088 HOH B O   1 
HETATM 1593 O O   . HOH H 5 .  ? -0.655  -8.973  -2.963  1.00   56.66 ? 2089 HOH B O   1 
HETATM 1594 O O   . HOH I 5 .  ? 8.334   5.879   7.647   1.00   44.13 ? 2001 HOH C O   1 
HETATM 1595 O O   . HOH I 5 .  ? 9.585   3.733   6.759   1.00   45.65 ? 2002 HOH C O   1 
HETATM 1596 O O   . HOH I 5 .  ? 13.857  10.314  6.680   1.00   47.27 ? 2003 HOH C O   1 
HETATM 1597 O O   . HOH I 5 .  ? 9.099   8.397   7.349   1.00   33.31 ? 2004 HOH C O   1 
HETATM 1598 O O   . HOH I 5 .  ? 9.537   1.502   8.056   1.00   34.43 ? 2005 HOH C O   1 
HETATM 1599 O O   . HOH I 5 .  ? 20.659  7.397   13.419  1.00   49.84 ? 2006 HOH C O   1 
HETATM 1600 O O   . HOH I 5 .  ? 19.599  6.147   15.387  1.00   45.32 ? 2007 HOH C O   1 
HETATM 1601 O O   . HOH I 5 .  ? 11.914  -9.081  17.317  1.00   20.74 ? 2008 HOH C O   1 
HETATM 1602 O O   . HOH I 5 .  ? 10.627  -6.580  20.144  1.00   26.64 ? 2009 HOH C O   1 
HETATM 1603 O O   . HOH I 5 .  ? 21.715  0.383   18.913  1.00   50.00 ? 2010 HOH C O   1 
HETATM 1604 O O   . HOH I 5 .  ? 20.373  5.363   17.602  1.00   44.04 ? 2011 HOH C O   1 
HETATM 1605 O O   . HOH I 5 .  ? 18.681  4.676   21.353  1.00   44.67 ? 2012 HOH C O   1 
HETATM 1606 O O   . HOH I 5 .  ? 16.443  6.149   21.921  1.00   62.01 ? 2013 HOH C O   1 
HETATM 1607 O O   . HOH I 5 .  ? 10.315  8.070   19.170  1.00   22.52 ? 2014 HOH C O   1 
HETATM 1608 O O   . HOH I 5 .  ? 16.084  4.084   23.169  1.00   21.20 ? 2015 HOH C O   1 
HETATM 1609 O O   . HOH I 5 .  ? 15.015  3.001   15.679  1.00   18.47 ? 2016 HOH C O   1 
HETATM 1610 O O   . HOH I 5 .  ? 19.661  1.202   17.297  1.00   36.87 ? 2017 HOH C O   1 
HETATM 1611 O O   . HOH J 5 .  ? 1.807   6.165   -22.157 1.00   39.71 ? 2001 HOH D O   1 
HETATM 1612 O O   . HOH J 5 .  ? -0.944  2.166   -35.282 1.00   59.98 ? 2002 HOH D O   1 
HETATM 1613 O O   . HOH J 5 .  ? 0.159   0.033   -36.088 1.00   60.08 ? 2003 HOH D O   1 
HETATM 1614 O O   . HOH J 5 .  ? -1.582  3.455   -23.790 1.00   47.84 ? 2004 HOH D O   1 
HETATM 1615 O O   . HOH J 5 .  ? -0.973  3.332   -31.344 1.00   58.07 ? 2005 HOH D O   1 
HETATM 1616 O O   . HOH J 5 .  ? -4.220  6.515   -25.035 1.00   47.59 ? 2006 HOH D O   1 
HETATM 1617 O O   . HOH J 5 .  ? -5.181  -11.632 -23.983 1.00   54.07 ? 2007 HOH D O   1 
HETATM 1618 O O   . HOH J 5 .  ? -4.045  -13.179 -22.040 1.00   47.34 ? 2008 HOH D O   1 
HETATM 1619 O O   . HOH J 5 .  ? 1.827   -5.477  -22.478 1.00   21.17 ? 2009 HOH D O   1 
HETATM 1620 O O   . HOH J 5 .  ? 3.128   -11.873 -17.806 1.00   32.36 ? 2010 HOH D O   1 
HETATM 1621 O O   . HOH J 5 .  ? 7.020   -6.448  -14.271 1.00   43.38 ? 2011 HOH D O   1 
HETATM 1622 O O   . HOH J 5 .  ? 7.985   -11.801 -27.526 1.00   56.42 ? 2012 HOH D O   1 
HETATM 1623 O O   . HOH J 5 .  ? -1.570  -14.312 -22.109 1.00   52.68 ? 2013 HOH D O   1 
HETATM 1624 O O   . HOH J 5 .  ? 4.765   -10.638 -18.944 1.00   36.17 ? 2014 HOH D O   1 
HETATM 1625 O O   . HOH J 5 .  ? 6.228   -9.401  -24.588 1.00   46.93 ? 2015 HOH D O   1 
HETATM 1626 O O   . HOH J 5 .  ? 5.759   -4.160  -16.106 1.00   33.45 ? 2016 HOH D O   1 
HETATM 1627 O O   . HOH J 5 .  ? 6.614   -7.125  -25.911 1.00   38.91 ? 2017 HOH D O   1 
HETATM 1628 O O   . HOH J 5 .  ? 7.759   -5.535  -27.493 1.00   47.96 ? 2018 HOH D O   1 
HETATM 1629 O O   . HOH J 5 .  ? 1.931   -9.077  -25.016 1.00   51.51 ? 2019 HOH D O   1 
# 
